data_3RAM
#
_entry.id   3RAM
#
_cell.length_a   132.730
_cell.length_b   132.730
_cell.length_c   336.890
_cell.angle_alpha   90.00
_cell.angle_beta   90.00
_cell.angle_gamma   90.00
#
_symmetry.space_group_name_H-M   'P 41 21 2'
#
loop_
_entity.id
_entity.type
_entity.pdbx_description
1 polymer 'HmrA protein'
2 non-polymer 'ZINC ION'
3 non-polymer GLYCEROL
4 water water
#
_entity_poly.entity_id   1
_entity_poly.type   'polypeptide(L)'
_entity_poly.pdbx_seq_one_letter_code
;(MSE)GEKQQILDYIETNKYSYIEISHRIHERPELGNEEIFASRTLIDRLKEHDFEIETEIAGHATGFIATYDSGLDGPA
IGFLAEYDALPGLGHACGHNIIGTASVLGAIGLKQVIDQIGGKVVVLGCPAEEGGENGSAKASYVKAGVIDQIDIAL
(MSE)IHPGNETYKTIDTLAVDVLDVKFYGKSAHASENADEALNALDA(MSE)ISYFNGVAQLRQHIKKDQRVHGVILDG
GKAANIIPDYTHARFYTRA(MSE)TRKELDILTEKVNQIARGAAIQTGCDYEFGPIQNGVNEFIKTPKLDDLFAKYAEEV
GEAVIDDDFGYGSTDTGNVSHVVPTIHPHIKIGSRNLVGHTHRFREAAASVHGDEALIKGAKI(MSE)AL(MSE)GLELI
TNQDVYQDIIEEHAHLKGNGK
;
_entity_poly.pdbx_strand_id   A,B,C,D
#
loop_
_chem_comp.id
_chem_comp.type
_chem_comp.name
_chem_comp.formula
GOL non-polymer GLYCEROL 'C3 H8 O3'
ZN non-polymer 'ZINC ION' 'Zn 2'
#
# COMPACT_ATOMS: atom_id res chain seq x y z
N MSE A 1 45.25 44.72 33.10
CA MSE A 1 44.32 44.23 34.18
C MSE A 1 42.83 44.59 33.96
O MSE A 1 41.98 43.69 33.88
CB MSE A 1 44.81 44.69 35.58
CG MSE A 1 45.55 46.07 35.69
SE MSE A 1 44.47 47.72 36.13
CE MSE A 1 45.78 48.88 37.04
N GLY A 2 42.54 45.89 33.79
CA GLY A 2 41.15 46.40 33.79
C GLY A 2 40.32 46.20 32.53
N GLU A 3 40.80 45.42 31.58
CA GLU A 3 40.11 45.21 30.30
C GLU A 3 38.79 44.44 30.47
N LYS A 4 38.77 43.55 31.45
CA LYS A 4 37.55 42.85 31.83
C LYS A 4 36.50 43.82 32.36
N GLN A 5 36.95 44.86 33.05
CA GLN A 5 36.02 45.79 33.69
C GLN A 5 35.38 46.73 32.68
N GLN A 6 36.08 47.06 31.60
CA GLN A 6 35.52 47.91 30.54
C GLN A 6 34.38 47.22 29.81
N ILE A 7 34.52 45.92 29.57
CA ILE A 7 33.50 45.11 28.90
C ILE A 7 32.22 45.12 29.72
N LEU A 8 32.37 44.76 30.99
CA LEU A 8 31.25 44.67 31.93
C LEU A 8 30.58 46.04 32.16
N ASP A 9 31.40 47.07 32.35
CA ASP A 9 30.89 48.44 32.50
C ASP A 9 30.07 48.89 31.29
N TYR A 10 30.57 48.66 30.08
CA TYR A 10 29.80 48.99 28.89
C TYR A 10 28.45 48.25 28.86
N ILE A 11 28.50 46.93 28.96
CA ILE A 11 27.30 46.10 28.86
C ILE A 11 26.26 46.52 29.90
N GLU A 12 26.69 46.69 31.15
CA GLU A 12 25.81 47.05 32.27
C GLU A 12 25.37 48.52 32.25
N THR A 13 26.21 49.42 31.75
CA THR A 13 25.87 50.85 31.68
C THR A 13 24.66 51.09 30.79
N ASN A 14 24.73 50.58 29.55
CA ASN A 14 23.64 50.79 28.61
C ASN A 14 23.04 49.45 28.18
N LYS A 15 22.60 48.70 29.19
CA LYS A 15 21.94 47.41 29.00
C LYS A 15 20.50 47.57 28.51
N TYR A 16 19.76 48.51 29.11
CA TYR A 16 18.34 48.70 28.80
C TYR A 16 18.10 49.11 27.34
N SER A 17 19.09 49.77 26.74
CA SER A 17 19.06 50.08 25.31
C SER A 17 18.92 48.81 24.48
N TYR A 18 19.68 47.78 24.85
CA TYR A 18 19.72 46.48 24.14
C TYR A 18 18.50 45.59 24.43
N ILE A 19 18.02 45.66 25.66
CA ILE A 19 16.77 45.01 26.08
C ILE A 19 15.61 45.54 25.22
N GLU A 20 15.63 46.84 24.90
CA GLU A 20 14.61 47.43 24.02
C GLU A 20 14.68 46.82 22.61
N ILE A 21 15.89 46.61 22.09
CA ILE A 21 16.06 46.00 20.78
C ILE A 21 15.44 44.60 20.78
N SER A 22 15.68 43.85 21.87
CA SER A 22 15.12 42.52 22.05
C SER A 22 13.61 42.57 22.00
N HIS A 23 13.03 43.51 22.74
CA HIS A 23 11.57 43.67 22.80
C HIS A 23 10.96 44.15 21.50
N ARG A 24 11.72 44.91 20.72
CA ARG A 24 11.23 45.42 19.42
C ARG A 24 11.22 44.34 18.33
N ILE A 25 12.21 43.45 18.36
CA ILE A 25 12.24 42.28 17.49
C ILE A 25 11.15 41.29 17.92
N HIS A 26 10.86 41.21 19.22
CA HIS A 26 9.85 40.29 19.75
C HIS A 26 8.45 40.66 19.30
N GLU A 27 8.12 41.95 19.42
CA GLU A 27 6.85 42.55 18.96
C GLU A 27 6.58 42.32 17.45
N ARG A 28 7.65 42.29 16.64
CA ARG A 28 7.56 42.19 15.19
C ARG A 28 8.26 40.93 14.72
N PRO A 29 7.66 39.77 15.02
CA PRO A 29 8.27 38.52 14.56
C PRO A 29 8.22 38.38 13.04
N GLU A 30 9.34 37.94 12.46
CA GLU A 30 9.49 37.74 11.02
C GLU A 30 10.05 36.35 10.75
N LEU A 31 9.53 35.70 9.71
CA LEU A 31 9.89 34.31 9.40
C LEU A 31 11.24 34.30 8.67
N GLY A 32 11.76 33.09 8.46
CA GLY A 32 13.08 32.90 7.89
C GLY A 32 13.16 33.52 6.52
N ASN A 33 14.30 34.16 6.27
CA ASN A 33 14.59 34.92 5.05
C ASN A 33 13.70 36.15 4.81
N GLU A 34 12.89 36.50 5.81
CA GLU A 34 12.00 37.65 5.74
C GLU A 34 12.24 38.63 6.90
N GLU A 35 13.36 38.47 7.59
CA GLU A 35 13.60 39.24 8.81
C GLU A 35 14.26 40.59 8.50
N ILE A 36 13.47 41.47 7.87
CA ILE A 36 13.95 42.77 7.40
C ILE A 36 14.16 43.70 8.60
N PHE A 37 13.14 43.83 9.46
CA PHE A 37 13.24 44.69 10.65
C PHE A 37 14.36 44.24 11.60
N ALA A 38 14.41 42.94 11.89
CA ALA A 38 15.38 42.38 12.84
C ALA A 38 16.82 42.61 12.36
N SER A 39 17.13 42.19 11.14
CA SER A 39 18.49 42.34 10.62
C SER A 39 18.92 43.81 10.65
N ARG A 40 18.07 44.69 10.10
CA ARG A 40 18.34 46.14 10.06
C ARG A 40 18.55 46.80 11.43
N THR A 41 17.71 46.45 12.41
CA THR A 41 17.84 46.96 13.78
C THR A 41 19.19 46.55 14.39
N LEU A 42 19.56 45.28 14.19
CA LEU A 42 20.85 44.76 14.68
C LEU A 42 22.02 45.35 13.88
N ILE A 43 21.85 45.51 12.56
CA ILE A 43 22.90 46.10 11.71
C ILE A 43 23.13 47.58 12.06
N ASP A 44 22.06 48.32 12.37
CA ASP A 44 22.22 49.73 12.75
C ASP A 44 23.00 49.87 14.05
N ARG A 45 22.76 48.98 15.02
CA ARG A 45 23.47 49.04 16.31
C ARG A 45 24.95 48.70 16.17
N LEU A 46 25.29 47.74 15.31
CA LEU A 46 26.70 47.45 14.99
C LEU A 46 27.38 48.63 14.26
N LYS A 47 26.66 49.22 13.30
CA LYS A 47 27.15 50.33 12.49
C LYS A 47 27.36 51.58 13.35
N GLU A 48 26.58 51.69 14.42
CA GLU A 48 26.69 52.80 15.39
C GLU A 48 27.97 52.65 16.21
N HIS A 49 28.49 51.41 16.32
CA HIS A 49 29.75 51.14 17.04
C HIS A 49 30.90 50.76 16.10
N ASP A 50 30.89 51.36 14.90
CA ASP A 50 32.00 51.34 13.93
C ASP A 50 32.37 49.97 13.32
N PHE A 51 31.43 49.02 13.34
CA PHE A 51 31.62 47.74 12.64
C PHE A 51 31.46 47.93 11.11
N GLU A 52 32.31 47.26 10.34
CA GLU A 52 32.21 47.24 8.88
C GLU A 52 31.19 46.19 8.49
N ILE A 53 30.19 46.57 7.70
CA ILE A 53 29.05 45.69 7.45
C ILE A 53 29.06 45.16 6.02
N GLU A 54 28.84 43.85 5.88
CA GLU A 54 28.58 43.22 4.59
C GLU A 54 27.20 42.59 4.69
N THR A 55 26.35 42.87 3.69
CA THR A 55 25.01 42.34 3.65
C THR A 55 24.81 41.35 2.50
N GLU A 56 23.84 40.47 2.70
CA GLU A 56 23.40 39.50 1.69
C GLU A 56 24.44 38.41 1.47
N ILE A 57 24.47 37.45 2.38
CA ILE A 57 25.54 36.47 2.49
C ILE A 57 25.06 35.09 2.03
N ALA A 58 25.73 34.52 1.03
CA ALA A 58 25.51 33.13 0.61
C ALA A 58 24.08 32.89 0.11
N GLY A 59 23.52 33.91 -0.54
CA GLY A 59 22.16 33.82 -1.05
C GLY A 59 21.07 34.19 -0.05
N HIS A 60 21.46 34.69 1.11
CA HIS A 60 20.50 35.14 2.12
C HIS A 60 20.51 36.66 2.21
N ALA A 61 19.48 37.28 1.61
CA ALA A 61 19.33 38.74 1.60
C ALA A 61 19.43 39.37 3.01
N THR A 62 18.83 38.72 4.00
CA THR A 62 18.71 39.26 5.35
C THR A 62 19.86 38.80 6.26
N GLY A 63 20.89 38.22 5.64
CA GLY A 63 22.09 37.86 6.34
C GLY A 63 23.10 38.98 6.23
N PHE A 64 24.07 38.99 7.14
CA PHE A 64 25.16 39.96 7.09
C PHE A 64 26.39 39.44 7.83
N ILE A 65 27.54 40.08 7.58
CA ILE A 65 28.75 39.92 8.39
C ILE A 65 29.21 41.30 8.86
N ALA A 66 29.31 41.49 10.17
CA ALA A 66 29.71 42.76 10.73
C ALA A 66 31.07 42.55 11.40
N THR A 67 32.13 43.18 10.87
CA THR A 67 33.51 42.96 11.34
C THR A 67 34.13 44.19 11.96
N TYR A 68 34.68 44.07 13.17
CA TYR A 68 35.57 45.10 13.72
C TYR A 68 36.98 44.54 13.93
N ASP A 69 37.93 44.95 13.08
CA ASP A 69 39.32 44.51 13.14
C ASP A 69 40.20 45.58 13.80
N SER A 70 41.02 45.16 14.75
CA SER A 70 41.96 46.04 15.41
C SER A 70 43.15 46.36 14.50
N GLY A 71 43.44 45.46 13.56
CA GLY A 71 44.60 45.58 12.68
C GLY A 71 45.84 44.99 13.33
N LEU A 72 45.63 44.23 14.41
CA LEU A 72 46.70 43.58 15.14
C LEU A 72 46.43 42.08 15.20
N ASP A 73 47.50 41.30 15.32
CA ASP A 73 47.40 39.84 15.37
C ASP A 73 46.52 39.35 16.51
N GLY A 74 45.76 38.31 16.22
CA GLY A 74 44.98 37.66 17.24
C GLY A 74 43.81 36.94 16.64
N PRO A 75 43.13 36.15 17.46
CA PRO A 75 42.00 35.42 16.93
C PRO A 75 40.88 36.34 16.44
N ALA A 76 40.06 35.81 15.52
CA ALA A 76 38.80 36.41 15.14
C ALA A 76 37.75 35.68 15.94
N ILE A 77 37.07 36.38 16.83
CA ILE A 77 36.03 35.76 17.62
C ILE A 77 34.68 36.07 17.02
N GLY A 78 34.00 35.04 16.58
CA GLY A 78 32.72 35.18 15.91
C GLY A 78 31.56 35.06 16.86
N PHE A 79 30.53 35.88 16.65
CA PHE A 79 29.28 35.82 17.42
C PHE A 79 28.14 35.56 16.46
N LEU A 80 27.40 34.48 16.69
CA LEU A 80 26.29 34.08 15.81
C LEU A 80 24.99 34.80 16.24
N ALA A 81 24.39 35.55 15.32
CA ALA A 81 23.14 36.27 15.60
C ALA A 81 22.00 35.58 14.86
N GLU A 82 20.98 35.16 15.60
CA GLU A 82 19.76 34.58 15.05
C GLU A 82 18.58 35.53 15.35
N TYR A 83 17.57 35.56 14.47
CA TYR A 83 16.47 36.54 14.61
C TYR A 83 15.18 36.22 13.83
N ASP A 84 14.93 34.92 13.55
CA ASP A 84 13.69 34.49 12.87
C ASP A 84 12.64 33.94 13.85
N ALA A 85 11.37 34.27 13.58
CA ALA A 85 10.25 33.79 14.40
C ALA A 85 9.70 32.47 13.85
N LEU A 86 8.67 31.96 14.52
CA LEU A 86 7.93 30.76 14.07
C LEU A 86 6.53 31.17 13.56
N PRO A 87 5.99 30.45 12.55
CA PRO A 87 4.63 30.72 12.06
C PRO A 87 3.58 30.52 13.14
N GLY A 88 2.67 31.47 13.29
CA GLY A 88 1.57 31.34 14.25
C GLY A 88 1.97 31.41 15.72
N LEU A 89 3.28 31.35 16.01
CA LEU A 89 3.78 31.33 17.40
C LEU A 89 4.62 32.56 17.74
N GLY A 90 5.38 33.08 16.78
CA GLY A 90 6.03 34.40 16.89
C GLY A 90 7.11 34.62 17.95
N HIS A 91 8.23 33.90 17.82
CA HIS A 91 9.38 33.99 18.75
C HIS A 91 9.20 33.14 20.01
N ALA A 92 8.57 31.98 19.81
CA ALA A 92 8.45 30.92 20.79
C ALA A 92 9.74 30.07 20.92
N CYS A 93 10.82 30.47 20.23
CA CYS A 93 12.17 29.91 20.47
C CYS A 93 13.14 30.96 21.03
N GLY A 94 12.65 32.18 21.24
CA GLY A 94 13.42 33.25 21.88
C GLY A 94 14.57 33.82 21.07
N HIS A 95 14.41 33.86 19.76
CA HIS A 95 15.49 34.31 18.86
C HIS A 95 15.74 35.83 18.89
N ASN A 96 14.77 36.58 19.39
CA ASN A 96 14.98 38.00 19.71
C ASN A 96 16.17 38.19 20.66
N ILE A 97 16.31 37.25 21.62
CA ILE A 97 17.39 37.27 22.63
C ILE A 97 18.74 36.92 22.03
N ILE A 98 18.74 35.94 21.13
CA ILE A 98 19.99 35.40 20.60
C ILE A 98 20.73 36.48 19.81
N GLY A 99 20.06 37.06 18.82
CA GLY A 99 20.67 38.10 17.99
C GLY A 99 21.14 39.32 18.78
N THR A 100 20.33 39.76 19.73
CA THR A 100 20.67 40.91 20.55
C THR A 100 21.84 40.58 21.50
N ALA A 101 21.81 39.39 22.12
CA ALA A 101 22.88 39.00 23.05
C ALA A 101 24.22 38.98 22.32
N SER A 102 24.25 38.37 21.13
CA SER A 102 25.49 38.27 20.33
C SER A 102 25.99 39.64 19.89
N VAL A 103 25.08 40.52 19.50
CA VAL A 103 25.43 41.88 19.10
C VAL A 103 26.07 42.63 20.28
N LEU A 104 25.41 42.59 21.44
CA LEU A 104 25.89 43.24 22.69
C LEU A 104 27.19 42.65 23.22
N GLY A 105 27.34 41.33 23.10
CA GLY A 105 28.59 40.67 23.43
C GLY A 105 29.72 41.17 22.55
N ALA A 106 29.50 41.14 21.24
CA ALA A 106 30.47 41.61 20.25
C ALA A 106 30.87 43.07 20.50
N ILE A 107 29.88 43.91 20.76
CA ILE A 107 30.12 45.33 21.02
C ILE A 107 30.80 45.55 22.39
N GLY A 108 30.53 44.68 23.36
CA GLY A 108 31.24 44.72 24.64
C GLY A 108 32.72 44.44 24.44
N LEU A 109 33.02 43.32 23.81
CA LEU A 109 34.39 42.93 23.46
C LEU A 109 35.04 43.96 22.52
N LYS A 110 34.25 44.51 21.59
CA LYS A 110 34.74 45.59 20.70
C LYS A 110 35.37 46.76 21.46
N GLN A 111 34.85 47.07 22.65
CA GLN A 111 35.38 48.18 23.48
C GLN A 111 36.88 48.05 23.77
N VAL A 112 37.32 46.82 23.95
CA VAL A 112 38.66 46.51 24.42
C VAL A 112 39.56 45.99 23.27
N ILE A 113 38.94 45.66 22.13
CA ILE A 113 39.62 44.93 21.04
C ILE A 113 40.83 45.66 20.46
N ASP A 114 40.83 47.00 20.50
CA ASP A 114 41.98 47.79 20.05
C ASP A 114 43.19 47.66 21.00
N GLN A 115 42.94 47.26 22.24
CA GLN A 115 43.99 47.07 23.25
C GLN A 115 44.58 45.65 23.20
N ILE A 116 43.72 44.65 23.05
CA ILE A 116 44.10 43.24 23.16
C ILE A 116 44.42 42.58 21.80
N GLY A 117 44.09 43.26 20.71
CA GLY A 117 44.36 42.74 19.37
C GLY A 117 43.30 41.74 18.93
N GLY A 118 43.50 41.20 17.74
CA GLY A 118 42.51 40.33 17.13
C GLY A 118 41.35 41.09 16.51
N LYS A 119 40.18 40.46 16.51
CA LYS A 119 39.07 40.88 15.66
C LYS A 119 37.75 40.35 16.18
N VAL A 120 36.71 41.18 16.13
CA VAL A 120 35.37 40.76 16.52
C VAL A 120 34.48 40.69 15.27
N VAL A 121 33.67 39.63 15.17
CA VAL A 121 32.79 39.40 14.00
C VAL A 121 31.40 38.93 14.43
N VAL A 122 30.35 39.66 14.05
CA VAL A 122 28.98 39.19 14.21
C VAL A 122 28.51 38.64 12.86
N LEU A 123 28.06 37.39 12.84
CA LEU A 123 27.50 36.77 11.64
C LEU A 123 25.97 36.73 11.76
N GLY A 124 25.29 37.53 10.97
CA GLY A 124 23.82 37.52 10.91
C GLY A 124 23.30 36.31 10.17
N CYS A 125 22.60 35.42 10.89
CA CYS A 125 22.24 34.09 10.39
C CYS A 125 20.72 33.87 10.41
N PRO A 126 20.06 34.14 9.27
CA PRO A 126 18.61 33.98 9.22
C PRO A 126 18.15 32.54 9.04
N ALA A 127 16.85 32.33 9.26
CA ALA A 127 16.14 31.07 8.97
C ALA A 127 16.73 29.80 9.60
N GLU A 128 17.11 29.84 10.89
CA GLU A 128 17.65 28.60 11.54
C GLU A 128 16.57 27.59 11.82
N GLU A 129 15.30 28.01 11.77
CA GLU A 129 14.19 27.10 11.99
C GLU A 129 13.94 26.27 10.74
N GLY A 130 14.58 26.64 9.63
CA GLY A 130 14.56 25.83 8.42
C GLY A 130 13.49 26.30 7.46
N GLY A 131 13.28 25.54 6.39
CA GLY A 131 12.30 25.88 5.35
C GLY A 131 12.99 26.07 4.01
N GLU A 132 12.30 26.69 3.06
CA GLU A 132 12.89 26.90 1.72
C GLU A 132 14.08 27.82 1.81
N ASN A 133 15.21 27.36 1.29
CA ASN A 133 16.49 28.05 1.41
C ASN A 133 16.74 28.50 2.86
N GLY A 134 16.37 27.65 3.82
CA GLY A 134 16.56 27.93 5.23
C GLY A 134 17.95 27.57 5.69
N SER A 135 18.17 27.71 6.99
CA SER A 135 19.45 27.34 7.62
C SER A 135 20.65 28.06 6.99
N ALA A 136 20.73 29.37 7.24
CA ALA A 136 21.73 30.20 6.59
C ALA A 136 23.15 29.76 6.96
N LYS A 137 23.37 29.25 8.17
CA LYS A 137 24.74 28.87 8.56
C LYS A 137 25.27 27.71 7.71
N ALA A 138 24.37 26.82 7.28
CA ALA A 138 24.70 25.72 6.37
C ALA A 138 25.22 26.28 5.05
N SER A 139 24.54 27.31 4.52
CA SER A 139 24.98 28.05 3.33
C SER A 139 26.33 28.73 3.56
N TYR A 140 26.48 29.33 4.74
CA TYR A 140 27.72 30.05 5.12
C TYR A 140 28.93 29.11 5.10
N VAL A 141 28.82 27.95 5.75
CA VAL A 141 29.91 26.97 5.75
C VAL A 141 30.27 26.62 4.31
N LYS A 142 29.24 26.28 3.56
CA LYS A 142 29.37 25.90 2.15
C LYS A 142 30.05 27.02 1.30
N ALA A 143 29.72 28.30 1.59
CA ALA A 143 30.25 29.47 0.84
C ALA A 143 31.62 29.94 1.28
N GLY A 144 32.12 29.45 2.42
CA GLY A 144 33.44 29.84 2.91
C GLY A 144 33.40 30.95 3.94
N VAL A 145 32.21 31.36 4.35
CA VAL A 145 32.05 32.50 5.25
C VAL A 145 32.69 32.26 6.61
N ILE A 146 32.70 31.00 7.04
CA ILE A 146 33.19 30.65 8.37
C ILE A 146 34.74 30.70 8.45
N ASP A 147 35.40 30.84 7.30
CA ASP A 147 36.85 31.06 7.26
C ASP A 147 37.26 32.43 7.85
N GLN A 148 36.27 33.31 8.01
CA GLN A 148 36.48 34.66 8.53
C GLN A 148 36.61 34.70 10.05
N ILE A 149 36.20 33.64 10.73
CA ILE A 149 36.25 33.56 12.20
C ILE A 149 37.07 32.35 12.67
N ASP A 150 37.69 32.46 13.83
CA ASP A 150 38.48 31.36 14.42
C ASP A 150 37.71 30.54 15.46
N ILE A 151 36.72 31.18 16.09
CA ILE A 151 35.86 30.60 17.14
C ILE A 151 34.43 31.15 16.97
N ALA A 152 33.42 30.35 17.27
CA ALA A 152 32.03 30.73 17.00
C ALA A 152 31.25 30.63 18.29
N LEU A 153 30.73 31.76 18.74
CA LEU A 153 30.09 31.87 20.04
C LEU A 153 28.62 32.20 19.85
N MSE A 154 27.81 31.80 20.82
CA MSE A 154 26.35 31.92 20.76
C MSE A 154 25.75 31.47 22.09
O MSE A 154 26.36 30.68 22.81
CB MSE A 154 25.86 30.99 19.68
CG MSE A 154 24.41 31.11 19.36
SE MSE A 154 23.87 29.51 18.38
CE MSE A 154 21.92 29.68 18.71
N ILE A 155 24.56 31.97 22.43
CA ILE A 155 23.79 31.44 23.56
C ILE A 155 22.34 31.27 23.11
N HIS A 156 21.64 30.27 23.68
CA HIS A 156 20.27 29.97 23.32
C HIS A 156 19.35 29.92 24.56
N PRO A 157 18.34 30.80 24.62
CA PRO A 157 17.48 30.77 25.81
C PRO A 157 16.88 29.38 26.02
N GLY A 158 16.77 28.96 27.27
CA GLY A 158 16.21 27.64 27.60
C GLY A 158 15.49 27.57 28.93
N ASN A 159 15.02 26.37 29.26
CA ASN A 159 14.42 26.11 30.57
C ASN A 159 15.46 26.02 31.69
N GLU A 160 16.73 25.92 31.31
CA GLU A 160 17.84 26.01 32.26
C GLU A 160 19.13 26.43 31.55
N THR A 161 20.20 26.63 32.33
CA THR A 161 21.53 26.95 31.78
C THR A 161 22.37 25.69 31.68
N TYR A 162 22.82 25.37 30.48
CA TYR A 162 23.63 24.17 30.26
C TYR A 162 24.59 24.31 29.07
N LYS A 163 25.65 23.51 29.10
CA LYS A 163 26.63 23.45 28.03
C LYS A 163 26.00 22.92 26.76
N THR A 164 26.75 23.00 25.65
CA THR A 164 26.35 22.50 24.33
C THR A 164 25.84 21.06 24.34
N ILE A 165 24.64 20.86 23.78
CA ILE A 165 24.05 19.51 23.61
C ILE A 165 24.45 18.90 22.25
N ASP A 166 24.38 17.58 22.16
CA ASP A 166 24.57 16.90 20.88
C ASP A 166 23.40 17.29 19.98
N THR A 167 23.66 17.38 18.68
CA THR A 167 22.61 17.75 17.75
C THR A 167 22.63 16.80 16.56
N LEU A 168 21.52 16.77 15.83
CA LEU A 168 21.30 15.80 14.79
C LEU A 168 21.46 16.41 13.40
N ALA A 169 21.59 15.52 12.42
CA ALA A 169 21.67 15.88 11.00
C ALA A 169 20.26 15.79 10.39
N VAL A 170 19.92 16.77 9.55
CA VAL A 170 18.57 16.86 8.97
C VAL A 170 18.65 17.27 7.51
N ASP A 171 17.89 16.57 6.66
CA ASP A 171 17.54 17.04 5.30
C ASP A 171 16.05 17.41 5.26
N VAL A 172 15.70 18.46 4.50
CA VAL A 172 14.30 18.76 4.19
C VAL A 172 14.16 18.71 2.67
N LEU A 173 13.21 17.92 2.21
CA LEU A 173 13.19 17.47 0.82
C LEU A 173 11.82 17.62 0.18
N ASP A 174 11.79 17.89 -1.12
CA ASP A 174 10.55 17.86 -1.90
C ASP A 174 10.57 16.63 -2.79
N VAL A 175 9.44 15.92 -2.83
CA VAL A 175 9.20 14.86 -3.80
C VAL A 175 8.08 15.31 -4.73
N LYS A 176 8.36 15.33 -6.03
CA LYS A 176 7.38 15.71 -7.04
C LYS A 176 7.31 14.61 -8.09
N PHE A 177 6.09 14.22 -8.47
CA PHE A 177 5.88 13.24 -9.54
C PHE A 177 5.17 13.89 -10.71
N TYR A 178 5.54 13.43 -11.89
CA TYR A 178 5.08 14.03 -13.12
C TYR A 178 4.55 12.92 -14.01
N GLY A 179 3.33 13.08 -14.51
CA GLY A 179 2.69 12.05 -15.30
C GLY A 179 1.99 12.67 -16.48
N LYS A 180 0.83 12.10 -16.83
CA LYS A 180 0.07 12.50 -18.02
C LYS A 180 -1.40 12.36 -17.67
N SER A 181 -2.11 13.49 -17.65
CA SER A 181 -3.51 13.52 -17.24
C SER A 181 -4.41 12.87 -18.27
N ALA A 182 -5.56 12.39 -17.80
CA ALA A 182 -6.61 11.90 -18.67
C ALA A 182 -7.90 11.99 -17.90
N HIS A 183 -9.03 11.91 -18.60
CA HIS A 183 -10.32 11.86 -17.94
C HIS A 183 -10.52 10.47 -17.35
N ALA A 184 -10.76 10.40 -16.03
CA ALA A 184 -10.72 9.12 -15.30
C ALA A 184 -11.75 8.07 -15.73
N SER A 185 -12.99 8.49 -15.94
CA SER A 185 -14.03 7.59 -16.42
C SER A 185 -13.72 7.10 -17.81
N GLU A 186 -13.50 8.03 -18.72
CA GLU A 186 -13.50 7.77 -20.15
C GLU A 186 -12.23 7.05 -20.62
N ASN A 187 -11.08 7.61 -20.29
CA ASN A 187 -9.81 7.14 -20.85
C ASN A 187 -8.64 7.19 -19.88
N ALA A 188 -8.80 6.45 -18.77
CA ALA A 188 -7.75 6.29 -17.79
C ALA A 188 -6.58 5.46 -18.33
N ASP A 189 -6.84 4.64 -19.35
CA ASP A 189 -5.78 3.80 -19.95
C ASP A 189 -4.71 4.58 -20.73
N GLU A 190 -4.95 5.86 -21.02
CA GLU A 190 -3.93 6.70 -21.64
C GLU A 190 -3.38 7.75 -20.69
N ALA A 191 -3.38 7.45 -19.38
CA ALA A 191 -2.86 8.34 -18.36
C ALA A 191 -1.62 7.77 -17.69
N LEU A 192 -0.80 8.65 -17.12
CA LEU A 192 0.32 8.22 -16.28
C LEU A 192 0.08 8.87 -14.92
N ASN A 193 -0.20 8.06 -13.90
CA ASN A 193 -0.88 8.54 -12.67
C ASN A 193 0.11 8.98 -11.59
N ALA A 194 0.23 10.30 -11.38
CA ALA A 194 1.20 10.91 -10.46
C ALA A 194 0.77 10.74 -8.98
N LEU A 195 -0.55 10.64 -8.75
CA LEU A 195 -1.09 10.33 -7.41
C LEU A 195 -0.84 8.86 -7.02
N ASP A 196 -1.03 7.96 -7.97
CA ASP A 196 -0.61 6.58 -7.77
C ASP A 196 0.87 6.53 -7.45
N ALA A 197 1.68 7.31 -8.16
CA ALA A 197 3.12 7.37 -7.90
C ALA A 197 3.38 7.78 -6.45
N MSE A 198 2.62 8.76 -5.98
CA MSE A 198 2.75 9.29 -4.61
C MSE A 198 2.31 8.31 -3.52
O MSE A 198 2.97 8.18 -2.48
CB MSE A 198 1.95 10.60 -4.47
CG MSE A 198 2.09 11.31 -3.14
SE MSE A 198 3.92 11.94 -2.82
CE MSE A 198 3.98 13.53 -4.00
N ILE A 199 1.18 7.65 -3.74
CA ILE A 199 0.69 6.64 -2.80
C ILE A 199 1.69 5.49 -2.68
N SER A 200 2.30 5.11 -3.80
CA SER A 200 3.32 4.08 -3.82
C SER A 200 4.59 4.53 -3.06
N TYR A 201 4.96 5.78 -3.22
CA TYR A 201 6.09 6.34 -2.50
C TYR A 201 5.78 6.31 -0.99
N PHE A 202 4.56 6.74 -0.62
CA PHE A 202 4.16 6.75 0.78
C PHE A 202 4.11 5.35 1.39
N ASN A 203 3.61 4.38 0.63
CA ASN A 203 3.60 3.00 1.10
C ASN A 203 5.03 2.51 1.35
N GLY A 204 5.97 2.92 0.50
CA GLY A 204 7.37 2.50 0.62
C GLY A 204 8.15 3.11 1.77
N VAL A 205 7.85 4.37 2.09
CA VAL A 205 8.41 5.05 3.27
C VAL A 205 7.91 4.36 4.55
N ALA A 206 6.63 4.03 4.62
CA ALA A 206 6.08 3.30 5.77
C ALA A 206 6.88 2.02 6.04
N GLN A 207 7.16 1.30 4.96
CA GLN A 207 7.87 0.02 5.02
C GLN A 207 9.31 0.19 5.49
N LEU A 208 9.91 1.31 5.09
CA LEU A 208 11.30 1.61 5.37
C LEU A 208 11.55 1.79 6.87
N ARG A 209 10.55 2.26 7.61
CA ARG A 209 10.75 2.56 9.02
C ARG A 209 11.17 1.33 9.81
N GLN A 210 10.78 0.14 9.35
CA GLN A 210 11.22 -1.10 10.01
C GLN A 210 12.74 -1.31 9.97
N HIS A 211 13.37 -0.79 8.89
CA HIS A 211 14.73 -1.12 8.50
C HIS A 211 15.72 0.03 8.67
N ILE A 212 15.30 1.12 9.31
CA ILE A 212 16.19 2.22 9.69
C ILE A 212 16.52 2.12 11.18
N LYS A 213 17.57 2.83 11.58
CA LYS A 213 18.01 2.82 12.96
C LYS A 213 17.02 3.58 13.82
N LYS A 214 17.03 3.33 15.12
CA LYS A 214 16.02 3.91 16.02
C LYS A 214 16.27 5.39 16.36
N ASP A 215 17.43 5.90 15.93
CA ASP A 215 17.81 7.29 16.09
C ASP A 215 17.46 8.11 14.85
N GLN A 216 16.90 7.44 13.84
CA GLN A 216 16.59 8.04 12.54
C GLN A 216 15.08 8.24 12.34
N ARG A 217 14.71 9.25 11.55
CA ARG A 217 13.32 9.60 11.34
C ARG A 217 13.10 9.96 9.88
N VAL A 218 11.89 9.68 9.39
CA VAL A 218 11.44 10.10 8.07
C VAL A 218 9.95 10.39 8.16
N HIS A 219 9.54 11.62 7.85
CA HIS A 219 8.11 12.00 7.92
C HIS A 219 7.77 13.11 6.92
N GLY A 220 6.54 13.10 6.42
CA GLY A 220 6.14 14.11 5.43
C GLY A 220 4.65 14.23 5.18
N VAL A 221 4.28 15.17 4.31
CA VAL A 221 2.89 15.42 3.97
C VAL A 221 2.75 15.62 2.46
N ILE A 222 1.54 15.36 1.94
CA ILE A 222 1.17 15.62 0.55
C ILE A 222 0.64 17.06 0.43
N LEU A 223 1.44 17.93 -0.20
CA LEU A 223 1.07 19.32 -0.42
C LEU A 223 0.13 19.47 -1.66
N ASP A 224 0.37 18.65 -2.70
CA ASP A 224 -0.51 18.60 -3.89
C ASP A 224 -0.83 17.14 -4.21
N GLY A 225 -2.09 16.76 -4.03
CA GLY A 225 -2.54 15.38 -4.27
C GLY A 225 -3.57 15.26 -5.38
N GLY A 226 -3.62 16.28 -6.24
CA GLY A 226 -4.61 16.34 -7.32
C GLY A 226 -5.59 17.46 -7.05
N LYS A 227 -6.27 17.94 -8.09
CA LYS A 227 -7.22 19.03 -7.90
C LYS A 227 -8.62 18.75 -8.40
N ALA A 228 -8.77 17.77 -9.30
CA ALA A 228 -10.07 17.43 -9.88
C ALA A 228 -10.29 15.92 -9.82
N ALA A 229 -11.42 15.53 -9.25
CA ALA A 229 -11.76 14.13 -9.01
C ALA A 229 -11.94 13.35 -10.29
N ASN A 230 -12.42 14.03 -11.34
CA ASN A 230 -12.67 13.41 -12.65
C ASN A 230 -11.47 13.37 -13.63
N ILE A 231 -10.31 13.88 -13.20
CA ILE A 231 -9.09 13.93 -13.99
C ILE A 231 -7.96 13.18 -13.27
N ILE A 232 -7.21 12.36 -14.00
CA ILE A 232 -6.04 11.66 -13.41
C ILE A 232 -4.90 12.70 -13.20
N PRO A 233 -4.37 12.82 -11.97
CA PRO A 233 -3.32 13.81 -11.74
C PRO A 233 -2.04 13.57 -12.53
N ASP A 234 -1.49 14.64 -13.11
CA ASP A 234 -0.20 14.60 -13.80
C ASP A 234 0.90 15.22 -12.96
N TYR A 235 0.57 15.60 -11.73
CA TYR A 235 1.52 16.24 -10.83
C TYR A 235 1.07 16.09 -9.37
N THR A 236 1.96 15.57 -8.54
CA THR A 236 1.77 15.50 -7.09
C THR A 236 3.04 15.99 -6.38
N HIS A 237 2.90 16.55 -5.19
CA HIS A 237 4.00 17.22 -4.49
C HIS A 237 3.90 16.88 -3.01
N ALA A 238 5.01 16.38 -2.44
CA ALA A 238 5.11 16.12 -0.99
C ALA A 238 6.38 16.74 -0.43
N ARG A 239 6.36 17.06 0.86
CA ARG A 239 7.52 17.59 1.55
C ARG A 239 7.91 16.71 2.73
N PHE A 240 9.19 16.39 2.82
CA PHE A 240 9.69 15.42 3.80
C PHE A 240 10.89 15.91 4.60
N TYR A 241 10.95 15.47 5.85
CA TYR A 241 12.14 15.57 6.68
C TYR A 241 12.77 14.18 6.71
N THR A 242 14.10 14.14 6.73
CA THR A 242 14.84 12.96 7.15
C THR A 242 15.88 13.39 8.16
N ARG A 243 16.17 12.51 9.10
CA ARG A 243 17.04 12.82 10.22
C ARG A 243 17.87 11.60 10.60
N ALA A 244 19.11 11.81 11.02
CA ALA A 244 19.99 10.74 11.52
C ALA A 244 21.01 11.34 12.48
N MSE A 245 21.76 10.51 13.18
CA MSE A 245 22.75 11.02 14.15
C MSE A 245 23.87 11.77 13.49
O MSE A 245 24.42 12.68 14.09
CB MSE A 245 23.38 9.90 14.96
CG MSE A 245 22.49 9.41 16.10
SE MSE A 245 22.35 10.64 17.65
CE MSE A 245 20.47 10.14 18.16
N THR A 246 24.27 11.36 12.30
CA THR A 246 25.37 12.02 11.61
C THR A 246 24.98 12.30 10.18
N ARG A 247 25.73 13.20 9.55
CA ARG A 247 25.59 13.50 8.13
C ARG A 247 25.96 12.28 7.27
N LYS A 248 27.00 11.53 7.65
CA LYS A 248 27.33 10.28 6.95
C LYS A 248 26.15 9.32 6.92
N GLU A 249 25.57 9.06 8.08
CA GLU A 249 24.40 8.19 8.21
C GLU A 249 23.17 8.73 7.44
N LEU A 250 22.97 10.05 7.47
CA LEU A 250 21.82 10.68 6.82
C LEU A 250 21.86 10.61 5.29
N ASP A 251 23.04 10.80 4.68
CA ASP A 251 23.17 10.73 3.23
C ASP A 251 22.80 9.33 2.73
N ILE A 252 23.03 8.31 3.55
CA ILE A 252 22.61 6.93 3.25
C ILE A 252 21.07 6.84 3.34
N LEU A 253 20.48 7.39 4.41
CA LEU A 253 19.03 7.36 4.65
C LEU A 253 18.28 8.11 3.56
N THR A 254 18.70 9.34 3.29
CA THR A 254 18.04 10.17 2.29
C THR A 254 18.10 9.49 0.92
N GLU A 255 19.23 8.87 0.60
CA GLU A 255 19.36 8.15 -0.67
C GLU A 255 18.40 6.95 -0.77
N LYS A 256 18.14 6.27 0.35
CA LYS A 256 17.14 5.19 0.37
C LYS A 256 15.74 5.75 0.06
N VAL A 257 15.47 6.96 0.56
CA VAL A 257 14.19 7.59 0.33
C VAL A 257 14.16 8.04 -1.14
N ASN A 258 15.30 8.45 -1.67
CA ASN A 258 15.37 8.76 -3.10
C ASN A 258 14.92 7.53 -3.90
N GLN A 259 15.53 6.38 -3.65
CA GLN A 259 15.21 5.17 -4.39
C GLN A 259 13.75 4.73 -4.21
N ILE A 260 13.16 5.04 -3.07
CA ILE A 260 11.74 4.72 -2.86
C ILE A 260 10.91 5.57 -3.83
N ALA A 261 11.27 6.84 -3.97
CA ALA A 261 10.64 7.73 -4.95
C ALA A 261 10.83 7.20 -6.37
N ARG A 262 12.07 6.92 -6.72
CA ARG A 262 12.43 6.40 -8.04
C ARG A 262 11.60 5.18 -8.40
N GLY A 263 11.58 4.20 -7.51
CA GLY A 263 10.76 3.01 -7.71
C GLY A 263 9.29 3.31 -7.90
N ALA A 264 8.73 4.19 -7.08
CA ALA A 264 7.34 4.63 -7.29
C ALA A 264 7.14 5.12 -8.73
N ALA A 265 8.09 5.93 -9.22
CA ALA A 265 8.05 6.47 -10.59
C ALA A 265 8.09 5.36 -11.61
N ILE A 266 8.99 4.38 -11.42
CA ILE A 266 9.11 3.27 -12.37
C ILE A 266 7.82 2.42 -12.43
N GLN A 267 7.26 2.09 -11.26
CA GLN A 267 6.00 1.35 -11.16
C GLN A 267 4.88 1.99 -11.96
N THR A 268 4.75 3.32 -11.82
CA THR A 268 3.61 4.05 -12.36
C THR A 268 3.84 4.62 -13.75
N GLY A 269 5.08 4.52 -14.24
CA GLY A 269 5.47 5.09 -15.53
C GLY A 269 5.67 6.61 -15.50
N CYS A 270 5.69 7.17 -14.30
CA CYS A 270 5.85 8.60 -14.12
C CYS A 270 7.33 8.99 -14.09
N ASP A 271 7.55 10.30 -14.14
CA ASP A 271 8.84 10.86 -13.91
C ASP A 271 8.87 11.52 -12.54
N TYR A 272 10.05 11.90 -12.06
CA TYR A 272 10.14 12.43 -10.69
C TYR A 272 11.26 13.45 -10.47
N GLU A 273 11.06 14.25 -9.43
CA GLU A 273 12.09 15.09 -8.83
C GLU A 273 12.15 14.78 -7.33
N PHE A 274 13.36 14.80 -6.79
CA PHE A 274 13.60 14.52 -5.40
C PHE A 274 14.87 15.27 -4.99
N GLY A 275 14.71 16.27 -4.14
CA GLY A 275 15.86 17.06 -3.71
C GLY A 275 15.61 17.88 -2.47
N PRO A 276 16.68 18.45 -1.90
CA PRO A 276 16.54 19.23 -0.70
C PRO A 276 16.09 20.65 -1.04
N ILE A 277 15.17 21.18 -0.24
CA ILE A 277 14.74 22.57 -0.40
C ILE A 277 15.66 23.56 0.32
N GLN A 278 16.57 23.06 1.14
CA GLN A 278 17.54 23.90 1.86
C GLN A 278 18.85 23.17 1.94
N ASN A 279 19.89 23.87 2.40
CA ASN A 279 21.22 23.32 2.35
C ASN A 279 21.49 22.04 3.15
N GLY A 280 20.95 21.90 4.36
CA GLY A 280 21.12 20.60 5.03
C GLY A 280 21.98 20.69 6.28
N VAL A 281 21.34 20.39 7.42
CA VAL A 281 21.89 20.58 8.74
C VAL A 281 22.78 19.41 9.15
N ASN A 282 23.87 19.72 9.84
CA ASN A 282 24.83 18.72 10.25
C ASN A 282 24.87 18.61 11.76
N GLU A 283 25.36 17.46 12.21
CA GLU A 283 25.56 17.17 13.62
C GLU A 283 26.65 18.05 14.26
N PHE A 284 26.47 18.34 15.54
CA PHE A 284 27.44 19.10 16.30
C PHE A 284 28.66 18.25 16.56
N ILE A 285 29.82 18.85 16.43
CA ILE A 285 31.05 18.32 16.99
C ILE A 285 31.43 19.26 18.13
N LYS A 286 31.39 18.76 19.36
CA LYS A 286 31.55 19.61 20.53
C LYS A 286 33.04 19.70 20.88
N THR A 287 33.46 20.89 21.35
CA THR A 287 34.79 21.14 21.90
C THR A 287 34.64 21.38 23.39
N PRO A 288 34.75 20.32 24.21
CA PRO A 288 34.56 20.40 25.67
C PRO A 288 35.37 21.47 26.40
N LYS A 289 36.55 21.82 25.92
CA LYS A 289 37.32 22.89 26.54
C LYS A 289 36.63 24.26 26.32
N LEU A 290 35.91 24.40 25.20
CA LEU A 290 35.15 25.64 24.89
C LEU A 290 33.90 25.74 25.78
N ASP A 291 33.21 24.61 25.99
CA ASP A 291 32.06 24.60 26.89
C ASP A 291 32.48 24.77 28.35
N ASP A 292 33.69 24.31 28.69
CA ASP A 292 34.29 24.58 30.02
C ASP A 292 34.44 26.10 30.23
N LEU A 293 34.86 26.80 29.17
CA LEU A 293 35.04 28.24 29.24
C LEU A 293 33.71 28.94 29.44
N PHE A 294 32.67 28.46 28.74
CA PHE A 294 31.31 28.99 28.90
C PHE A 294 30.83 28.80 30.33
N ALA A 295 30.94 27.56 30.83
CA ALA A 295 30.48 27.20 32.16
C ALA A 295 31.19 28.05 33.19
N LYS A 296 32.46 28.37 32.96
CA LYS A 296 33.23 29.22 33.87
C LYS A 296 32.61 30.60 34.03
N TYR A 297 32.29 31.23 32.91
CA TYR A 297 31.74 32.57 32.96
C TYR A 297 30.23 32.56 33.23
N ALA A 298 29.56 31.46 32.89
CA ALA A 298 28.17 31.26 33.28
C ALA A 298 28.04 31.38 34.79
N GLU A 299 28.95 30.72 35.51
CA GLU A 299 28.98 30.72 36.99
C GLU A 299 29.45 32.06 37.58
N GLU A 300 30.48 32.66 36.98
CA GLU A 300 30.93 34.01 37.39
C GLU A 300 29.80 35.04 37.28
N VAL A 301 28.97 34.90 36.25
CA VAL A 301 27.83 35.79 36.03
C VAL A 301 26.59 35.34 36.83
N GLY A 302 26.73 34.25 37.59
CA GLY A 302 25.71 33.85 38.56
C GLY A 302 24.70 32.82 38.08
N GLU A 303 24.97 32.14 36.97
CA GLU A 303 24.13 31.01 36.55
C GLU A 303 24.62 29.67 37.15
N ALA A 304 23.69 28.79 37.50
CA ALA A 304 23.99 27.41 37.85
C ALA A 304 23.97 26.62 36.54
N VAL A 305 25.14 26.12 36.12
CA VAL A 305 25.27 25.28 34.92
C VAL A 305 24.91 23.83 35.31
N ILE A 306 23.78 23.36 34.78
CA ILE A 306 23.26 22.04 35.10
C ILE A 306 23.85 20.99 34.16
N ASP A 307 24.19 19.83 34.74
CA ASP A 307 24.68 18.68 33.99
C ASP A 307 23.64 17.58 34.06
N ASP A 308 22.83 17.49 33.01
CA ASP A 308 21.72 16.56 32.94
C ASP A 308 21.57 16.22 31.45
N ASP A 309 20.74 15.23 31.13
CA ASP A 309 20.42 14.92 29.75
C ASP A 309 19.29 15.85 29.26
N PHE A 310 19.69 16.88 28.49
CA PHE A 310 18.73 17.86 27.95
C PHE A 310 18.33 17.56 26.50
N GLY A 311 18.65 16.35 26.04
CA GLY A 311 18.22 15.86 24.73
C GLY A 311 19.13 16.25 23.58
N TYR A 312 18.66 15.93 22.37
CA TYR A 312 19.37 16.29 21.15
C TYR A 312 18.73 17.55 20.62
N GLY A 313 19.50 18.36 19.94
CA GLY A 313 18.95 19.48 19.20
C GLY A 313 19.10 19.20 17.72
N SER A 314 18.90 20.23 16.91
CA SER A 314 18.86 20.08 15.47
C SER A 314 18.98 21.46 14.84
N THR A 315 20.21 21.95 14.74
CA THR A 315 20.48 23.35 14.39
C THR A 315 21.63 23.45 13.40
N ASP A 316 21.54 24.45 12.50
CA ASP A 316 22.62 24.68 11.51
C ASP A 316 23.94 25.18 12.14
N THR A 317 23.92 25.52 13.44
CA THR A 317 25.16 25.81 14.17
C THR A 317 26.08 24.58 14.26
N GLY A 318 25.48 23.39 14.19
CA GLY A 318 26.25 22.17 14.07
C GLY A 318 27.18 22.20 12.88
N ASN A 319 26.73 22.75 11.76
CA ASN A 319 27.53 22.85 10.53
C ASN A 319 28.79 23.69 10.75
N VAL A 320 28.64 24.77 11.52
CA VAL A 320 29.74 25.66 11.85
C VAL A 320 30.77 24.96 12.71
N SER A 321 30.32 23.98 13.51
CA SER A 321 31.19 23.24 14.44
C SER A 321 32.10 22.24 13.74
N HIS A 322 31.78 21.95 12.47
CA HIS A 322 32.65 21.13 11.61
C HIS A 322 33.83 21.94 11.08
N VAL A 323 33.74 23.27 11.13
CA VAL A 323 34.79 24.15 10.64
C VAL A 323 35.65 24.70 11.79
N VAL A 324 35.00 25.29 12.80
CA VAL A 324 35.65 25.97 13.92
C VAL A 324 35.06 25.58 15.28
N PRO A 325 35.84 25.69 16.38
CA PRO A 325 35.25 25.45 17.71
C PRO A 325 34.02 26.31 17.97
N THR A 326 32.89 25.65 18.21
CA THR A 326 31.59 26.29 18.25
C THR A 326 30.89 25.87 19.55
N ILE A 327 30.13 26.79 20.17
CA ILE A 327 29.23 26.43 21.28
C ILE A 327 27.78 26.72 20.88
N HIS A 328 26.87 25.91 21.41
CA HIS A 328 25.43 26.12 21.32
C HIS A 328 24.85 25.75 22.68
N PRO A 329 25.07 26.61 23.68
CA PRO A 329 24.61 26.35 25.05
C PRO A 329 23.25 26.99 25.28
N HIS A 330 22.76 26.85 26.50
CA HIS A 330 21.51 27.47 26.86
C HIS A 330 21.62 28.33 28.12
N ILE A 331 20.83 29.40 28.19
CA ILE A 331 20.73 30.25 29.38
C ILE A 331 19.27 30.26 29.82
N LYS A 332 19.06 29.99 31.11
CA LYS A 332 17.73 29.93 31.72
C LYS A 332 16.98 31.24 31.51
N ILE A 333 15.77 31.17 30.97
CA ILE A 333 14.86 32.32 30.91
C ILE A 333 13.55 32.13 31.71
N GLY A 334 13.49 31.10 32.54
CA GLY A 334 12.33 30.91 33.41
C GLY A 334 12.21 29.52 33.97
N SER A 335 10.97 29.12 34.25
CA SER A 335 10.64 27.79 34.78
C SER A 335 11.46 26.66 34.15
N ARG A 336 11.78 25.64 34.93
CA ARG A 336 12.38 24.42 34.36
C ARG A 336 11.37 23.70 33.46
N ASN A 337 10.07 23.95 33.67
CA ASN A 337 9.03 23.34 32.84
C ASN A 337 8.86 24.02 31.48
N LEU A 338 9.59 25.09 31.22
CA LEU A 338 9.57 25.73 29.90
C LEU A 338 9.98 24.76 28.80
N VAL A 339 9.08 24.57 27.84
CA VAL A 339 9.40 23.84 26.61
C VAL A 339 9.50 24.83 25.44
N GLY A 340 10.48 24.61 24.57
CA GLY A 340 10.65 25.45 23.38
C GLY A 340 9.49 25.34 22.41
N HIS A 341 9.31 26.38 21.60
CA HIS A 341 8.22 26.48 20.61
C HIS A 341 6.80 26.38 21.22
N THR A 342 6.60 26.94 22.41
CA THR A 342 5.27 27.02 23.01
C THR A 342 4.95 28.48 23.27
N HIS A 343 3.69 28.76 23.61
CA HIS A 343 3.26 30.13 23.88
C HIS A 343 3.96 30.63 25.13
N ARG A 344 4.07 29.76 26.14
CA ARG A 344 4.78 30.09 27.37
C ARG A 344 6.22 30.55 27.12
N PHE A 345 6.87 29.96 26.12
CA PHE A 345 8.27 30.26 25.84
C PHE A 345 8.40 31.66 25.25
N ARG A 346 7.53 31.99 24.29
CA ARG A 346 7.47 33.33 23.72
C ARG A 346 7.31 34.39 24.81
N GLU A 347 6.37 34.16 25.73
CA GLU A 347 6.15 35.06 26.86
C GLU A 347 7.41 35.10 27.74
N ALA A 348 8.03 33.94 27.97
CA ALA A 348 9.29 33.85 28.70
C ALA A 348 10.41 34.66 28.02
N ALA A 349 10.43 34.66 26.68
CA ALA A 349 11.47 35.36 25.89
C ALA A 349 11.42 36.88 26.00
N ALA A 350 10.32 37.39 26.57
CA ALA A 350 10.13 38.83 26.80
C ALA A 350 9.97 39.20 28.30
N SER A 351 10.18 38.23 29.19
CA SER A 351 10.08 38.44 30.63
C SER A 351 11.30 39.19 31.17
N VAL A 352 11.32 39.48 32.47
CA VAL A 352 12.51 40.05 33.10
C VAL A 352 13.66 39.02 33.15
N HIS A 353 13.34 37.72 33.19
CA HIS A 353 14.38 36.67 33.25
C HIS A 353 15.03 36.50 31.88
N GLY A 354 14.26 36.66 30.82
CA GLY A 354 14.80 36.64 29.45
C GLY A 354 15.64 37.87 29.20
N ASP A 355 15.16 39.02 29.65
CA ASP A 355 15.96 40.23 29.61
C ASP A 355 17.29 40.03 30.33
N GLU A 356 17.24 39.43 31.53
CA GLU A 356 18.45 39.11 32.30
C GLU A 356 19.33 38.08 31.61
N ALA A 357 18.71 37.06 31.01
CA ALA A 357 19.45 36.05 30.26
C ALA A 357 20.25 36.72 29.16
N LEU A 358 19.59 37.64 28.45
CA LEU A 358 20.20 38.40 27.35
C LEU A 358 21.51 39.10 27.78
N ILE A 359 21.45 39.83 28.90
CA ILE A 359 22.59 40.56 29.44
C ILE A 359 23.68 39.61 29.95
N LYS A 360 23.28 38.59 30.71
CA LYS A 360 24.22 37.58 31.23
C LYS A 360 24.95 36.87 30.08
N GLY A 361 24.20 36.54 29.02
CA GLY A 361 24.76 35.81 27.89
C GLY A 361 25.74 36.63 27.07
N ALA A 362 25.44 37.91 26.92
CA ALA A 362 26.32 38.85 26.27
C ALA A 362 27.60 38.97 27.07
N LYS A 363 27.47 39.15 28.38
CA LYS A 363 28.60 39.17 29.32
C LYS A 363 29.48 37.91 29.23
N ILE A 364 28.87 36.72 29.25
CA ILE A 364 29.58 35.45 29.16
C ILE A 364 30.40 35.40 27.87
N MSE A 365 29.78 35.80 26.76
CA MSE A 365 30.44 35.71 25.46
C MSE A 365 31.55 36.74 25.30
O MSE A 365 32.61 36.40 24.79
CB MSE A 365 29.42 35.89 24.34
CG MSE A 365 28.57 34.67 24.13
SE MSE A 365 27.34 34.93 22.65
CE MSE A 365 26.18 36.33 23.45
N ALA A 366 31.30 37.97 25.70
CA ALA A 366 32.34 39.01 25.64
C ALA A 366 33.56 38.56 26.43
N LEU A 367 33.33 37.95 27.60
CA LEU A 367 34.43 37.54 28.49
C LEU A 367 35.19 36.30 27.99
N MSE A 368 34.48 35.39 27.33
CA MSE A 368 35.11 34.27 26.63
C MSE A 368 36.06 34.78 25.53
O MSE A 368 37.18 34.32 25.39
CB MSE A 368 34.06 33.36 26.00
CG MSE A 368 33.24 32.53 26.98
SE MSE A 368 31.88 31.42 26.07
CE MSE A 368 33.09 29.97 25.45
N GLY A 369 35.56 35.70 24.71
CA GLY A 369 36.37 36.34 23.68
C GLY A 369 37.57 37.07 24.24
N LEU A 370 37.42 37.73 25.38
CA LEU A 370 38.56 38.39 26.00
C LEU A 370 39.67 37.38 26.32
N GLU A 371 39.29 36.21 26.83
CA GLU A 371 40.25 35.17 27.28
C GLU A 371 40.81 34.37 26.13
N LEU A 372 39.97 34.10 25.12
CA LEU A 372 40.39 33.41 23.90
C LEU A 372 41.46 34.22 23.15
N ILE A 373 41.31 35.54 23.12
CA ILE A 373 42.34 36.44 22.53
C ILE A 373 43.60 36.55 23.41
N THR A 374 43.33 36.76 24.70
CA THR A 374 44.33 37.07 25.75
C THR A 374 45.21 35.88 26.16
N ASN A 375 44.57 34.74 26.47
CA ASN A 375 45.24 33.53 26.93
C ASN A 375 45.47 32.60 25.75
N GLN A 376 46.70 32.55 25.26
CA GLN A 376 47.04 31.83 24.03
C GLN A 376 47.06 30.32 24.25
N ASP A 377 47.42 29.92 25.46
CA ASP A 377 47.36 28.53 25.89
C ASP A 377 45.94 28.01 25.90
N VAL A 378 45.02 28.78 26.50
CA VAL A 378 43.60 28.41 26.50
C VAL A 378 43.03 28.30 25.08
N TYR A 379 43.39 29.28 24.22
CA TYR A 379 43.03 29.25 22.80
C TYR A 379 43.63 28.03 22.10
N GLN A 380 44.96 27.90 22.14
CA GLN A 380 45.66 26.78 21.50
C GLN A 380 45.01 25.45 21.89
N ASP A 381 44.73 25.27 23.17
CA ASP A 381 44.14 24.02 23.68
C ASP A 381 42.76 23.69 23.06
N ILE A 382 41.93 24.72 22.88
CA ILE A 382 40.59 24.57 22.31
C ILE A 382 40.64 24.23 20.82
N ILE A 383 41.49 24.98 20.10
CA ILE A 383 41.77 24.77 18.67
C ILE A 383 42.29 23.35 18.42
N GLU A 384 43.28 22.92 19.21
CA GLU A 384 43.83 21.58 19.06
C GLU A 384 42.87 20.47 19.45
N GLU A 385 42.02 20.71 20.44
CA GLU A 385 41.04 19.70 20.87
C GLU A 385 39.99 19.48 19.79
N HIS A 386 39.41 20.58 19.32
CA HIS A 386 38.49 20.57 18.21
C HIS A 386 39.12 19.85 17.02
N ALA A 387 40.35 20.23 16.69
CA ALA A 387 41.04 19.67 15.53
C ALA A 387 41.21 18.15 15.63
N HIS A 388 41.36 17.66 16.86
CA HIS A 388 41.53 16.23 17.10
C HIS A 388 40.19 15.54 16.91
N LEU A 389 39.13 16.16 17.42
CA LEU A 389 37.79 15.57 17.44
C LEU A 389 37.17 15.52 16.05
N LYS A 390 37.30 16.59 15.25
CA LYS A 390 36.92 16.49 13.84
C LYS A 390 37.93 15.64 13.04
N GLY A 391 39.22 15.93 13.19
CA GLY A 391 40.27 15.36 12.31
C GLY A 391 40.65 13.92 12.62
N GLY B 2 -54.79 26.55 -36.96
CA GLY B 2 -54.72 27.90 -36.33
C GLY B 2 -53.75 27.92 -35.17
N GLU B 3 -53.71 26.82 -34.41
CA GLU B 3 -52.96 26.76 -33.14
C GLU B 3 -51.44 26.64 -33.36
N LYS B 4 -51.05 25.79 -34.31
CA LYS B 4 -49.65 25.62 -34.75
C LYS B 4 -49.11 26.90 -35.40
N GLN B 5 -49.95 27.59 -36.19
CA GLN B 5 -49.58 28.85 -36.84
C GLN B 5 -49.13 29.93 -35.85
N GLN B 6 -49.91 30.15 -34.79
CA GLN B 6 -49.60 31.17 -33.79
C GLN B 6 -48.27 30.92 -33.09
N ILE B 7 -48.06 29.67 -32.66
CA ILE B 7 -46.83 29.27 -31.97
C ILE B 7 -45.59 29.50 -32.82
N LEU B 8 -45.65 29.10 -34.09
CA LEU B 8 -44.50 29.24 -34.98
C LEU B 8 -44.28 30.70 -35.39
N ASP B 9 -45.37 31.41 -35.68
CA ASP B 9 -45.30 32.83 -36.03
C ASP B 9 -44.58 33.63 -34.95
N TYR B 10 -44.96 33.41 -33.69
CA TYR B 10 -44.33 34.14 -32.59
C TYR B 10 -42.81 33.88 -32.54
N ILE B 11 -42.42 32.61 -32.60
CA ILE B 11 -41.01 32.24 -32.48
C ILE B 11 -40.23 32.78 -33.69
N GLU B 12 -40.83 32.70 -34.87
CA GLU B 12 -40.14 33.10 -36.10
C GLU B 12 -39.97 34.63 -36.21
N THR B 13 -40.99 35.41 -35.85
CA THR B 13 -40.85 36.88 -35.92
C THR B 13 -39.97 37.45 -34.78
N ASN B 14 -39.83 36.72 -33.68
CA ASN B 14 -39.02 37.17 -32.54
C ASN B 14 -37.71 36.42 -32.31
N LYS B 15 -37.36 35.50 -33.21
CA LYS B 15 -36.12 34.70 -33.07
C LYS B 15 -34.89 35.53 -32.65
N TYR B 16 -34.61 36.63 -33.34
CA TYR B 16 -33.40 37.42 -33.08
C TYR B 16 -33.32 37.99 -31.66
N SER B 17 -34.48 38.25 -31.07
CA SER B 17 -34.56 38.70 -29.67
C SER B 17 -34.05 37.64 -28.69
N TYR B 18 -34.36 36.37 -28.94
CA TYR B 18 -33.94 35.29 -28.06
C TYR B 18 -32.51 34.83 -28.35
N ILE B 19 -32.16 34.73 -29.63
CA ILE B 19 -30.77 34.55 -30.06
C ILE B 19 -29.85 35.56 -29.33
N GLU B 20 -30.31 36.79 -29.16
CA GLU B 20 -29.55 37.84 -28.48
C GLU B 20 -29.37 37.53 -26.98
N ILE B 21 -30.41 37.00 -26.34
CA ILE B 21 -30.31 36.55 -24.95
C ILE B 21 -29.32 35.42 -24.82
N SER B 22 -29.24 34.58 -25.85
CA SER B 22 -28.32 33.45 -25.88
C SER B 22 -26.85 33.90 -25.93
N HIS B 23 -26.53 34.91 -26.71
CA HIS B 23 -25.14 35.37 -26.78
C HIS B 23 -24.79 36.19 -25.57
N ARG B 24 -25.80 36.81 -24.96
CA ARG B 24 -25.58 37.67 -23.81
C ARG B 24 -25.19 36.79 -22.61
N ILE B 25 -25.82 35.62 -22.52
CA ILE B 25 -25.47 34.56 -21.53
C ILE B 25 -24.13 33.86 -21.87
N HIS B 26 -23.88 33.62 -23.17
CA HIS B 26 -22.61 33.03 -23.65
C HIS B 26 -21.38 33.89 -23.32
N GLU B 27 -21.53 35.21 -23.44
CA GLU B 27 -20.49 36.20 -23.11
C GLU B 27 -20.19 36.27 -21.62
N ARG B 28 -21.18 35.90 -20.79
CA ARG B 28 -21.09 35.99 -19.33
C ARG B 28 -21.22 34.61 -18.69
N PRO B 29 -20.21 33.72 -18.91
CA PRO B 29 -20.23 32.38 -18.32
C PRO B 29 -20.13 32.39 -16.80
N GLU B 30 -21.15 31.83 -16.15
CA GLU B 30 -21.21 31.70 -14.70
C GLU B 30 -21.27 30.22 -14.33
N LEU B 31 -20.58 29.85 -13.26
CA LEU B 31 -20.51 28.45 -12.84
C LEU B 31 -21.77 28.12 -12.01
N GLY B 32 -21.97 26.85 -11.71
CA GLY B 32 -23.16 26.40 -11.02
C GLY B 32 -23.39 27.08 -9.68
N ASN B 33 -24.67 27.37 -9.40
CA ASN B 33 -25.13 28.14 -8.23
C ASN B 33 -24.61 29.58 -8.11
N GLU B 34 -23.94 30.05 -9.18
CA GLU B 34 -23.43 31.42 -9.29
C GLU B 34 -23.95 32.14 -10.53
N GLU B 35 -24.97 31.57 -11.17
CA GLU B 35 -25.46 32.10 -12.46
C GLU B 35 -26.57 33.14 -12.30
N ILE B 36 -26.19 34.27 -11.71
CA ILE B 36 -27.09 35.36 -11.37
C ILE B 36 -27.57 36.07 -12.65
N PHE B 37 -26.62 36.45 -13.50
CA PHE B 37 -26.97 37.12 -14.77
C PHE B 37 -27.90 36.25 -15.60
N ALA B 38 -27.55 34.97 -15.77
CA ALA B 38 -28.28 34.08 -16.67
C ALA B 38 -29.73 33.89 -16.21
N SER B 39 -29.91 33.58 -14.92
CA SER B 39 -31.24 33.33 -14.36
C SER B 39 -32.10 34.58 -14.38
N ARG B 40 -31.55 35.74 -14.02
CA ARG B 40 -32.28 37.01 -14.11
C ARG B 40 -32.75 37.33 -15.54
N THR B 41 -31.85 37.15 -16.52
CA THR B 41 -32.16 37.47 -17.91
C THR B 41 -33.34 36.65 -18.44
N LEU B 42 -33.35 35.37 -18.07
CA LEU B 42 -34.42 34.46 -18.49
C LEU B 42 -35.72 34.74 -17.72
N ILE B 43 -35.59 34.97 -16.41
CA ILE B 43 -36.71 35.34 -15.53
C ILE B 43 -37.41 36.60 -16.05
N ASP B 44 -36.62 37.57 -16.53
CA ASP B 44 -37.17 38.82 -17.07
C ASP B 44 -38.03 38.56 -18.32
N ARG B 45 -37.51 37.80 -19.27
CA ARG B 45 -38.28 37.51 -20.49
C ARG B 45 -39.59 36.78 -20.16
N LEU B 46 -39.54 35.85 -19.19
CA LEU B 46 -40.73 35.13 -18.74
C LEU B 46 -41.72 36.07 -18.04
N LYS B 47 -41.19 36.96 -17.21
CA LYS B 47 -42.02 37.93 -16.51
C LYS B 47 -42.64 38.93 -17.51
N GLU B 48 -41.88 39.27 -18.55
CA GLU B 48 -42.33 40.12 -19.68
C GLU B 48 -43.53 39.51 -20.44
N HIS B 49 -43.66 38.18 -20.41
CA HIS B 49 -44.81 37.49 -20.99
C HIS B 49 -45.77 36.93 -19.93
N ASP B 50 -45.82 37.59 -18.78
CA ASP B 50 -46.86 37.37 -17.73
C ASP B 50 -46.77 36.04 -16.97
N PHE B 51 -45.61 35.39 -17.00
CA PHE B 51 -45.42 34.16 -16.22
C PHE B 51 -45.27 34.50 -14.73
N GLU B 52 -45.89 33.68 -13.89
CA GLU B 52 -45.76 33.78 -12.43
C GLU B 52 -44.45 33.10 -11.99
N ILE B 53 -43.60 33.87 -11.29
CA ILE B 53 -42.24 33.44 -10.96
C ILE B 53 -42.01 33.18 -9.47
N GLU B 54 -41.60 31.94 -9.16
CA GLU B 54 -41.02 31.58 -7.87
C GLU B 54 -39.51 31.46 -8.10
N THR B 55 -38.72 32.05 -7.22
CA THR B 55 -37.26 31.93 -7.25
C THR B 55 -36.75 31.26 -5.97
N GLU B 56 -35.54 30.69 -6.06
CA GLU B 56 -34.87 29.97 -4.95
C GLU B 56 -35.54 28.64 -4.64
N ILE B 57 -35.23 27.63 -5.44
CA ILE B 57 -35.93 26.36 -5.38
C ILE B 57 -35.02 25.28 -4.77
N ALA B 58 -35.51 24.60 -3.73
CA ALA B 58 -34.84 23.45 -3.11
C ALA B 58 -33.39 23.71 -2.69
N GLY B 59 -33.11 24.94 -2.26
CA GLY B 59 -31.76 25.32 -1.78
C GLY B 59 -30.88 25.92 -2.85
N HIS B 60 -31.45 26.21 -4.01
CA HIS B 60 -30.71 26.79 -5.14
C HIS B 60 -31.16 28.23 -5.39
N ALA B 61 -30.37 29.17 -4.87
CA ALA B 61 -30.66 30.60 -5.01
C ALA B 61 -30.90 31.04 -6.45
N THR B 62 -30.23 30.43 -7.42
CA THR B 62 -30.32 30.82 -8.84
C THR B 62 -31.31 29.97 -9.69
N GLY B 63 -32.12 29.15 -9.02
CA GLY B 63 -33.13 28.34 -9.69
C GLY B 63 -34.44 29.09 -9.65
N PHE B 64 -35.38 28.71 -10.49
CA PHE B 64 -36.71 29.32 -10.48
C PHE B 64 -37.77 28.36 -11.00
N ILE B 65 -39.04 28.69 -10.76
CA ILE B 65 -40.17 28.02 -11.39
C ILE B 65 -41.05 29.10 -12.00
N ALA B 66 -41.14 29.13 -13.34
CA ALA B 66 -41.98 30.10 -14.05
C ALA B 66 -43.26 29.39 -14.48
N THR B 67 -44.42 29.98 -14.21
CA THR B 67 -45.70 29.28 -14.48
C THR B 67 -46.74 30.19 -15.19
N TYR B 68 -47.35 29.68 -16.26
CA TYR B 68 -48.54 30.31 -16.84
C TYR B 68 -49.67 29.29 -16.94
N ASP B 69 -50.68 29.43 -16.08
CA ASP B 69 -51.78 28.46 -15.98
C ASP B 69 -53.02 29.09 -16.60
N SER B 70 -53.67 28.36 -17.52
CA SER B 70 -54.90 28.84 -18.20
C SER B 70 -56.15 28.82 -17.32
N GLY B 71 -56.15 27.97 -16.29
CA GLY B 71 -57.31 27.75 -15.43
C GLY B 71 -58.28 26.76 -16.07
N LEU B 72 -57.75 25.80 -16.82
CA LEU B 72 -58.55 24.76 -17.47
C LEU B 72 -57.87 23.41 -17.34
N ASP B 73 -58.65 22.35 -17.17
CA ASP B 73 -58.13 20.98 -17.08
C ASP B 73 -57.26 20.70 -18.32
N GLY B 74 -56.10 20.09 -18.06
CA GLY B 74 -55.16 19.76 -19.12
C GLY B 74 -53.78 19.62 -18.53
N PRO B 75 -52.88 18.89 -19.21
CA PRO B 75 -51.55 18.64 -18.68
C PRO B 75 -50.70 19.90 -18.49
N ALA B 76 -49.87 19.88 -17.44
CA ALA B 76 -48.86 20.91 -17.17
C ALA B 76 -47.56 20.53 -17.87
N ILE B 77 -47.24 21.22 -18.97
CA ILE B 77 -46.07 20.88 -19.79
C ILE B 77 -44.89 21.70 -19.32
N GLY B 78 -43.84 21.01 -18.89
CA GLY B 78 -42.66 21.64 -18.28
C GLY B 78 -41.46 21.66 -19.21
N PHE B 79 -40.76 22.80 -19.21
CA PHE B 79 -39.56 22.98 -20.01
C PHE B 79 -38.37 23.20 -19.06
N LEU B 80 -37.37 22.31 -19.13
CA LEU B 80 -36.16 22.44 -18.31
C LEU B 80 -35.18 23.47 -18.94
N ALA B 81 -34.87 24.51 -18.16
CA ALA B 81 -33.90 25.53 -18.53
C ALA B 81 -32.60 25.29 -17.77
N GLU B 82 -31.49 25.23 -18.51
CA GLU B 82 -30.16 25.19 -17.92
C GLU B 82 -29.35 26.41 -18.37
N TYR B 83 -28.37 26.79 -17.56
CA TYR B 83 -27.62 28.02 -17.86
C TYR B 83 -26.26 28.15 -17.13
N ASP B 84 -25.65 27.03 -16.73
CA ASP B 84 -24.32 27.04 -16.06
C ASP B 84 -23.15 26.69 -17.00
N ALA B 85 -22.04 27.39 -16.83
CA ALA B 85 -20.85 27.17 -17.66
C ALA B 85 -19.81 26.34 -16.91
N LEU B 86 -18.72 26.05 -17.61
CA LEU B 86 -17.64 25.24 -17.06
C LEU B 86 -16.47 26.14 -16.66
N PRO B 87 -15.66 25.69 -15.67
CA PRO B 87 -14.50 26.47 -15.23
C PRO B 87 -13.41 26.43 -16.28
N GLY B 88 -12.93 27.59 -16.71
CA GLY B 88 -11.88 27.68 -17.72
C GLY B 88 -12.35 27.59 -19.17
N LEU B 89 -13.43 26.85 -19.41
CA LEU B 89 -13.94 26.64 -20.76
C LEU B 89 -15.15 27.54 -21.06
N GLY B 90 -15.93 27.90 -20.03
CA GLY B 90 -17.07 28.82 -20.16
C GLY B 90 -18.07 28.61 -21.29
N HIS B 91 -18.97 27.64 -21.12
CA HIS B 91 -20.07 27.34 -22.07
C HIS B 91 -19.60 26.51 -23.24
N ALA B 92 -18.70 25.58 -22.92
CA ALA B 92 -18.24 24.56 -23.84
C ALA B 92 -19.16 23.33 -23.78
N CYS B 93 -20.33 23.47 -23.15
CA CYS B 93 -21.42 22.48 -23.25
C CYS B 93 -22.65 23.12 -23.88
N GLY B 94 -22.55 24.41 -24.23
CA GLY B 94 -23.59 25.12 -24.95
C GLY B 94 -24.85 25.28 -24.15
N HIS B 95 -24.70 25.60 -22.86
CA HIS B 95 -25.85 25.79 -21.97
C HIS B 95 -26.53 27.15 -22.13
N ASN B 96 -25.87 28.08 -22.80
CA ASN B 96 -26.56 29.30 -23.27
C ASN B 96 -27.79 28.99 -24.16
N ILE B 97 -27.72 27.89 -24.91
CA ILE B 97 -28.75 27.52 -25.87
C ILE B 97 -29.93 26.85 -25.17
N ILE B 98 -29.60 26.03 -24.17
CA ILE B 98 -30.60 25.18 -23.48
C ILE B 98 -31.65 26.04 -22.76
N GLY B 99 -31.18 26.92 -21.87
CA GLY B 99 -32.05 27.84 -21.15
C GLY B 99 -32.86 28.77 -22.04
N THR B 100 -32.24 29.31 -23.08
CA THR B 100 -32.95 30.21 -24.00
C THR B 100 -33.95 29.43 -24.86
N ALA B 101 -33.57 28.22 -25.29
CA ALA B 101 -34.44 27.42 -26.16
C ALA B 101 -35.70 27.05 -25.40
N SER B 102 -35.52 26.62 -24.14
CA SER B 102 -36.65 26.19 -23.27
C SER B 102 -37.59 27.35 -22.91
N VAL B 103 -37.02 28.54 -22.69
CA VAL B 103 -37.83 29.75 -22.43
C VAL B 103 -38.59 30.20 -23.67
N LEU B 104 -37.93 30.21 -24.83
CA LEU B 104 -38.57 30.56 -26.10
C LEU B 104 -39.72 29.62 -26.44
N GLY B 105 -39.51 28.32 -26.19
CA GLY B 105 -40.54 27.30 -26.38
C GLY B 105 -41.72 27.48 -25.43
N ALA B 106 -41.43 27.70 -24.14
CA ALA B 106 -42.46 27.97 -23.14
C ALA B 106 -43.33 29.16 -23.55
N ILE B 107 -42.68 30.26 -23.93
CA ILE B 107 -43.36 31.49 -24.31
C ILE B 107 -44.10 31.29 -25.62
N GLY B 108 -43.52 30.51 -26.53
CA GLY B 108 -44.18 30.12 -27.77
C GLY B 108 -45.50 29.40 -27.50
N LEU B 109 -45.46 28.40 -26.61
CA LEU B 109 -46.66 27.65 -26.23
C LEU B 109 -47.68 28.49 -25.44
N LYS B 110 -47.22 29.28 -24.47
CA LYS B 110 -48.09 30.20 -23.71
C LYS B 110 -49.04 30.99 -24.63
N GLN B 111 -48.59 31.28 -25.85
CA GLN B 111 -49.40 32.04 -26.82
C GLN B 111 -50.78 31.42 -27.08
N VAL B 112 -50.86 30.10 -26.97
CA VAL B 112 -52.11 29.38 -27.25
C VAL B 112 -52.67 28.63 -26.03
N ILE B 113 -51.97 28.68 -24.90
CA ILE B 113 -52.40 27.92 -23.71
C ILE B 113 -53.76 28.41 -23.22
N ASP B 114 -54.04 29.69 -23.44
CA ASP B 114 -55.35 30.28 -23.12
C ASP B 114 -56.51 29.59 -23.85
N GLN B 115 -56.17 28.90 -24.95
CA GLN B 115 -57.15 28.23 -25.85
C GLN B 115 -57.17 26.70 -25.73
N ILE B 116 -56.00 26.06 -25.64
CA ILE B 116 -55.94 24.58 -25.59
C ILE B 116 -56.31 24.07 -24.20
N GLY B 117 -56.03 24.87 -23.18
CA GLY B 117 -56.22 24.46 -21.79
C GLY B 117 -54.89 24.03 -21.19
N GLY B 118 -54.92 23.62 -19.94
CA GLY B 118 -53.73 23.12 -19.27
C GLY B 118 -52.84 24.24 -18.73
N LYS B 119 -51.54 24.03 -18.80
CA LYS B 119 -50.56 24.88 -18.10
C LYS B 119 -49.18 24.76 -18.76
N VAL B 120 -48.40 25.85 -18.71
CA VAL B 120 -46.99 25.84 -19.17
C VAL B 120 -46.08 26.18 -17.98
N VAL B 121 -44.95 25.49 -17.85
CA VAL B 121 -44.01 25.73 -16.75
C VAL B 121 -42.57 25.66 -17.24
N VAL B 122 -41.75 26.63 -16.85
CA VAL B 122 -40.29 26.55 -17.01
C VAL B 122 -39.67 26.32 -15.65
N LEU B 123 -38.78 25.35 -15.55
CA LEU B 123 -38.00 25.13 -14.34
C LEU B 123 -36.56 25.54 -14.61
N GLY B 124 -36.10 26.61 -13.97
CA GLY B 124 -34.70 27.01 -14.04
C GLY B 124 -33.87 26.11 -13.15
N CYS B 125 -32.90 25.41 -13.75
CA CYS B 125 -32.15 24.34 -13.09
C CYS B 125 -30.65 24.61 -13.11
N PRO B 126 -30.12 25.23 -12.01
CA PRO B 126 -28.70 25.51 -11.93
C PRO B 126 -27.81 24.26 -11.80
N ALA B 127 -26.52 24.44 -12.12
CA ALA B 127 -25.49 23.50 -11.70
C ALA B 127 -25.65 22.11 -12.27
N GLU B 128 -26.06 21.96 -13.53
CA GLU B 128 -26.21 20.60 -14.08
C GLU B 128 -24.86 19.88 -14.22
N GLU B 129 -23.76 20.64 -14.39
CA GLU B 129 -22.42 20.06 -14.51
C GLU B 129 -21.87 19.52 -13.17
N GLY B 130 -22.59 19.74 -12.07
CA GLY B 130 -22.24 19.15 -10.79
C GLY B 130 -21.42 20.06 -9.92
N GLY B 131 -20.88 19.51 -8.84
CA GLY B 131 -20.13 20.27 -7.85
C GLY B 131 -20.80 20.27 -6.50
N GLU B 132 -20.39 21.20 -5.63
CA GLU B 132 -20.97 21.34 -4.30
C GLU B 132 -22.41 21.88 -4.41
N ASN B 133 -23.36 21.14 -3.84
CA ASN B 133 -24.79 21.35 -4.10
C ASN B 133 -25.10 21.49 -5.60
N GLY B 134 -24.38 20.78 -6.45
CA GLY B 134 -24.69 20.78 -7.86
C GLY B 134 -25.96 20.02 -8.11
N SER B 135 -26.30 19.91 -9.40
CA SER B 135 -27.37 19.05 -9.92
C SER B 135 -28.72 19.41 -9.34
N ALA B 136 -29.16 20.63 -9.66
CA ALA B 136 -30.40 21.18 -9.12
C ALA B 136 -31.64 20.31 -9.34
N LYS B 137 -31.73 19.64 -10.48
CA LYS B 137 -32.91 18.80 -10.78
C LYS B 137 -33.00 17.62 -9.85
N ALA B 138 -31.86 17.18 -9.33
CA ALA B 138 -31.82 16.12 -8.31
C ALA B 138 -32.49 16.61 -7.02
N SER B 139 -32.23 17.88 -6.68
CA SER B 139 -32.84 18.52 -5.51
C SER B 139 -34.33 18.72 -5.71
N TYR B 140 -34.72 19.07 -6.93
CA TYR B 140 -36.13 19.35 -7.31
C TYR B 140 -37.00 18.10 -7.15
N VAL B 141 -36.52 16.97 -7.67
CA VAL B 141 -37.20 15.70 -7.51
C VAL B 141 -37.44 15.41 -6.02
N LYS B 142 -36.38 15.57 -5.21
CA LYS B 142 -36.46 15.28 -3.77
C LYS B 142 -37.40 16.24 -3.06
N ALA B 143 -37.39 17.51 -3.46
CA ALA B 143 -38.25 18.54 -2.85
C ALA B 143 -39.72 18.46 -3.32
N GLY B 144 -39.99 17.62 -4.31
CA GLY B 144 -41.34 17.46 -4.87
C GLY B 144 -41.69 18.55 -5.86
N VAL B 145 -40.66 19.22 -6.39
CA VAL B 145 -40.86 20.33 -7.33
C VAL B 145 -41.39 19.84 -8.67
N ILE B 146 -41.16 18.57 -8.98
CA ILE B 146 -41.59 18.01 -10.27
C ILE B 146 -43.00 17.41 -10.22
N ASP B 147 -43.67 17.49 -9.07
CA ASP B 147 -45.10 17.21 -9.00
C ASP B 147 -45.91 18.34 -9.66
N GLN B 148 -45.25 19.47 -9.93
CA GLN B 148 -45.85 20.65 -10.59
C GLN B 148 -46.02 20.50 -12.10
N ILE B 149 -45.26 19.59 -12.72
CA ILE B 149 -45.34 19.32 -14.15
C ILE B 149 -45.82 17.88 -14.38
N ASP B 150 -46.32 17.61 -15.60
CA ASP B 150 -46.76 16.27 -16.03
C ASP B 150 -45.82 15.63 -17.08
N ILE B 151 -45.11 16.49 -17.83
CA ILE B 151 -44.13 16.11 -18.88
C ILE B 151 -42.93 17.08 -18.85
N ALA B 152 -41.71 16.54 -18.93
CA ALA B 152 -40.48 17.38 -18.86
C ALA B 152 -39.76 17.42 -20.22
N LEU B 153 -39.79 18.58 -20.88
CA LEU B 153 -39.19 18.75 -22.19
C LEU B 153 -37.89 19.56 -22.10
N MSE B 154 -37.03 19.36 -23.09
CA MSE B 154 -35.68 19.92 -23.08
C MSE B 154 -34.99 19.55 -24.39
O MSE B 154 -35.40 18.62 -25.07
CB MSE B 154 -34.90 19.29 -21.93
CG MSE B 154 -33.58 19.95 -21.63
SE MSE B 154 -32.39 18.78 -20.59
CE MSE B 154 -30.69 19.60 -21.18
N ILE B 155 -33.96 20.32 -24.75
CA ILE B 155 -33.04 19.93 -25.84
C ILE B 155 -31.62 20.32 -25.47
N HIS B 156 -30.65 19.54 -25.95
CA HIS B 156 -29.24 19.80 -25.69
C HIS B 156 -28.50 19.93 -27.02
N PRO B 157 -27.58 20.91 -27.14
CA PRO B 157 -26.79 20.97 -28.36
C PRO B 157 -25.76 19.85 -28.45
N GLY B 158 -25.56 19.33 -29.65
CA GLY B 158 -24.63 18.23 -29.88
C GLY B 158 -23.98 18.29 -31.26
N ASN B 159 -23.35 17.17 -31.63
CA ASN B 159 -22.68 17.03 -32.91
C ASN B 159 -23.63 16.53 -33.99
N GLU B 160 -24.76 15.96 -33.55
CA GLU B 160 -25.84 15.55 -34.44
C GLU B 160 -27.19 15.75 -33.76
N THR B 161 -28.29 15.57 -34.50
CA THR B 161 -29.65 15.54 -33.92
C THR B 161 -30.05 14.08 -33.67
N TYR B 162 -30.33 13.74 -32.41
CA TYR B 162 -30.72 12.39 -32.04
C TYR B 162 -31.63 12.35 -30.80
N LYS B 163 -32.33 11.22 -30.65
CA LYS B 163 -33.22 10.98 -29.52
C LYS B 163 -32.44 10.91 -28.21
N THR B 164 -33.16 10.88 -27.10
CA THR B 164 -32.57 10.73 -25.76
C THR B 164 -31.59 9.54 -25.71
N ILE B 165 -30.41 9.78 -25.14
CA ILE B 165 -29.41 8.75 -24.91
C ILE B 165 -29.62 8.14 -23.51
N ASP B 166 -29.15 6.91 -23.29
CA ASP B 166 -29.09 6.34 -21.94
C ASP B 166 -28.10 7.16 -21.12
N THR B 167 -28.30 7.19 -19.80
CA THR B 167 -27.42 7.97 -18.91
C THR B 167 -27.17 7.17 -17.63
N LEU B 168 -26.09 7.52 -16.94
CA LEU B 168 -25.60 6.77 -15.78
C LEU B 168 -25.90 7.46 -14.44
N ALA B 169 -25.93 6.66 -13.36
CA ALA B 169 -26.04 7.17 -11.99
C ALA B 169 -24.65 7.57 -11.49
N VAL B 170 -24.55 8.72 -10.82
CA VAL B 170 -23.28 9.24 -10.31
C VAL B 170 -23.43 9.84 -8.91
N ASP B 171 -22.47 9.52 -8.03
CA ASP B 171 -22.30 10.19 -6.72
C ASP B 171 -20.98 10.97 -6.69
N VAL B 172 -21.01 12.18 -6.13
CA VAL B 172 -19.80 12.95 -5.85
C VAL B 172 -19.67 13.05 -4.33
N LEU B 173 -18.56 12.55 -3.81
CA LEU B 173 -18.42 12.27 -2.38
C LEU B 173 -17.17 12.91 -1.79
N ASP B 174 -17.28 13.44 -0.58
CA ASP B 174 -16.11 13.87 0.19
C ASP B 174 -15.75 12.75 1.17
N VAL B 175 -14.46 12.44 1.28
CA VAL B 175 -13.94 11.59 2.36
C VAL B 175 -13.06 12.47 3.26
N LYS B 176 -13.36 12.48 4.57
CA LYS B 176 -12.53 13.21 5.54
C LYS B 176 -12.17 12.28 6.70
N PHE B 177 -10.89 12.32 7.12
CA PHE B 177 -10.39 11.59 8.29
C PHE B 177 -9.92 12.58 9.33
N TYR B 178 -10.23 12.27 10.59
CA TYR B 178 -9.87 13.10 11.75
C TYR B 178 -9.05 12.31 12.77
N GLY B 179 -7.86 12.81 13.09
CA GLY B 179 -7.01 12.20 14.11
C GLY B 179 -6.54 13.14 15.20
N LYS B 180 -5.26 13.04 15.54
CA LYS B 180 -4.68 13.77 16.66
C LYS B 180 -3.24 14.08 16.27
N SER B 181 -2.90 15.36 16.22
CA SER B 181 -1.58 15.77 15.78
C SER B 181 -0.52 15.61 16.85
N ALA B 182 0.71 15.46 16.39
CA ALA B 182 1.86 15.36 17.25
C ALA B 182 3.10 15.72 16.45
N HIS B 183 4.15 16.18 17.12
CA HIS B 183 5.41 16.43 16.46
C HIS B 183 5.91 15.04 16.02
N ALA B 184 6.23 14.92 14.73
CA ALA B 184 6.48 13.63 14.10
C ALA B 184 7.80 13.01 14.53
N SER B 185 8.77 13.83 14.92
CA SER B 185 10.09 13.34 15.34
C SER B 185 10.13 12.98 16.79
N GLU B 186 9.50 13.80 17.62
CA GLU B 186 9.63 13.69 19.08
C GLU B 186 8.57 12.77 19.70
N ASN B 187 7.30 12.92 19.33
CA ASN B 187 6.23 12.13 19.97
C ASN B 187 5.08 11.67 19.07
N ALA B 188 5.46 10.95 18.02
CA ALA B 188 4.54 10.38 17.06
C ALA B 188 3.75 9.23 17.66
N ASP B 189 4.20 8.68 18.78
CA ASP B 189 3.45 7.62 19.44
C ASP B 189 2.15 8.14 20.10
N GLU B 190 2.00 9.46 20.24
CA GLU B 190 0.78 10.05 20.80
C GLU B 190 -0.21 10.54 19.73
N ALA B 191 0.08 10.23 18.46
CA ALA B 191 -0.68 10.72 17.34
C ALA B 191 -1.68 9.69 16.89
N LEU B 192 -2.72 10.16 16.21
CA LEU B 192 -3.64 9.34 15.42
C LEU B 192 -3.55 9.93 14.02
N ASN B 193 -2.99 9.17 13.08
CA ASN B 193 -2.52 9.73 11.81
C ASN B 193 -3.60 9.74 10.71
N ALA B 194 -4.16 10.92 10.45
CA ALA B 194 -5.19 11.08 9.41
C ALA B 194 -4.69 10.86 8.01
N LEU B 195 -3.37 11.00 7.79
CA LEU B 195 -2.80 10.76 6.46
C LEU B 195 -2.59 9.28 6.22
N ASP B 196 -2.21 8.53 7.26
CA ASP B 196 -2.13 7.08 7.15
C ASP B 196 -3.51 6.53 6.84
N ALA B 197 -4.54 7.11 7.46
CA ALA B 197 -5.93 6.74 7.15
C ALA B 197 -6.22 6.92 5.65
N MSE B 198 -5.85 8.08 5.12
CA MSE B 198 -6.08 8.43 3.71
C MSE B 198 -5.35 7.49 2.74
O MSE B 198 -5.93 7.05 1.75
CB MSE B 198 -5.67 9.87 3.43
CG MSE B 198 -6.03 10.36 2.03
SE MSE B 198 -7.97 10.35 1.66
CE MSE B 198 -8.46 12.04 2.56
N ILE B 199 -4.08 7.22 3.02
CA ILE B 199 -3.28 6.29 2.20
C ILE B 199 -3.93 4.90 2.19
N SER B 200 -4.35 4.45 3.36
CA SER B 200 -5.00 3.14 3.52
C SER B 200 -6.34 3.08 2.80
N TYR B 201 -7.07 4.18 2.81
CA TYR B 201 -8.33 4.28 2.08
C TYR B 201 -8.08 4.14 0.57
N PHE B 202 -7.07 4.86 0.07
CA PHE B 202 -6.63 4.85 -1.33
C PHE B 202 -6.08 3.49 -1.78
N ASN B 203 -5.39 2.79 -0.90
CA ASN B 203 -4.92 1.44 -1.22
C ASN B 203 -6.12 0.52 -1.40
N GLY B 204 -7.14 0.75 -0.58
CA GLY B 204 -8.36 -0.06 -0.56
C GLY B 204 -9.20 0.15 -1.80
N VAL B 205 -9.32 1.40 -2.24
CA VAL B 205 -10.05 1.72 -3.46
C VAL B 205 -9.37 1.12 -4.69
N ALA B 206 -8.04 1.02 -4.65
CA ALA B 206 -7.31 0.41 -5.76
C ALA B 206 -7.70 -1.06 -5.82
N GLN B 207 -7.64 -1.73 -4.67
CA GLN B 207 -7.97 -3.15 -4.60
C GLN B 207 -9.43 -3.43 -5.04
N LEU B 208 -10.34 -2.49 -4.77
CA LEU B 208 -11.79 -2.66 -5.09
C LEU B 208 -12.06 -2.84 -6.57
N ARG B 209 -11.25 -2.18 -7.39
CA ARG B 209 -11.43 -2.16 -8.85
C ARG B 209 -11.39 -3.55 -9.49
N GLN B 210 -10.66 -4.48 -8.91
CA GLN B 210 -10.67 -5.86 -9.42
C GLN B 210 -12.07 -6.46 -9.32
N HIS B 211 -12.81 -6.02 -8.29
CA HIS B 211 -14.06 -6.65 -7.86
C HIS B 211 -15.35 -5.87 -8.13
N ILE B 212 -15.29 -4.81 -8.93
CA ILE B 212 -16.51 -4.12 -9.34
C ILE B 212 -16.81 -4.44 -10.80
N LYS B 213 -18.03 -4.15 -11.21
CA LYS B 213 -18.43 -4.45 -12.58
C LYS B 213 -17.68 -3.53 -13.55
N LYS B 214 -17.58 -3.94 -14.81
CA LYS B 214 -16.74 -3.25 -15.78
C LYS B 214 -17.34 -1.89 -16.15
N ASP B 215 -18.66 -1.74 -15.97
CA ASP B 215 -19.38 -0.48 -16.22
C ASP B 215 -19.30 0.56 -15.09
N GLN B 216 -18.63 0.19 -13.99
CA GLN B 216 -18.56 1.03 -12.80
C GLN B 216 -17.22 1.73 -12.69
N ARG B 217 -17.24 2.90 -12.05
CA ARG B 217 -16.06 3.76 -11.90
C ARG B 217 -15.96 4.29 -10.46
N VAL B 218 -14.73 4.43 -9.97
CA VAL B 218 -14.47 5.14 -8.70
C VAL B 218 -13.11 5.83 -8.86
N HIS B 219 -13.10 7.14 -8.75
CA HIS B 219 -11.87 7.93 -8.97
C HIS B 219 -11.90 9.16 -8.08
N GLY B 220 -10.73 9.62 -7.64
CA GLY B 220 -10.66 10.79 -6.74
C GLY B 220 -9.26 11.31 -6.49
N VAL B 221 -9.20 12.40 -5.72
CA VAL B 221 -7.95 13.14 -5.47
C VAL B 221 -7.85 13.56 -4.00
N ILE B 222 -6.62 13.77 -3.53
CA ILE B 222 -6.40 14.25 -2.16
C ILE B 222 -6.34 15.77 -2.20
N LEU B 223 -7.35 16.43 -1.62
CA LEU B 223 -7.44 17.90 -1.56
C LEU B 223 -6.61 18.49 -0.39
N ASP B 224 -6.62 17.81 0.78
CA ASP B 224 -5.79 18.19 1.94
C ASP B 224 -4.99 16.97 2.40
N GLY B 225 -3.67 16.99 2.18
CA GLY B 225 -2.79 15.90 2.59
C GLY B 225 -1.88 16.20 3.78
N GLY B 226 -2.24 17.23 4.57
CA GLY B 226 -1.39 17.69 5.66
C GLY B 226 -0.69 18.94 5.22
N LYS B 227 -0.22 19.75 6.16
CA LYS B 227 0.42 21.05 5.85
C LYS B 227 1.87 21.23 6.36
N ALA B 228 2.23 20.59 7.47
CA ALA B 228 3.58 20.71 8.02
C ALA B 228 4.24 19.33 8.11
N ALA B 229 5.41 19.22 7.48
CA ALA B 229 6.11 17.94 7.37
C ALA B 229 6.53 17.38 8.73
N ASN B 230 6.84 18.30 9.66
CA ASN B 230 7.25 17.93 11.03
C ASN B 230 6.12 17.52 12.00
N ILE B 231 4.86 17.63 11.57
CA ILE B 231 3.68 17.39 12.39
C ILE B 231 2.80 16.35 11.73
N ILE B 232 2.37 15.35 12.50
CA ILE B 232 1.48 14.31 12.01
C ILE B 232 0.08 14.91 11.75
N PRO B 233 -0.49 14.68 10.55
CA PRO B 233 -1.79 15.28 10.23
C PRO B 233 -2.98 14.77 11.05
N ASP B 234 -3.78 15.70 11.55
CA ASP B 234 -5.02 15.36 12.24
C ASP B 234 -6.26 15.49 11.37
N TYR B 235 -6.04 15.79 10.10
CA TYR B 235 -7.13 16.04 9.17
C TYR B 235 -6.59 15.83 7.77
N THR B 236 -7.31 15.00 7.00
CA THR B 236 -7.08 14.88 5.56
C THR B 236 -8.45 14.88 4.86
N HIS B 237 -8.46 15.25 3.57
CA HIS B 237 -9.68 15.46 2.82
C HIS B 237 -9.47 15.09 1.35
N ALA B 238 -10.25 14.13 0.87
CA ALA B 238 -10.29 13.73 -0.55
C ALA B 238 -11.71 13.93 -1.10
N ARG B 239 -11.79 14.07 -2.42
CA ARG B 239 -13.06 14.12 -3.13
C ARG B 239 -13.11 13.06 -4.22
N PHE B 240 -14.23 12.35 -4.29
CA PHE B 240 -14.38 11.18 -5.17
C PHE B 240 -15.66 11.18 -6.00
N TYR B 241 -15.61 10.51 -7.14
CA TYR B 241 -16.80 10.14 -7.88
C TYR B 241 -17.01 8.64 -7.75
N THR B 242 -18.26 8.20 -7.80
CA THR B 242 -18.55 6.80 -8.11
C THR B 242 -19.63 6.75 -9.16
N ARG B 243 -19.65 5.70 -9.97
CA ARG B 243 -20.55 5.64 -11.09
C ARG B 243 -21.03 4.24 -11.38
N ALA B 244 -22.33 4.06 -11.55
CA ALA B 244 -22.89 2.77 -11.98
C ALA B 244 -23.99 2.95 -13.02
N MSE B 245 -24.50 1.85 -13.57
CA MSE B 245 -25.54 1.91 -14.59
C MSE B 245 -26.89 2.32 -14.05
O MSE B 245 -27.73 2.82 -14.80
CB MSE B 245 -25.71 0.55 -15.25
CG MSE B 245 -24.56 0.19 -16.18
SE MSE B 245 -24.64 1.18 -17.86
CE MSE B 245 -22.67 1.34 -18.19
N THR B 246 -27.10 2.06 -12.78
CA THR B 246 -28.35 2.42 -12.14
C THR B 246 -28.05 2.90 -10.75
N ARG B 247 -29.00 3.63 -10.18
CA ARG B 247 -28.93 4.09 -8.80
C ARG B 247 -28.88 2.91 -7.82
N LYS B 248 -29.73 1.91 -8.03
CA LYS B 248 -29.67 0.69 -7.21
C LYS B 248 -28.25 0.11 -7.12
N GLU B 249 -27.59 -0.03 -8.27
CA GLU B 249 -26.21 -0.55 -8.36
C GLU B 249 -25.22 0.39 -7.70
N LEU B 250 -25.40 1.70 -7.88
CA LEU B 250 -24.47 2.70 -7.35
C LEU B 250 -24.55 2.77 -5.84
N ASP B 251 -25.75 2.69 -5.29
CA ASP B 251 -25.92 2.70 -3.84
C ASP B 251 -25.11 1.57 -3.17
N ILE B 252 -25.16 0.36 -3.77
CA ILE B 252 -24.31 -0.76 -3.34
C ILE B 252 -22.82 -0.42 -3.51
N LEU B 253 -22.44 0.15 -4.66
CA LEU B 253 -21.02 0.47 -4.94
C LEU B 253 -20.46 1.52 -3.99
N THR B 254 -21.26 2.56 -3.71
CA THR B 254 -20.83 3.65 -2.86
C THR B 254 -20.73 3.19 -1.41
N GLU B 255 -21.59 2.26 -0.99
CA GLU B 255 -21.50 1.68 0.35
C GLU B 255 -20.22 0.86 0.53
N LYS B 256 -19.76 0.20 -0.54
CA LYS B 256 -18.48 -0.52 -0.52
C LYS B 256 -17.33 0.44 -0.26
N VAL B 257 -17.36 1.60 -0.92
CA VAL B 257 -16.33 2.63 -0.74
C VAL B 257 -16.43 3.27 0.64
N ASN B 258 -17.65 3.48 1.13
CA ASN B 258 -17.85 3.90 2.53
C ASN B 258 -17.14 2.94 3.48
N GLN B 259 -17.26 1.64 3.22
CA GLN B 259 -16.69 0.65 4.11
C GLN B 259 -15.16 0.65 4.04
N ILE B 260 -14.59 0.93 2.86
CA ILE B 260 -13.13 1.07 2.74
C ILE B 260 -12.62 2.24 3.64
N ALA B 261 -13.37 3.37 3.65
CA ALA B 261 -13.09 4.53 4.50
C ALA B 261 -13.20 4.15 5.98
N ARG B 262 -14.31 3.52 6.37
CA ARG B 262 -14.49 3.06 7.76
C ARG B 262 -13.34 2.16 8.20
N GLY B 263 -13.04 1.16 7.37
CA GLY B 263 -11.93 0.26 7.63
C GLY B 263 -10.61 1.00 7.81
N ALA B 264 -10.33 1.98 6.94
CA ALA B 264 -9.12 2.80 7.05
C ALA B 264 -9.10 3.55 8.38
N ALA B 265 -10.26 4.06 8.78
CA ALA B 265 -10.41 4.76 10.04
C ALA B 265 -10.05 3.83 11.17
N ILE B 266 -10.55 2.59 11.11
CA ILE B 266 -10.37 1.64 12.21
C ILE B 266 -8.90 1.23 12.31
N GLN B 267 -8.29 0.93 11.18
CA GLN B 267 -6.87 0.63 11.13
C GLN B 267 -6.02 1.63 11.90
N THR B 268 -6.33 2.92 11.75
CA THR B 268 -5.45 4.01 12.19
C THR B 268 -5.88 4.71 13.50
N GLY B 269 -7.00 4.28 14.08
CA GLY B 269 -7.55 4.95 15.26
C GLY B 269 -8.23 6.28 15.01
N CYS B 270 -8.52 6.59 13.74
CA CYS B 270 -9.15 7.85 13.37
C CYS B 270 -10.65 7.74 13.29
N ASP B 271 -11.28 8.90 13.28
CA ASP B 271 -12.68 9.06 13.00
C ASP B 271 -12.80 9.50 11.54
N TYR B 272 -14.02 9.53 11.01
CA TYR B 272 -14.20 9.85 9.60
C TYR B 272 -15.60 10.34 9.25
N GLU B 273 -15.67 11.14 8.19
CA GLU B 273 -16.90 11.48 7.51
C GLU B 273 -16.77 10.99 6.08
N PHE B 274 -17.91 10.67 5.49
CA PHE B 274 -17.97 10.17 4.11
C PHE B 274 -19.38 10.45 3.64
N GLY B 275 -19.54 11.26 2.61
CA GLY B 275 -20.89 11.53 2.12
C GLY B 275 -20.98 12.36 0.87
N PRO B 276 -22.20 12.53 0.35
CA PRO B 276 -22.38 13.30 -0.86
C PRO B 276 -22.26 14.81 -0.66
N ILE B 277 -21.58 15.47 -1.60
CA ILE B 277 -21.50 16.92 -1.65
C ILE B 277 -22.65 17.48 -2.52
N GLN B 278 -23.41 16.60 -3.13
CA GLN B 278 -24.57 17.01 -3.89
C GLN B 278 -25.54 15.87 -3.95
N ASN B 279 -26.81 16.17 -4.17
CA ASN B 279 -27.81 15.12 -4.35
C ASN B 279 -27.39 14.25 -5.54
N GLY B 280 -27.44 12.93 -5.35
CA GLY B 280 -27.03 11.95 -6.37
C GLY B 280 -27.77 12.06 -7.70
N VAL B 281 -27.06 11.77 -8.78
CA VAL B 281 -27.61 11.78 -10.14
C VAL B 281 -28.09 10.36 -10.49
N ASN B 282 -29.21 10.27 -11.22
CA ASN B 282 -29.80 9.00 -11.56
C ASN B 282 -29.79 8.67 -13.06
N GLU B 283 -29.95 7.39 -13.35
CA GLU B 283 -30.04 6.90 -14.71
C GLU B 283 -31.34 7.36 -15.37
N PHE B 284 -31.31 7.54 -16.68
CA PHE B 284 -32.49 7.94 -17.44
C PHE B 284 -33.44 6.77 -17.56
N ILE B 285 -34.73 7.02 -17.34
CA ILE B 285 -35.81 6.13 -17.73
C ILE B 285 -36.48 6.76 -18.95
N LYS B 286 -36.18 6.24 -20.14
CA LYS B 286 -36.68 6.83 -21.38
C LYS B 286 -38.13 6.45 -21.70
N THR B 287 -38.86 7.38 -22.30
CA THR B 287 -40.22 7.11 -22.81
C THR B 287 -40.16 7.19 -24.35
N PRO B 288 -40.03 6.03 -25.02
CA PRO B 288 -39.83 5.98 -26.49
C PRO B 288 -40.90 6.70 -27.32
N LYS B 289 -42.17 6.61 -26.92
CA LYS B 289 -43.26 7.37 -27.58
C LYS B 289 -43.10 8.90 -27.45
N LEU B 290 -42.44 9.38 -26.39
CA LEU B 290 -42.14 10.83 -26.23
C LEU B 290 -40.96 11.27 -27.12
N ASP B 291 -40.02 10.36 -27.35
CA ASP B 291 -38.91 10.61 -28.29
C ASP B 291 -39.36 10.47 -29.76
N ASP B 292 -40.31 9.57 -30.00
CA ASP B 292 -40.97 9.48 -31.30
C ASP B 292 -41.56 10.85 -31.67
N LEU B 293 -42.27 11.45 -30.72
CA LEU B 293 -42.85 12.80 -30.87
C LEU B 293 -41.78 13.85 -31.17
N PHE B 294 -40.63 13.74 -30.48
CA PHE B 294 -39.49 14.64 -30.69
C PHE B 294 -38.90 14.47 -32.09
N ALA B 295 -38.73 13.22 -32.50
CA ALA B 295 -38.17 12.93 -33.82
C ALA B 295 -39.10 13.49 -34.88
N LYS B 296 -40.41 13.28 -34.71
CA LYS B 296 -41.41 13.76 -35.66
C LYS B 296 -41.27 15.26 -35.91
N TYR B 297 -41.20 16.06 -34.86
CA TYR B 297 -41.08 17.50 -35.04
C TYR B 297 -39.64 17.94 -35.35
N ALA B 298 -38.63 17.16 -34.94
CA ALA B 298 -37.25 17.41 -35.37
C ALA B 298 -37.18 17.34 -36.90
N GLU B 299 -37.87 16.35 -37.48
CA GLU B 299 -37.94 16.16 -38.93
C GLU B 299 -38.82 17.22 -39.62
N GLU B 300 -39.98 17.54 -39.06
CA GLU B 300 -40.85 18.60 -39.58
C GLU B 300 -40.17 19.96 -39.62
N VAL B 301 -39.17 20.17 -38.76
CA VAL B 301 -38.43 21.43 -38.70
C VAL B 301 -37.16 21.44 -39.57
N GLY B 302 -36.80 20.28 -40.13
CA GLY B 302 -35.68 20.18 -41.07
C GLY B 302 -34.38 19.59 -40.53
N GLU B 303 -34.43 18.78 -39.47
CA GLU B 303 -33.26 18.07 -38.96
C GLU B 303 -33.27 16.57 -39.32
N ALA B 304 -32.10 16.01 -39.58
CA ALA B 304 -31.95 14.56 -39.75
C ALA B 304 -31.68 13.95 -38.38
N VAL B 305 -32.70 13.30 -37.81
CA VAL B 305 -32.55 12.59 -36.53
C VAL B 305 -31.84 11.25 -36.81
N ILE B 306 -30.61 11.15 -36.32
CA ILE B 306 -29.76 10.02 -36.60
C ILE B 306 -29.94 8.91 -35.55
N ASP B 307 -29.98 7.67 -36.04
CA ASP B 307 -30.07 6.47 -35.21
C ASP B 307 -28.68 5.83 -35.15
N ASP B 308 -28.05 5.92 -33.98
CA ASP B 308 -26.65 5.52 -33.81
C ASP B 308 -26.33 5.47 -32.29
N ASP B 309 -25.27 4.75 -31.92
CA ASP B 309 -24.77 4.77 -30.53
C ASP B 309 -23.98 6.08 -30.31
N PHE B 310 -24.57 7.01 -29.55
CA PHE B 310 -23.93 8.29 -29.23
C PHE B 310 -23.38 8.30 -27.80
N GLY B 311 -23.21 7.11 -27.22
CA GLY B 311 -22.62 6.94 -25.89
C GLY B 311 -23.61 7.14 -24.76
N TYR B 312 -23.09 7.08 -23.53
CA TYR B 312 -23.90 7.27 -22.32
C TYR B 312 -23.70 8.69 -21.81
N GLY B 313 -24.77 9.28 -21.29
CA GLY B 313 -24.70 10.60 -20.68
C GLY B 313 -24.55 10.47 -19.18
N SER B 314 -24.67 11.60 -18.48
CA SER B 314 -24.50 11.64 -17.03
C SER B 314 -25.08 12.94 -16.50
N THR B 315 -26.41 13.01 -16.40
CA THR B 315 -27.10 14.28 -16.19
C THR B 315 -28.28 14.15 -15.22
N ASP B 316 -28.48 15.17 -14.37
CA ASP B 316 -29.56 15.17 -13.38
C ASP B 316 -30.96 15.17 -14.00
N THR B 317 -31.05 15.42 -15.31
CA THR B 317 -32.31 15.24 -16.04
C THR B 317 -32.80 13.79 -15.91
N GLY B 318 -31.88 12.84 -15.78
CA GLY B 318 -32.25 11.47 -15.49
C GLY B 318 -33.20 11.38 -14.30
N ASN B 319 -32.93 12.17 -13.26
CA ASN B 319 -33.69 12.09 -11.99
C ASN B 319 -35.14 12.45 -12.20
N VAL B 320 -35.36 13.42 -13.09
CA VAL B 320 -36.70 13.91 -13.45
C VAL B 320 -37.48 12.85 -14.23
N SER B 321 -36.75 12.01 -14.98
CA SER B 321 -37.37 10.94 -15.78
C SER B 321 -37.88 9.77 -14.92
N HIS B 322 -37.42 9.69 -13.68
CA HIS B 322 -37.98 8.74 -12.72
C HIS B 322 -39.37 9.16 -12.22
N VAL B 323 -39.67 10.47 -12.33
CA VAL B 323 -40.94 11.03 -11.86
C VAL B 323 -41.98 11.18 -12.98
N VAL B 324 -41.55 11.78 -14.11
CA VAL B 324 -42.44 12.09 -15.24
C VAL B 324 -41.77 11.78 -16.59
N PRO B 325 -42.58 11.60 -17.66
CA PRO B 325 -42.03 11.45 -19.02
C PRO B 325 -41.09 12.59 -19.36
N THR B 326 -39.83 12.27 -19.64
CA THR B 326 -38.79 13.27 -19.86
C THR B 326 -37.99 12.91 -21.12
N ILE B 327 -37.48 13.95 -21.81
CA ILE B 327 -36.51 13.78 -22.91
C ILE B 327 -35.19 14.51 -22.61
N HIS B 328 -34.10 14.08 -23.24
CA HIS B 328 -32.80 14.76 -23.20
C HIS B 328 -32.12 14.51 -24.54
N PRO B 329 -32.71 15.03 -25.63
CA PRO B 329 -32.21 14.80 -26.98
C PRO B 329 -31.16 15.84 -27.34
N HIS B 330 -30.52 15.66 -28.49
CA HIS B 330 -29.52 16.58 -28.97
C HIS B 330 -29.97 17.19 -30.30
N ILE B 331 -29.63 18.46 -30.51
CA ILE B 331 -29.82 19.13 -31.81
C ILE B 331 -28.42 19.47 -32.35
N LYS B 332 -28.17 19.14 -33.62
CA LYS B 332 -26.91 19.45 -34.30
C LYS B 332 -26.57 20.94 -34.21
N ILE B 333 -25.37 21.26 -33.71
CA ILE B 333 -24.87 22.65 -33.73
C ILE B 333 -23.54 22.80 -34.47
N GLY B 334 -23.18 21.81 -35.29
CA GLY B 334 -21.94 21.91 -36.07
C GLY B 334 -21.43 20.57 -36.55
N SER B 335 -20.10 20.48 -36.69
CA SER B 335 -19.44 19.26 -37.16
C SER B 335 -19.83 18.05 -36.33
N ARG B 336 -19.88 16.89 -36.98
CA ARG B 336 -20.05 15.64 -36.27
C ARG B 336 -18.82 15.33 -35.42
N ASN B 337 -17.69 16.01 -35.70
CA ASN B 337 -16.48 15.93 -34.85
C ASN B 337 -16.52 16.82 -33.61
N LEU B 338 -17.62 17.55 -33.40
CA LEU B 338 -17.79 18.36 -32.20
C LEU B 338 -17.79 17.43 -31.01
N VAL B 339 -16.99 17.78 -30.00
CA VAL B 339 -16.92 17.00 -28.75
C VAL B 339 -17.28 17.91 -27.59
N GLY B 340 -18.20 17.47 -26.74
CA GLY B 340 -18.61 18.27 -25.58
C GLY B 340 -17.44 18.66 -24.68
N HIS B 341 -17.57 19.80 -24.03
CA HIS B 341 -16.55 20.34 -23.10
C HIS B 341 -15.21 20.68 -23.75
N THR B 342 -15.25 21.11 -25.01
CA THR B 342 -14.06 21.51 -25.73
C THR B 342 -14.18 22.98 -26.11
N HIS B 343 -13.07 23.57 -26.55
CA HIS B 343 -13.05 24.95 -27.04
C HIS B 343 -13.86 25.09 -28.33
N ARG B 344 -13.76 24.10 -29.21
CA ARG B 344 -14.49 24.12 -30.47
C ARG B 344 -16.00 24.00 -30.25
N PHE B 345 -16.41 23.44 -29.12
CA PHE B 345 -17.84 23.30 -28.76
C PHE B 345 -18.43 24.62 -28.22
N ARG B 346 -17.64 25.36 -27.45
CA ARG B 346 -18.05 26.70 -27.00
C ARG B 346 -18.25 27.61 -28.22
N GLU B 347 -17.27 27.60 -29.12
CA GLU B 347 -17.32 28.39 -30.35
C GLU B 347 -18.59 28.00 -31.12
N ALA B 348 -18.88 26.71 -31.17
CA ALA B 348 -20.05 26.22 -31.90
C ALA B 348 -21.37 26.75 -31.29
N ALA B 349 -21.46 26.80 -29.96
CA ALA B 349 -22.68 27.27 -29.28
C ALA B 349 -22.99 28.76 -29.55
N ALA B 350 -21.99 29.54 -29.98
CA ALA B 350 -22.20 30.96 -30.33
C ALA B 350 -22.03 31.21 -31.84
N SER B 351 -22.49 30.23 -32.64
CA SER B 351 -22.38 30.27 -34.10
C SER B 351 -23.79 30.31 -34.69
N VAL B 352 -23.88 30.49 -36.01
CA VAL B 352 -25.17 30.58 -36.70
C VAL B 352 -25.93 29.26 -36.66
N HIS B 353 -25.20 28.15 -36.78
CA HIS B 353 -25.78 26.80 -36.63
C HIS B 353 -26.37 26.63 -35.20
N GLY B 354 -25.64 27.09 -34.19
CA GLY B 354 -26.09 27.01 -32.79
C GLY B 354 -27.32 27.85 -32.55
N ASP B 355 -27.33 29.04 -33.14
CA ASP B 355 -28.48 29.93 -33.13
C ASP B 355 -29.71 29.27 -33.79
N GLU B 356 -29.50 28.61 -34.94
CA GLU B 356 -30.58 27.89 -35.62
C GLU B 356 -31.14 26.73 -34.77
N ALA B 357 -30.26 26.00 -34.08
CA ALA B 357 -30.68 24.88 -33.24
C ALA B 357 -31.54 25.36 -32.07
N LEU B 358 -31.17 26.50 -31.48
CA LEU B 358 -31.96 27.15 -30.43
C LEU B 358 -33.42 27.33 -30.90
N ILE B 359 -33.59 27.93 -32.08
CA ILE B 359 -34.92 28.23 -32.61
C ILE B 359 -35.65 26.96 -33.03
N LYS B 360 -34.92 26.00 -33.62
CA LYS B 360 -35.51 24.72 -34.02
C LYS B 360 -35.95 23.94 -32.77
N GLY B 361 -35.12 23.97 -31.73
CA GLY B 361 -35.43 23.36 -30.44
C GLY B 361 -36.66 23.97 -29.77
N ALA B 362 -36.77 25.29 -29.82
CA ALA B 362 -37.91 26.00 -29.27
C ALA B 362 -39.20 25.62 -30.02
N LYS B 363 -39.13 25.58 -31.35
CA LYS B 363 -40.25 25.11 -32.18
C LYS B 363 -40.64 23.66 -31.85
N ILE B 364 -39.68 22.74 -31.84
CA ILE B 364 -39.95 21.31 -31.58
C ILE B 364 -40.69 21.15 -30.25
N MSE B 365 -40.17 21.76 -29.20
CA MSE B 365 -40.75 21.59 -27.87
C MSE B 365 -42.14 22.22 -27.76
O MSE B 365 -43.07 21.63 -27.21
CB MSE B 365 -39.83 22.20 -26.80
CG MSE B 365 -38.51 21.47 -26.65
SE MSE B 365 -37.41 22.25 -25.21
CE MSE B 365 -36.47 23.66 -26.22
N ALA B 366 -42.26 23.43 -28.30
CA ALA B 366 -43.53 24.14 -28.30
C ALA B 366 -44.62 23.32 -29.01
N LEU B 367 -44.25 22.63 -30.09
CA LEU B 367 -45.19 21.82 -30.86
C LEU B 367 -45.49 20.45 -30.24
N MSE B 368 -44.55 19.91 -29.47
CA MSE B 368 -44.81 18.69 -28.69
C MSE B 368 -45.81 19.02 -27.59
O MSE B 368 -46.77 18.30 -27.39
CB MSE B 368 -43.53 18.16 -28.04
CG MSE B 368 -42.49 17.54 -28.98
SE MSE B 368 -40.81 17.17 -28.02
CE MSE B 368 -41.34 15.50 -27.12
N GLY B 369 -45.55 20.12 -26.87
CA GLY B 369 -46.50 20.63 -25.88
C GLY B 369 -47.90 20.82 -26.46
N LEU B 370 -47.97 21.34 -27.68
CA LEU B 370 -49.26 21.47 -28.37
C LEU B 370 -49.94 20.11 -28.51
N GLU B 371 -49.20 19.10 -28.95
CA GLU B 371 -49.79 17.79 -29.19
C GLU B 371 -50.13 17.04 -27.90
N LEU B 372 -49.35 17.23 -26.83
CA LEU B 372 -49.63 16.56 -25.56
C LEU B 372 -50.89 17.13 -24.85
N ILE B 373 -51.14 18.43 -24.98
CA ILE B 373 -52.33 19.06 -24.38
C ILE B 373 -53.57 18.89 -25.23
N THR B 374 -53.40 19.08 -26.54
CA THR B 374 -54.46 18.90 -27.56
C THR B 374 -54.98 17.47 -27.65
N ASN B 375 -54.06 16.54 -27.83
CA ASN B 375 -54.35 15.11 -27.94
C ASN B 375 -54.32 14.44 -26.55
N GLN B 376 -55.37 13.68 -26.23
CA GLN B 376 -55.45 12.96 -24.96
C GLN B 376 -55.05 11.50 -25.13
N ASP B 377 -55.25 10.94 -26.33
CA ASP B 377 -54.79 9.58 -26.64
C ASP B 377 -53.27 9.50 -26.78
N VAL B 378 -52.64 10.51 -27.38
CA VAL B 378 -51.19 10.54 -27.53
C VAL B 378 -50.52 10.85 -26.19
N TYR B 379 -51.13 11.74 -25.41
CA TYR B 379 -50.71 12.00 -24.05
C TYR B 379 -50.86 10.77 -23.16
N GLN B 380 -52.00 10.08 -23.20
CA GLN B 380 -52.20 8.91 -22.34
C GLN B 380 -51.27 7.76 -22.71
N ASP B 381 -50.99 7.58 -24.00
CA ASP B 381 -50.02 6.58 -24.46
C ASP B 381 -48.67 6.79 -23.78
N ILE B 382 -48.24 8.04 -23.71
CA ILE B 382 -46.95 8.41 -23.09
C ILE B 382 -46.94 8.19 -21.58
N ILE B 383 -47.92 8.76 -20.88
CA ILE B 383 -48.08 8.59 -19.42
C ILE B 383 -48.14 7.12 -18.99
N GLU B 384 -48.94 6.31 -19.70
CA GLU B 384 -49.08 4.88 -19.38
C GLU B 384 -47.81 4.09 -19.75
N GLU B 385 -47.14 4.49 -20.82
CA GLU B 385 -45.85 3.87 -21.18
C GLU B 385 -44.80 4.09 -20.09
N HIS B 386 -44.64 5.35 -19.68
CA HIS B 386 -43.66 5.74 -18.68
C HIS B 386 -43.89 5.04 -17.34
N ALA B 387 -45.13 5.08 -16.85
CA ALA B 387 -45.48 4.46 -15.56
C ALA B 387 -45.26 2.93 -15.57
N HIS B 388 -45.34 2.32 -16.75
CA HIS B 388 -45.05 0.88 -16.94
C HIS B 388 -43.55 0.60 -16.95
N LEU B 389 -42.76 1.54 -17.49
CA LEU B 389 -41.30 1.39 -17.60
C LEU B 389 -40.60 1.68 -16.26
N LYS B 390 -41.27 2.44 -15.38
CA LYS B 390 -40.73 2.73 -14.05
C LYS B 390 -41.39 1.89 -12.94
N MSE C 1 -15.17 -44.03 -58.92
CA MSE C 1 -14.54 -42.70 -59.16
C MSE C 1 -14.60 -41.81 -57.91
O MSE C 1 -14.63 -40.56 -58.01
CB MSE C 1 -15.22 -42.01 -60.36
CG MSE C 1 -14.43 -40.84 -61.02
SE MSE C 1 -14.50 -40.84 -63.02
CE MSE C 1 -16.45 -40.81 -63.37
N GLY C 2 -14.58 -42.43 -56.73
CA GLY C 2 -14.83 -41.75 -55.45
C GLY C 2 -13.91 -42.19 -54.32
N GLU C 3 -12.84 -41.43 -54.11
CA GLU C 3 -11.91 -41.64 -53.00
C GLU C 3 -12.53 -41.22 -51.66
N LYS C 4 -13.54 -40.37 -51.73
CA LYS C 4 -14.38 -40.00 -50.60
C LYS C 4 -14.96 -41.24 -49.90
N GLN C 5 -15.40 -42.22 -50.69
CA GLN C 5 -16.14 -43.36 -50.14
C GLN C 5 -15.25 -44.34 -49.38
N GLN C 6 -14.00 -44.45 -49.79
CA GLN C 6 -13.02 -45.27 -49.07
C GLN C 6 -12.78 -44.73 -47.65
N ILE C 7 -12.62 -43.41 -47.57
CA ILE C 7 -12.39 -42.71 -46.31
C ILE C 7 -13.50 -43.05 -45.30
N LEU C 8 -14.75 -42.89 -45.72
CA LEU C 8 -15.89 -43.10 -44.82
C LEU C 8 -16.09 -44.58 -44.47
N ASP C 9 -15.88 -45.47 -45.44
CA ASP C 9 -15.98 -46.91 -45.21
C ASP C 9 -14.99 -47.41 -44.15
N TYR C 10 -13.77 -46.88 -44.16
CA TYR C 10 -12.79 -47.29 -43.15
C TYR C 10 -13.22 -46.87 -41.74
N ILE C 11 -13.54 -45.58 -41.58
CA ILE C 11 -13.91 -45.02 -40.26
C ILE C 11 -15.18 -45.67 -39.73
N GLU C 12 -16.15 -45.91 -40.62
CA GLU C 12 -17.46 -46.45 -40.23
C GLU C 12 -17.42 -47.95 -39.91
N THR C 13 -16.58 -48.72 -40.61
CA THR C 13 -16.51 -50.17 -40.37
C THR C 13 -15.77 -50.50 -39.06
N ASN C 14 -14.62 -49.87 -38.82
CA ASN C 14 -13.93 -50.02 -37.50
C ASN C 14 -13.86 -48.73 -36.68
N LYS C 15 -15.05 -48.19 -36.39
CA LYS C 15 -15.21 -47.09 -35.44
C LYS C 15 -15.09 -47.54 -33.97
N TYR C 16 -15.58 -48.73 -33.65
CA TYR C 16 -15.58 -49.26 -32.28
C TYR C 16 -14.19 -49.48 -31.70
N SER C 17 -13.24 -49.81 -32.58
CA SER C 17 -11.83 -49.92 -32.21
C SER C 17 -11.30 -48.60 -31.67
N TYR C 18 -11.78 -47.49 -32.26
CA TYR C 18 -11.34 -46.15 -31.90
C TYR C 18 -12.11 -45.59 -30.70
N ILE C 19 -13.39 -45.90 -30.62
CA ILE C 19 -14.20 -45.55 -29.43
C ILE C 19 -13.62 -46.20 -28.16
N GLU C 20 -13.08 -47.41 -28.29
CA GLU C 20 -12.36 -48.07 -27.20
C GLU C 20 -11.19 -47.18 -26.74
N ILE C 21 -10.33 -46.79 -27.68
CA ILE C 21 -9.17 -45.95 -27.37
C ILE C 21 -9.56 -44.69 -26.57
N SER C 22 -10.65 -44.05 -26.98
CA SER C 22 -11.17 -42.89 -26.28
C SER C 22 -11.58 -43.22 -24.84
N HIS C 23 -12.28 -44.35 -24.62
CA HIS C 23 -12.68 -44.74 -23.26
C HIS C 23 -11.49 -45.15 -22.38
N ARG C 24 -10.45 -45.70 -23.01
CA ARG C 24 -9.23 -46.11 -22.31
C ARG C 24 -8.44 -44.90 -21.84
N ILE C 25 -8.32 -43.89 -22.71
CA ILE C 25 -7.72 -42.61 -22.35
C ILE C 25 -8.56 -41.92 -21.27
N HIS C 26 -9.88 -42.09 -21.34
CA HIS C 26 -10.82 -41.44 -20.44
C HIS C 26 -10.81 -42.02 -19.02
N GLU C 27 -10.74 -43.36 -18.92
CA GLU C 27 -10.61 -44.08 -17.65
C GLU C 27 -9.29 -43.75 -16.92
N ARG C 28 -8.26 -43.37 -17.69
CA ARG C 28 -6.92 -43.07 -17.18
C ARG C 28 -6.49 -41.63 -17.48
N PRO C 29 -7.05 -40.65 -16.76
CA PRO C 29 -6.67 -39.26 -16.97
C PRO C 29 -5.22 -38.97 -16.57
N GLU C 30 -4.53 -38.19 -17.40
CA GLU C 30 -3.15 -37.81 -17.16
C GLU C 30 -2.97 -36.30 -17.33
N LEU C 31 -2.39 -35.65 -16.31
CA LEU C 31 -2.21 -34.20 -16.33
C LEU C 31 -1.16 -33.84 -17.38
N GLY C 32 -1.18 -32.60 -17.86
CA GLY C 32 -0.20 -32.12 -18.84
C GLY C 32 1.26 -32.48 -18.61
N ASN C 33 1.91 -32.91 -19.71
CA ASN C 33 3.30 -33.42 -19.74
C ASN C 33 3.55 -34.72 -18.98
N GLU C 34 2.46 -35.40 -18.60
CA GLU C 34 2.52 -36.70 -17.94
C GLU C 34 1.62 -37.72 -18.63
N GLU C 35 1.32 -37.48 -19.90
CA GLU C 35 0.35 -38.30 -20.65
C GLU C 35 1.07 -39.46 -21.32
N ILE C 36 1.61 -40.36 -20.49
CA ILE C 36 2.38 -41.52 -20.96
C ILE C 36 1.48 -42.55 -21.66
N PHE C 37 0.39 -42.94 -20.99
CA PHE C 37 -0.58 -43.87 -21.57
C PHE C 37 -1.24 -43.31 -22.84
N ALA C 38 -1.81 -42.11 -22.74
CA ALA C 38 -2.48 -41.51 -23.89
C ALA C 38 -1.56 -41.42 -25.11
N SER C 39 -0.36 -40.88 -24.93
CA SER C 39 0.52 -40.63 -26.08
C SER C 39 0.94 -41.94 -26.75
N ARG C 40 1.21 -42.94 -25.92
CA ARG C 40 1.62 -44.27 -26.41
C ARG C 40 0.49 -45.03 -27.06
N THR C 41 -0.71 -44.97 -26.48
CA THR C 41 -1.91 -45.61 -27.05
C THR C 41 -2.23 -45.05 -28.44
N LEU C 42 -2.21 -43.72 -28.57
CA LEU C 42 -2.39 -43.07 -29.87
C LEU C 42 -1.23 -43.35 -30.84
N ILE C 43 0.02 -43.27 -30.39
CA ILE C 43 1.21 -43.58 -31.21
C ILE C 43 1.15 -45.03 -31.74
N ASP C 44 0.77 -45.96 -30.89
CA ASP C 44 0.66 -47.37 -31.30
C ASP C 44 -0.39 -47.57 -32.41
N ARG C 45 -1.49 -46.82 -32.36
CA ARG C 45 -2.50 -46.89 -33.42
C ARG C 45 -2.00 -46.32 -34.77
N LEU C 46 -1.22 -45.24 -34.70
CA LEU C 46 -0.62 -44.65 -35.89
C LEU C 46 0.45 -45.58 -36.51
N LYS C 47 1.36 -46.11 -35.69
CA LYS C 47 2.35 -47.11 -36.13
C LYS C 47 1.70 -48.30 -36.87
N GLU C 48 0.52 -48.71 -36.39
CA GLU C 48 -0.26 -49.82 -36.96
C GLU C 48 -0.67 -49.54 -38.41
N HIS C 49 -0.72 -48.26 -38.80
CA HIS C 49 -1.12 -47.84 -40.15
C HIS C 49 0.01 -47.14 -40.93
N ASP C 50 1.25 -47.53 -40.64
CA ASP C 50 2.45 -47.18 -41.44
C ASP C 50 2.95 -45.73 -41.27
N PHE C 51 2.50 -45.04 -40.22
CA PHE C 51 2.96 -43.68 -39.95
C PHE C 51 4.38 -43.68 -39.40
N GLU C 52 5.22 -42.77 -39.87
CA GLU C 52 6.56 -42.57 -39.30
C GLU C 52 6.49 -41.67 -38.07
N ILE C 53 7.14 -42.08 -36.98
CA ILE C 53 7.01 -41.40 -35.68
C ILE C 53 8.30 -40.75 -35.15
N GLU C 54 8.16 -39.49 -34.75
CA GLU C 54 9.18 -38.76 -33.99
C GLU C 54 8.55 -38.40 -32.65
N THR C 55 9.26 -38.67 -31.56
CA THR C 55 8.76 -38.34 -30.22
C THR C 55 9.70 -37.35 -29.54
N GLU C 56 9.19 -36.74 -28.47
CA GLU C 56 9.87 -35.67 -27.71
C GLU C 56 10.11 -34.39 -28.51
N ILE C 57 9.02 -33.64 -28.68
CA ILE C 57 9.02 -32.49 -29.56
C ILE C 57 9.07 -31.21 -28.70
N ALA C 58 10.06 -30.37 -28.99
CA ALA C 58 10.17 -29.02 -28.43
C ALA C 58 10.26 -28.99 -26.90
N GLY C 59 10.91 -30.00 -26.33
CA GLY C 59 11.08 -30.10 -24.89
C GLY C 59 9.89 -30.73 -24.19
N HIS C 60 9.02 -31.38 -24.95
CA HIS C 60 7.83 -32.05 -24.38
C HIS C 60 7.94 -33.57 -24.58
N ALA C 61 8.31 -34.28 -23.51
CA ALA C 61 8.53 -35.75 -23.57
C ALA C 61 7.36 -36.56 -24.14
N THR C 62 6.13 -36.10 -23.91
CA THR C 62 4.90 -36.81 -24.30
C THR C 62 4.33 -36.34 -25.65
N GLY C 63 5.10 -35.52 -26.36
CA GLY C 63 4.71 -35.01 -27.66
C GLY C 63 5.22 -35.89 -28.78
N PHE C 64 4.59 -35.78 -29.95
CA PHE C 64 5.03 -36.55 -31.11
C PHE C 64 4.60 -35.94 -32.45
N ILE C 65 5.21 -36.45 -33.52
CA ILE C 65 4.82 -36.13 -34.90
C ILE C 65 4.75 -37.43 -35.65
N ALA C 66 3.54 -37.82 -36.06
CA ALA C 66 3.33 -39.03 -36.85
C ALA C 66 3.09 -38.58 -38.28
N THR C 67 3.96 -38.99 -39.20
CA THR C 67 3.86 -38.58 -40.60
C THR C 67 3.56 -39.76 -41.53
N TYR C 68 2.68 -39.56 -42.49
CA TYR C 68 2.58 -40.47 -43.64
C TYR C 68 2.65 -39.70 -44.96
N ASP C 69 3.77 -39.81 -45.66
CA ASP C 69 3.99 -39.07 -46.91
C ASP C 69 3.78 -40.02 -48.10
N SER C 70 3.01 -39.55 -49.09
CA SER C 70 2.82 -40.31 -50.34
C SER C 70 4.07 -40.25 -51.22
N GLY C 71 4.83 -39.16 -51.12
CA GLY C 71 5.99 -38.93 -51.96
C GLY C 71 5.65 -38.06 -53.16
N LEU C 72 4.37 -37.74 -53.32
CA LEU C 72 3.89 -36.91 -54.43
C LEU C 72 3.62 -35.50 -53.92
N ASP C 73 3.74 -34.51 -54.83
CA ASP C 73 3.53 -33.10 -54.49
C ASP C 73 2.11 -32.88 -53.98
N GLY C 74 1.95 -32.01 -53.00
CA GLY C 74 0.65 -31.75 -52.46
C GLY C 74 0.72 -31.19 -51.06
N PRO C 75 -0.41 -30.66 -50.57
CA PRO C 75 -0.47 -30.14 -49.21
C PRO C 75 -0.27 -31.18 -48.10
N ALA C 76 0.38 -30.74 -47.02
CA ALA C 76 0.57 -31.53 -45.81
C ALA C 76 -0.52 -31.15 -44.83
N ILE C 77 -1.49 -32.04 -44.65
CA ILE C 77 -2.64 -31.73 -43.83
C ILE C 77 -2.42 -32.27 -42.42
N GLY C 78 -2.42 -31.35 -41.46
CA GLY C 78 -2.09 -31.66 -40.06
C GLY C 78 -3.32 -31.82 -39.18
N PHE C 79 -3.26 -32.81 -38.29
CA PHE C 79 -4.33 -33.05 -37.33
C PHE C 79 -3.75 -32.91 -35.93
N LEU C 80 -4.39 -32.10 -35.10
CA LEU C 80 -3.90 -31.83 -33.75
C LEU C 80 -4.54 -32.83 -32.78
N ALA C 81 -3.71 -33.58 -32.05
CA ALA C 81 -4.18 -34.50 -31.02
C ALA C 81 -3.91 -33.93 -29.63
N GLU C 82 -4.94 -33.81 -28.81
CA GLU C 82 -4.83 -33.38 -27.42
C GLU C 82 -5.23 -34.53 -26.52
N TYR C 83 -4.61 -34.62 -25.34
CA TYR C 83 -4.90 -35.75 -24.47
C TYR C 83 -4.60 -35.54 -23.00
N ASP C 84 -4.58 -34.28 -22.57
CA ASP C 84 -4.40 -34.00 -21.15
C ASP C 84 -5.73 -33.76 -20.42
N ALA C 85 -5.79 -34.25 -19.18
CA ALA C 85 -6.94 -34.10 -18.31
C ALA C 85 -6.64 -33.01 -17.30
N LEU C 86 -7.58 -32.79 -16.39
CA LEU C 86 -7.49 -31.73 -15.40
C LEU C 86 -7.28 -32.32 -13.99
N PRO C 87 -6.65 -31.54 -13.08
CA PRO C 87 -6.48 -32.08 -11.73
C PRO C 87 -7.83 -32.17 -11.05
N GLY C 88 -8.14 -33.35 -10.50
CA GLY C 88 -9.37 -33.54 -9.74
C GLY C 88 -10.62 -33.83 -10.56
N LEU C 89 -10.69 -33.30 -11.79
CA LEU C 89 -11.86 -33.48 -12.64
C LEU C 89 -11.61 -34.58 -13.68
N GLY C 90 -10.38 -34.65 -14.19
CA GLY C 90 -9.93 -35.75 -15.05
C GLY C 90 -10.73 -35.97 -16.34
N HIS C 91 -10.50 -35.11 -17.32
CA HIS C 91 -11.16 -35.16 -18.65
C HIS C 91 -12.57 -34.56 -18.68
N ALA C 92 -12.74 -33.47 -17.93
CA ALA C 92 -13.95 -32.66 -17.96
C ALA C 92 -13.90 -31.59 -19.08
N CYS C 93 -12.90 -31.68 -19.95
CA CYS C 93 -12.83 -30.92 -21.20
C CYS C 93 -12.98 -31.85 -22.42
N GLY C 94 -12.93 -33.18 -22.19
CA GLY C 94 -13.14 -34.17 -23.26
C GLY C 94 -11.97 -34.31 -24.22
N HIS C 95 -10.76 -34.33 -23.68
CA HIS C 95 -9.57 -34.43 -24.51
C HIS C 95 -9.31 -35.88 -24.93
N ASN C 96 -9.97 -36.82 -24.25
CA ASN C 96 -9.98 -38.22 -24.71
C ASN C 96 -10.49 -38.32 -26.15
N ILE C 97 -11.50 -37.51 -26.48
CA ILE C 97 -12.14 -37.45 -27.81
C ILE C 97 -11.29 -36.67 -28.85
N ILE C 98 -10.68 -35.55 -28.44
CA ILE C 98 -9.94 -34.71 -29.39
C ILE C 98 -8.81 -35.51 -30.05
N GLY C 99 -7.99 -36.15 -29.22
CA GLY C 99 -6.83 -36.91 -29.69
C GLY C 99 -7.19 -38.16 -30.46
N THR C 100 -8.22 -38.86 -30.00
CA THR C 100 -8.73 -40.03 -30.73
C THR C 100 -9.31 -39.61 -32.09
N ALA C 101 -10.18 -38.61 -32.12
CA ALA C 101 -10.83 -38.18 -33.37
C ALA C 101 -9.82 -37.73 -34.43
N SER C 102 -8.73 -37.09 -34.01
CA SER C 102 -7.72 -36.59 -34.97
C SER C 102 -6.91 -37.77 -35.53
N VAL C 103 -6.51 -38.68 -34.65
CA VAL C 103 -5.80 -39.88 -35.09
C VAL C 103 -6.70 -40.68 -36.05
N LEU C 104 -7.97 -40.84 -35.71
CA LEU C 104 -8.91 -41.55 -36.58
C LEU C 104 -9.09 -40.84 -37.92
N GLY C 105 -9.16 -39.50 -37.89
CA GLY C 105 -9.32 -38.68 -39.09
C GLY C 105 -8.11 -38.78 -40.00
N ALA C 106 -6.92 -38.75 -39.40
CA ALA C 106 -5.66 -38.87 -40.15
C ALA C 106 -5.49 -40.25 -40.77
N ILE C 107 -5.86 -41.30 -40.04
CA ILE C 107 -5.81 -42.69 -40.56
C ILE C 107 -6.89 -42.90 -41.62
N GLY C 108 -8.02 -42.21 -41.47
CA GLY C 108 -9.08 -42.21 -42.47
C GLY C 108 -8.59 -41.64 -43.79
N LEU C 109 -7.92 -40.49 -43.72
CA LEU C 109 -7.32 -39.85 -44.91
C LEU C 109 -6.11 -40.60 -45.45
N LYS C 110 -5.35 -41.29 -44.58
CA LYS C 110 -4.20 -42.08 -45.03
C LYS C 110 -4.61 -43.15 -46.02
N GLN C 111 -5.82 -43.71 -45.85
CA GLN C 111 -6.33 -44.79 -46.71
C GLN C 111 -6.41 -44.39 -48.20
N VAL C 112 -6.51 -43.09 -48.44
CA VAL C 112 -6.62 -42.54 -49.78
C VAL C 112 -5.35 -41.76 -50.22
N ILE C 113 -4.45 -41.48 -49.29
CA ILE C 113 -3.36 -40.52 -49.53
C ILE C 113 -2.37 -40.93 -50.62
N ASP C 114 -2.19 -42.24 -50.84
CA ASP C 114 -1.26 -42.69 -51.88
C ASP C 114 -1.77 -42.37 -53.28
N GLN C 115 -3.08 -42.16 -53.41
CA GLN C 115 -3.75 -41.88 -54.69
C GLN C 115 -3.86 -40.38 -55.02
N ILE C 116 -4.25 -39.57 -54.03
CA ILE C 116 -4.46 -38.12 -54.23
C ILE C 116 -3.18 -37.27 -54.07
N GLY C 117 -2.12 -37.90 -53.56
CA GLY C 117 -0.85 -37.22 -53.35
C GLY C 117 -0.85 -36.44 -52.06
N GLY C 118 0.27 -35.76 -51.80
CA GLY C 118 0.40 -34.95 -50.60
C GLY C 118 0.85 -35.75 -49.40
N LYS C 119 0.39 -35.32 -48.22
CA LYS C 119 0.93 -35.81 -46.96
C LYS C 119 -0.08 -35.64 -45.81
N VAL C 120 -0.09 -36.58 -44.87
CA VAL C 120 -0.91 -36.50 -43.65
C VAL C 120 0.03 -36.51 -42.44
N VAL C 121 -0.18 -35.59 -41.50
CA VAL C 121 0.67 -35.49 -40.29
C VAL C 121 -0.20 -35.35 -39.05
N VAL C 122 0.11 -36.08 -37.99
CA VAL C 122 -0.58 -35.89 -36.71
C VAL C 122 0.41 -35.32 -35.70
N LEU C 123 0.03 -34.21 -35.07
CA LEU C 123 0.85 -33.60 -34.04
C LEU C 123 0.25 -33.93 -32.69
N GLY C 124 0.96 -34.75 -31.92
CA GLY C 124 0.60 -35.00 -30.53
C GLY C 124 0.98 -33.77 -29.70
N CYS C 125 -0.02 -33.17 -29.06
CA CYS C 125 0.12 -31.83 -28.47
C CYS C 125 -0.21 -31.83 -26.98
N PRO C 126 0.78 -32.15 -26.14
CA PRO C 126 0.46 -32.27 -24.70
C PRO C 126 0.13 -30.95 -24.01
N ALA C 127 -0.47 -31.07 -22.83
CA ALA C 127 -0.64 -29.96 -21.88
C ALA C 127 -1.31 -28.70 -22.44
N GLU C 128 -2.40 -28.83 -23.20
CA GLU C 128 -3.09 -27.63 -23.71
C GLU C 128 -3.79 -26.87 -22.58
N GLU C 129 -4.10 -27.57 -21.49
CA GLU C 129 -4.73 -26.94 -20.33
C GLU C 129 -3.78 -25.97 -19.62
N GLY C 130 -2.48 -26.10 -19.90
CA GLY C 130 -1.47 -25.14 -19.41
C GLY C 130 -0.67 -25.70 -18.26
N GLY C 131 -0.06 -24.79 -17.50
CA GLY C 131 0.80 -25.13 -16.36
C GLY C 131 2.26 -24.84 -16.62
N GLU C 132 3.15 -25.54 -15.91
CA GLU C 132 4.59 -25.39 -16.12
C GLU C 132 5.04 -26.23 -17.31
N ASN C 133 5.89 -25.62 -18.14
CA ASN C 133 6.15 -26.06 -19.54
C ASN C 133 4.88 -26.59 -20.23
N GLY C 134 3.81 -25.80 -20.15
CA GLY C 134 2.52 -26.19 -20.70
C GLY C 134 2.41 -25.63 -22.10
N SER C 135 1.23 -25.82 -22.68
CA SER C 135 0.87 -25.30 -23.99
C SER C 135 1.87 -25.76 -25.05
N ALA C 136 1.85 -27.07 -25.31
CA ALA C 136 2.82 -27.69 -26.21
C ALA C 136 2.82 -27.02 -27.58
N LYS C 137 1.66 -26.67 -28.11
CA LYS C 137 1.61 -26.07 -29.44
C LYS C 137 2.36 -24.73 -29.51
N ALA C 138 2.41 -23.99 -28.40
CA ALA C 138 3.19 -22.75 -28.35
C ALA C 138 4.67 -23.05 -28.60
N SER C 139 5.14 -24.15 -28.02
CA SER C 139 6.53 -24.60 -28.18
C SER C 139 6.78 -25.07 -29.59
N TYR C 140 5.79 -25.73 -30.19
CA TYR C 140 5.92 -26.25 -31.54
C TYR C 140 6.06 -25.10 -32.50
N VAL C 141 5.23 -24.08 -32.36
CA VAL C 141 5.30 -22.90 -33.22
C VAL C 141 6.73 -22.35 -33.15
N LYS C 142 7.16 -22.07 -31.93
CA LYS C 142 8.45 -21.43 -31.67
C LYS C 142 9.63 -22.31 -32.16
N ALA C 143 9.48 -23.63 -32.06
CA ALA C 143 10.51 -24.60 -32.50
C ALA C 143 10.53 -24.86 -34.02
N GLY C 144 9.59 -24.30 -34.77
CA GLY C 144 9.50 -24.54 -36.22
C GLY C 144 8.88 -25.89 -36.59
N VAL C 145 8.15 -26.48 -35.65
CA VAL C 145 7.46 -27.74 -35.90
C VAL C 145 6.27 -27.55 -36.87
N ILE C 146 5.67 -26.36 -36.88
CA ILE C 146 4.47 -26.14 -37.70
C ILE C 146 4.80 -25.84 -39.17
N ASP C 147 6.08 -25.72 -39.50
CA ASP C 147 6.52 -25.63 -40.91
C ASP C 147 6.30 -26.97 -41.67
N GLN C 148 6.15 -28.04 -40.89
CA GLN C 148 5.92 -29.39 -41.42
C GLN C 148 4.48 -29.63 -41.86
N ILE C 149 3.56 -28.75 -41.51
CA ILE C 149 2.16 -28.88 -41.96
C ILE C 149 1.76 -27.61 -42.71
N ASP C 150 0.77 -27.73 -43.58
CA ASP C 150 0.23 -26.59 -44.36
C ASP C 150 -1.12 -26.11 -43.85
N ILE C 151 -1.88 -27.01 -43.24
CA ILE C 151 -3.19 -26.74 -42.64
C ILE C 151 -3.31 -27.49 -41.30
N ALA C 152 -3.92 -26.84 -40.31
CA ALA C 152 -4.09 -27.46 -38.97
C ALA C 152 -5.58 -27.68 -38.67
N LEU C 153 -5.97 -28.96 -38.60
CA LEU C 153 -7.34 -29.38 -38.38
C LEU C 153 -7.46 -29.94 -36.97
N MSE C 154 -8.67 -29.89 -36.42
CA MSE C 154 -8.94 -30.32 -35.05
C MSE C 154 -10.45 -30.20 -34.82
O MSE C 154 -11.12 -29.49 -35.55
CB MSE C 154 -8.20 -29.39 -34.10
CG MSE C 154 -8.27 -29.72 -32.63
SE MSE C 154 -7.76 -28.14 -31.58
CE MSE C 154 -8.54 -28.70 -29.85
N ILE C 155 -10.99 -30.92 -33.83
CA ILE C 155 -12.37 -30.71 -33.33
C ILE C 155 -12.36 -30.76 -31.80
N HIS C 156 -13.21 -29.98 -31.16
CA HIS C 156 -13.31 -30.01 -29.70
C HIS C 156 -14.75 -30.34 -29.31
N PRO C 157 -14.95 -31.24 -28.33
CA PRO C 157 -16.32 -31.43 -27.84
C PRO C 157 -16.91 -30.21 -27.12
N GLY C 158 -18.21 -29.99 -27.27
CA GLY C 158 -18.86 -28.81 -26.69
C GLY C 158 -20.35 -29.02 -26.44
N ASN C 159 -20.99 -27.97 -25.95
CA ASN C 159 -22.45 -27.99 -25.72
C ASN C 159 -23.26 -27.98 -27.02
N GLU C 160 -22.62 -27.61 -28.14
CA GLU C 160 -23.20 -27.73 -29.48
C GLU C 160 -22.13 -27.76 -30.58
N THR C 161 -22.56 -27.89 -31.84
CA THR C 161 -21.64 -27.84 -32.98
C THR C 161 -21.58 -26.40 -33.54
N TYR C 162 -20.37 -25.86 -33.61
CA TYR C 162 -20.11 -24.50 -34.15
C TYR C 162 -18.71 -24.34 -34.71
N LYS C 163 -18.53 -23.25 -35.46
CA LYS C 163 -17.25 -22.89 -36.05
C LYS C 163 -16.27 -22.37 -35.00
N THR C 164 -15.02 -22.17 -35.41
CA THR C 164 -13.95 -21.61 -34.57
C THR C 164 -14.42 -20.36 -33.84
N ILE C 165 -14.14 -20.29 -32.54
CA ILE C 165 -14.43 -19.07 -31.74
C ILE C 165 -13.16 -18.20 -31.70
N ASP C 166 -13.32 -16.93 -31.32
CA ASP C 166 -12.18 -16.06 -31.05
C ASP C 166 -11.55 -16.49 -29.72
N THR C 167 -10.22 -16.38 -29.62
CA THR C 167 -9.55 -16.69 -28.36
C THR C 167 -8.65 -15.54 -27.95
N LEU C 168 -8.12 -15.62 -26.73
CA LEU C 168 -7.40 -14.53 -26.09
C LEU C 168 -5.94 -14.91 -25.87
N ALA C 169 -5.08 -13.90 -25.75
CA ALA C 169 -3.68 -14.14 -25.49
C ALA C 169 -3.47 -14.20 -23.98
N VAL C 170 -2.69 -15.18 -23.50
CA VAL C 170 -2.36 -15.31 -22.06
C VAL C 170 -0.86 -15.49 -21.80
N ASP C 171 -0.40 -14.93 -20.69
CA ASP C 171 0.94 -15.18 -20.15
C ASP C 171 0.79 -15.76 -18.73
N VAL C 172 1.65 -16.71 -18.36
CA VAL C 172 1.66 -17.23 -16.99
C VAL C 172 3.04 -16.98 -16.40
N LEU C 173 3.10 -16.22 -15.32
CA LEU C 173 4.34 -15.55 -14.94
C LEU C 173 4.76 -15.87 -13.49
N ASP C 174 6.07 -15.91 -13.26
CA ASP C 174 6.59 -15.95 -11.91
C ASP C 174 7.19 -14.59 -11.58
N VAL C 175 6.88 -14.10 -10.37
CA VAL C 175 7.56 -12.97 -9.78
C VAL C 175 8.29 -13.54 -8.57
N LYS C 176 9.61 -13.35 -8.52
CA LYS C 176 10.40 -13.74 -7.35
C LYS C 176 11.24 -12.55 -6.88
N PHE C 177 11.33 -12.35 -5.56
CA PHE C 177 12.12 -11.24 -5.01
C PHE C 177 13.23 -11.77 -4.10
N TYR C 178 14.42 -11.21 -4.25
CA TYR C 178 15.60 -11.71 -3.58
C TYR C 178 16.20 -10.59 -2.75
N GLY C 179 16.16 -10.75 -1.42
CA GLY C 179 16.67 -9.75 -0.48
C GLY C 179 17.81 -10.31 0.36
N LYS C 180 17.78 -9.99 1.66
CA LYS C 180 18.84 -10.39 2.59
C LYS C 180 18.25 -10.52 4.01
N SER C 181 18.34 -11.69 4.60
CA SER C 181 17.71 -11.93 5.90
C SER C 181 18.47 -11.29 7.05
N ALA C 182 17.72 -10.98 8.10
CA ALA C 182 18.27 -10.56 9.39
C ALA C 182 17.23 -10.89 10.44
N HIS C 183 17.62 -10.83 11.71
CA HIS C 183 16.68 -11.00 12.81
C HIS C 183 15.85 -9.72 12.88
N ALA C 184 14.53 -9.86 12.82
CA ALA C 184 13.61 -8.74 12.71
C ALA C 184 13.59 -7.80 13.92
N SER C 185 13.72 -8.35 15.13
CA SER C 185 13.71 -7.54 16.35
C SER C 185 15.04 -6.82 16.55
N GLU C 186 16.14 -7.48 16.23
CA GLU C 186 17.45 -7.08 16.72
C GLU C 186 18.29 -6.30 15.71
N ASN C 187 18.27 -6.72 14.44
CA ASN C 187 19.02 -6.01 13.40
C ASN C 187 18.37 -6.03 12.02
N ALA C 188 17.13 -5.57 11.96
CA ALA C 188 16.40 -5.41 10.70
C ALA C 188 16.99 -4.32 9.83
N ASP C 189 17.87 -3.49 10.40
CA ASP C 189 18.57 -2.46 9.63
C ASP C 189 19.64 -3.02 8.68
N GLU C 190 19.96 -4.31 8.82
CA GLU C 190 20.91 -4.97 7.93
C GLU C 190 20.22 -5.87 6.93
N ALA C 191 18.90 -5.74 6.79
CA ALA C 191 18.10 -6.61 5.92
C ALA C 191 17.65 -5.88 4.67
N LEU C 192 17.40 -6.66 3.62
CA LEU C 192 16.71 -6.22 2.42
C LEU C 192 15.44 -7.09 2.31
N ASN C 193 14.27 -6.46 2.42
CA ASN C 193 13.02 -7.19 2.71
C ASN C 193 12.35 -7.66 1.41
N ALA C 194 12.43 -8.95 1.14
CA ALA C 194 11.84 -9.50 -0.06
C ALA C 194 10.31 -9.57 0.07
N LEU C 195 9.78 -9.53 1.31
CA LEU C 195 8.32 -9.50 1.53
C LEU C 195 7.75 -8.11 1.35
N ASP C 196 8.49 -7.09 1.77
CA ASP C 196 8.06 -5.72 1.50
C ASP C 196 8.07 -5.50 0.01
N ALA C 197 9.06 -6.04 -0.69
CA ALA C 197 9.08 -5.96 -2.15
C ALA C 197 7.80 -6.57 -2.71
N MSE C 198 7.42 -7.75 -2.22
CA MSE C 198 6.21 -8.43 -2.71
C MSE C 198 4.95 -7.61 -2.47
O MSE C 198 4.11 -7.51 -3.35
CB MSE C 198 6.07 -9.81 -2.08
CG MSE C 198 4.93 -10.67 -2.68
SE MSE C 198 5.11 -11.00 -4.62
CE MSE C 198 6.34 -12.53 -4.64
N ILE C 199 4.80 -7.06 -1.26
CA ILE C 199 3.62 -6.25 -0.89
C ILE C 199 3.55 -5.01 -1.78
N SER C 200 4.71 -4.44 -2.08
CA SER C 200 4.82 -3.28 -2.94
C SER C 200 4.46 -3.60 -4.39
N TYR C 201 4.84 -4.79 -4.84
CA TYR C 201 4.43 -5.29 -6.16
C TYR C 201 2.91 -5.40 -6.23
N PHE C 202 2.30 -6.03 -5.22
CA PHE C 202 0.86 -6.23 -5.17
C PHE C 202 0.11 -4.92 -5.07
N ASN C 203 0.65 -3.97 -4.31
CA ASN C 203 0.03 -2.66 -4.23
C ASN C 203 0.02 -2.01 -5.62
N GLY C 204 1.11 -2.18 -6.36
CA GLY C 204 1.24 -1.59 -7.69
C GLY C 204 0.32 -2.22 -8.74
N VAL C 205 0.24 -3.54 -8.72
CA VAL C 205 -0.71 -4.28 -9.55
C VAL C 205 -2.17 -3.81 -9.31
N ALA C 206 -2.55 -3.54 -8.06
CA ALA C 206 -3.89 -3.03 -7.73
C ALA C 206 -4.13 -1.68 -8.44
N GLN C 207 -3.15 -0.79 -8.34
CA GLN C 207 -3.20 0.51 -9.02
C GLN C 207 -3.28 0.39 -10.55
N LEU C 208 -2.58 -0.59 -11.11
CA LEU C 208 -2.55 -0.80 -12.54
C LEU C 208 -3.92 -1.02 -13.13
N ARG C 209 -4.83 -1.62 -12.37
CA ARG C 209 -6.16 -2.01 -12.87
C ARG C 209 -7.04 -0.84 -13.33
N GLN C 210 -6.80 0.34 -12.78
CA GLN C 210 -7.54 1.53 -13.21
C GLN C 210 -7.17 1.93 -14.64
N HIS C 211 -5.95 1.56 -15.05
CA HIS C 211 -5.34 2.08 -16.27
C HIS C 211 -5.12 1.04 -17.37
N ILE C 212 -5.65 -0.17 -17.20
CA ILE C 212 -5.61 -1.18 -18.26
C ILE C 212 -6.96 -1.16 -18.98
N LYS C 213 -7.01 -1.82 -20.14
CA LYS C 213 -8.25 -1.89 -20.92
C LYS C 213 -9.22 -2.87 -20.28
N LYS C 214 -10.51 -2.70 -20.54
CA LYS C 214 -11.54 -3.48 -19.87
C LYS C 214 -11.54 -4.96 -20.26
N ASP C 215 -10.87 -5.28 -21.37
CA ASP C 215 -10.79 -6.65 -21.89
C ASP C 215 -9.55 -7.40 -21.36
N GLN C 216 -8.78 -6.72 -20.52
CA GLN C 216 -7.51 -7.21 -20.01
C GLN C 216 -7.62 -7.63 -18.55
N ARG C 217 -6.71 -8.50 -18.13
CA ARG C 217 -6.72 -9.03 -16.77
C ARG C 217 -5.30 -9.21 -16.28
N VAL C 218 -5.12 -8.97 -14.98
CA VAL C 218 -3.91 -9.38 -14.23
C VAL C 218 -4.41 -9.87 -12.84
N HIS C 219 -4.01 -11.10 -12.46
CA HIS C 219 -4.41 -11.67 -11.16
C HIS C 219 -3.36 -12.67 -10.69
N GLY C 220 -3.12 -12.73 -9.38
CA GLY C 220 -2.13 -13.65 -8.83
C GLY C 220 -2.19 -13.92 -7.33
N VAL C 221 -1.38 -14.89 -6.90
CA VAL C 221 -1.30 -15.27 -5.49
C VAL C 221 0.16 -15.32 -5.01
N ILE C 222 0.33 -15.29 -3.68
CA ILE C 222 1.66 -15.38 -3.05
C ILE C 222 1.92 -16.83 -2.64
N LEU C 223 2.84 -17.49 -3.36
CA LEU C 223 3.17 -18.88 -3.11
C LEU C 223 4.21 -19.02 -1.98
N ASP C 224 5.15 -18.08 -1.89
CA ASP C 224 6.10 -18.01 -0.75
C ASP C 224 6.14 -16.59 -0.22
N GLY C 225 5.69 -16.40 1.02
CA GLY C 225 5.71 -15.08 1.69
C GLY C 225 6.54 -15.04 2.97
N GLY C 226 7.54 -15.91 3.07
CA GLY C 226 8.42 -15.99 4.24
C GLY C 226 8.07 -17.20 5.06
N LYS C 227 9.01 -17.71 5.86
CA LYS C 227 8.73 -18.91 6.68
C LYS C 227 8.80 -18.71 8.21
N ALA C 228 9.56 -17.72 8.67
CA ALA C 228 9.74 -17.51 10.11
C ALA C 228 9.37 -16.07 10.47
N ALA C 229 8.46 -15.90 11.43
CA ALA C 229 7.97 -14.57 11.78
C ALA C 229 9.08 -13.67 12.29
N ASN C 230 10.14 -14.25 12.87
CA ASN C 230 11.29 -13.51 13.44
C ASN C 230 12.48 -13.19 12.51
N ILE C 231 12.43 -13.67 11.27
CA ILE C 231 13.46 -13.44 10.27
C ILE C 231 12.87 -12.62 9.13
N ILE C 232 13.58 -11.58 8.69
CA ILE C 232 13.16 -10.79 7.54
C ILE C 232 13.36 -11.67 6.30
N PRO C 233 12.29 -11.90 5.51
CA PRO C 233 12.41 -12.82 4.37
C PRO C 233 13.44 -12.37 3.32
N ASP C 234 14.34 -13.26 2.93
CA ASP C 234 15.26 -12.98 1.81
C ASP C 234 14.74 -13.50 0.46
N TYR C 235 13.51 -14.01 0.44
CA TYR C 235 12.95 -14.60 -0.77
C TYR C 235 11.45 -14.70 -0.68
N THR C 236 10.79 -14.25 -1.75
CA THR C 236 9.35 -14.40 -1.91
C THR C 236 9.05 -14.76 -3.36
N HIS C 237 7.90 -15.42 -3.58
CA HIS C 237 7.51 -15.98 -4.87
C HIS C 237 6.00 -15.86 -5.07
N ALA C 238 5.59 -15.20 -6.16
CA ALA C 238 4.16 -15.14 -6.57
C ALA C 238 3.98 -15.76 -7.98
N ARG C 239 2.78 -16.25 -8.24
CA ARG C 239 2.39 -16.62 -9.58
C ARG C 239 1.25 -15.76 -10.09
N PHE C 240 1.38 -15.30 -11.34
CA PHE C 240 0.40 -14.40 -11.98
C PHE C 240 -0.02 -14.84 -13.37
N TYR C 241 -1.25 -14.47 -13.75
CA TYR C 241 -1.71 -14.48 -15.14
C TYR C 241 -1.82 -13.04 -15.67
N THR C 242 -1.58 -12.88 -16.98
CA THR C 242 -1.98 -11.68 -17.70
C THR C 242 -2.70 -12.08 -18.98
N ARG C 243 -3.70 -11.28 -19.38
CA ARG C 243 -4.60 -11.60 -20.49
C ARG C 243 -4.96 -10.32 -21.24
N ALA C 244 -4.93 -10.40 -22.58
CA ALA C 244 -5.35 -9.30 -23.44
C ALA C 244 -6.09 -9.92 -24.61
N MSE C 245 -6.45 -9.09 -25.58
CA MSE C 245 -7.20 -9.56 -26.76
C MSE C 245 -6.28 -10.01 -27.88
O MSE C 245 -6.67 -10.82 -28.71
CB MSE C 245 -8.13 -8.46 -27.26
CG MSE C 245 -9.31 -8.18 -26.30
SE MSE C 245 -10.79 -9.51 -26.44
CE MSE C 245 -11.28 -9.67 -24.50
N THR C 246 -5.07 -9.45 -27.89
CA THR C 246 -4.06 -9.81 -28.88
C THR C 246 -2.73 -10.04 -28.16
N ARG C 247 -1.78 -10.65 -28.85
CA ARG C 247 -0.43 -10.89 -28.31
C ARG C 247 0.36 -9.57 -28.32
N LYS C 248 0.11 -8.71 -29.31
CA LYS C 248 0.77 -7.39 -29.36
C LYS C 248 0.43 -6.53 -28.13
N GLU C 249 -0.84 -6.60 -27.70
CA GLU C 249 -1.38 -5.88 -26.53
C GLU C 249 -0.90 -6.45 -25.20
N LEU C 250 -0.83 -7.78 -25.14
CA LEU C 250 -0.43 -8.50 -23.93
C LEU C 250 1.04 -8.32 -23.62
N ASP C 251 1.88 -8.18 -24.66
CA ASP C 251 3.30 -7.95 -24.45
C ASP C 251 3.49 -6.62 -23.71
N ILE C 252 2.74 -5.59 -24.14
CA ILE C 252 2.69 -4.29 -23.44
C ILE C 252 2.19 -4.43 -21.97
N LEU C 253 1.06 -5.12 -21.76
CA LEU C 253 0.51 -5.31 -20.39
C LEU C 253 1.46 -6.04 -19.48
N THR C 254 2.10 -7.09 -20.00
CA THR C 254 3.03 -7.88 -19.18
C THR C 254 4.29 -7.10 -18.81
N GLU C 255 4.70 -6.18 -19.67
CA GLU C 255 5.88 -5.36 -19.41
C GLU C 255 5.56 -4.29 -18.38
N LYS C 256 4.35 -3.76 -18.41
CA LYS C 256 3.87 -2.88 -17.33
C LYS C 256 3.99 -3.57 -15.98
N VAL C 257 3.53 -4.83 -15.91
CA VAL C 257 3.63 -5.64 -14.70
C VAL C 257 5.10 -5.95 -14.37
N ASN C 258 5.93 -6.14 -15.39
CA ASN C 258 7.40 -6.26 -15.20
C ASN C 258 7.98 -5.03 -14.50
N GLN C 259 7.58 -3.84 -14.95
CA GLN C 259 8.06 -2.61 -14.35
C GLN C 259 7.51 -2.40 -12.94
N ILE C 260 6.33 -2.94 -12.65
CA ILE C 260 5.77 -2.82 -11.30
C ILE C 260 6.64 -3.66 -10.34
N ALA C 261 6.99 -4.87 -10.76
CA ALA C 261 7.93 -5.71 -10.01
C ALA C 261 9.28 -5.00 -9.87
N ARG C 262 9.80 -4.50 -10.97
CA ARG C 262 11.10 -3.82 -10.99
C ARG C 262 11.13 -2.64 -10.03
N GLY C 263 10.08 -1.83 -10.06
CA GLY C 263 9.95 -0.70 -9.14
C GLY C 263 9.92 -1.12 -7.68
N ALA C 264 9.18 -2.20 -7.39
CA ALA C 264 9.17 -2.79 -6.05
C ALA C 264 10.57 -3.20 -5.58
N ALA C 265 11.36 -3.81 -6.47
CA ALA C 265 12.72 -4.23 -6.11
C ALA C 265 13.59 -3.01 -5.83
N ILE C 266 13.42 -1.96 -6.62
CA ILE C 266 14.21 -0.74 -6.42
C ILE C 266 13.87 -0.07 -5.10
N GLN C 267 12.57 -0.05 -4.74
CA GLN C 267 12.11 0.56 -3.49
C GLN C 267 12.76 -0.09 -2.27
N THR C 268 12.88 -1.42 -2.32
CA THR C 268 13.33 -2.20 -1.18
C THR C 268 14.80 -2.58 -1.20
N GLY C 269 15.53 -2.28 -2.28
CA GLY C 269 16.92 -2.68 -2.39
C GLY C 269 17.12 -4.16 -2.70
N CYS C 270 16.03 -4.85 -3.04
CA CYS C 270 16.06 -6.26 -3.42
C CYS C 270 16.38 -6.42 -4.91
N ASP C 271 16.59 -7.67 -5.28
CA ASP C 271 16.69 -8.06 -6.67
C ASP C 271 15.40 -8.78 -7.07
N TYR C 272 15.27 -9.11 -8.34
CA TYR C 272 14.04 -9.75 -8.76
C TYR C 272 14.18 -10.57 -10.02
N GLU C 273 13.28 -11.54 -10.13
CA GLU C 273 13.04 -12.31 -11.34
C GLU C 273 11.58 -12.12 -11.74
N PHE C 274 11.34 -12.04 -13.05
CA PHE C 274 10.00 -11.88 -13.58
C PHE C 274 9.98 -12.46 -14.99
N GLY C 275 9.21 -13.53 -15.17
CA GLY C 275 9.12 -14.15 -16.48
C GLY C 275 8.13 -15.30 -16.56
N PRO C 276 7.85 -15.76 -17.78
CA PRO C 276 6.88 -16.81 -17.99
C PRO C 276 7.36 -18.19 -17.52
N ILE C 277 6.44 -18.97 -16.95
CA ILE C 277 6.69 -20.37 -16.60
C ILE C 277 6.27 -21.32 -17.74
N GLN C 278 5.58 -20.79 -18.75
CA GLN C 278 5.28 -21.50 -19.98
C GLN C 278 5.37 -20.51 -21.14
N ASN C 279 5.49 -21.02 -22.36
CA ASN C 279 5.74 -20.16 -23.54
C ASN C 279 4.79 -18.98 -23.71
N GLY C 280 3.48 -19.26 -23.72
CA GLY C 280 2.51 -18.15 -23.76
C GLY C 280 1.58 -18.25 -24.93
N VAL C 281 0.29 -18.10 -24.65
CA VAL C 281 -0.76 -18.37 -25.62
C VAL C 281 -1.12 -17.11 -26.40
N ASN C 282 -1.49 -17.32 -27.67
CA ASN C 282 -1.76 -16.25 -28.62
C ASN C 282 -3.22 -16.25 -29.09
N GLU C 283 -3.68 -15.09 -29.55
CA GLU C 283 -5.03 -14.94 -30.07
C GLU C 283 -5.20 -15.75 -31.36
N PHE C 284 -6.41 -16.24 -31.58
CA PHE C 284 -6.72 -16.96 -32.80
C PHE C 284 -6.78 -15.97 -33.96
N ILE C 285 -6.16 -16.35 -35.07
CA ILE C 285 -6.42 -15.72 -36.36
C ILE C 285 -7.26 -16.71 -37.17
N LYS C 286 -8.52 -16.38 -37.39
CA LYS C 286 -9.46 -17.29 -38.03
C LYS C 286 -9.42 -17.15 -39.54
N THR C 287 -9.59 -18.28 -40.22
CA THR C 287 -9.71 -18.34 -41.67
C THR C 287 -11.16 -18.80 -41.97
N PRO C 288 -12.09 -17.84 -42.09
CA PRO C 288 -13.50 -18.13 -42.36
C PRO C 288 -13.78 -19.11 -43.50
N LYS C 289 -12.95 -19.14 -44.54
CA LYS C 289 -13.15 -20.06 -45.65
C LYS C 289 -12.84 -21.51 -45.25
N LEU C 290 -11.97 -21.67 -44.25
CA LEU C 290 -11.68 -23.00 -43.65
C LEU C 290 -12.78 -23.43 -42.68
N ASP C 291 -13.36 -22.47 -41.95
CA ASP C 291 -14.49 -22.78 -41.08
C ASP C 291 -15.69 -23.17 -41.94
N ASP C 292 -15.86 -22.50 -43.08
CA ASP C 292 -16.91 -22.80 -44.07
C ASP C 292 -16.82 -24.25 -44.57
N LEU C 293 -15.59 -24.70 -44.80
CA LEU C 293 -15.30 -26.08 -45.24
C LEU C 293 -15.75 -27.04 -44.13
N PHE C 294 -15.42 -26.71 -42.89
CA PHE C 294 -15.88 -27.45 -41.71
C PHE C 294 -17.41 -27.56 -41.64
N ALA C 295 -18.09 -26.42 -41.69
CA ALA C 295 -19.57 -26.36 -41.65
C ALA C 295 -20.21 -27.16 -42.78
N LYS C 296 -19.58 -27.20 -43.95
CA LYS C 296 -20.11 -27.96 -45.08
C LYS C 296 -20.09 -29.45 -44.78
N TYR C 297 -18.98 -29.93 -44.27
CA TYR C 297 -18.88 -31.33 -43.89
C TYR C 297 -19.61 -31.62 -42.57
N ALA C 298 -19.65 -30.65 -41.66
CA ALA C 298 -20.44 -30.80 -40.43
C ALA C 298 -21.89 -31.12 -40.77
N GLU C 299 -22.43 -30.45 -41.78
CA GLU C 299 -23.81 -30.68 -42.20
C GLU C 299 -23.99 -31.96 -43.01
N GLU C 300 -22.99 -32.31 -43.82
CA GLU C 300 -23.00 -33.59 -44.56
C GLU C 300 -23.02 -34.78 -43.61
N VAL C 301 -22.35 -34.63 -42.47
CA VAL C 301 -22.25 -35.66 -41.41
C VAL C 301 -23.42 -35.62 -40.36
N GLY C 302 -24.43 -34.77 -40.63
CA GLY C 302 -25.67 -34.76 -39.85
C GLY C 302 -25.77 -33.73 -38.73
N GLU C 303 -24.71 -32.94 -38.54
CA GLU C 303 -24.69 -31.95 -37.47
C GLU C 303 -25.35 -30.60 -37.87
N ALA C 304 -26.02 -29.98 -36.91
CA ALA C 304 -26.53 -28.61 -37.04
C ALA C 304 -25.46 -27.63 -36.55
N VAL C 305 -24.86 -26.89 -37.49
CA VAL C 305 -23.89 -25.85 -37.18
C VAL C 305 -24.65 -24.56 -36.79
N ILE C 306 -24.55 -24.20 -35.50
CA ILE C 306 -25.19 -23.02 -34.92
C ILE C 306 -24.27 -21.79 -35.01
N ASP C 307 -24.85 -20.64 -35.32
CA ASP C 307 -24.12 -19.36 -35.40
C ASP C 307 -24.58 -18.46 -34.27
N ASP C 308 -23.78 -18.37 -33.20
CA ASP C 308 -24.18 -17.65 -32.01
C ASP C 308 -22.91 -17.23 -31.29
N ASP C 309 -23.03 -16.26 -30.39
CA ASP C 309 -21.91 -15.84 -29.53
C ASP C 309 -21.67 -16.94 -28.49
N PHE C 310 -20.64 -17.75 -28.75
CA PHE C 310 -20.25 -18.82 -27.85
C PHE C 310 -19.08 -18.41 -26.94
N GLY C 311 -18.77 -17.11 -26.93
CA GLY C 311 -17.75 -16.58 -26.04
C GLY C 311 -16.32 -16.80 -26.52
N TYR C 312 -15.39 -16.40 -25.66
CA TYR C 312 -13.97 -16.46 -25.98
C TYR C 312 -13.33 -17.69 -25.34
N GLY C 313 -12.37 -18.28 -26.06
CA GLY C 313 -11.55 -19.35 -25.54
C GLY C 313 -10.15 -18.85 -25.19
N SER C 314 -9.28 -19.79 -24.85
CA SER C 314 -7.91 -19.50 -24.48
C SER C 314 -7.09 -20.79 -24.61
N THR C 315 -6.57 -21.02 -25.82
CA THR C 315 -5.96 -22.29 -26.22
C THR C 315 -4.72 -22.01 -27.06
N ASP C 316 -3.73 -22.90 -26.97
CA ASP C 316 -2.48 -22.75 -27.74
C ASP C 316 -2.65 -23.07 -29.23
N THR C 317 -3.81 -23.58 -29.61
CA THR C 317 -4.13 -23.77 -31.03
C THR C 317 -4.22 -22.42 -31.76
N GLY C 318 -4.41 -21.34 -31.00
CA GLY C 318 -4.32 -19.99 -31.57
C GLY C 318 -2.93 -19.67 -32.08
N ASN C 319 -1.90 -20.13 -31.36
CA ASN C 319 -0.52 -19.91 -31.74
C ASN C 319 -0.25 -20.52 -33.09
N VAL C 320 -0.90 -21.66 -33.34
CA VAL C 320 -0.73 -22.38 -34.62
C VAL C 320 -1.37 -21.57 -35.73
N SER C 321 -2.49 -20.93 -35.39
CA SER C 321 -3.27 -20.15 -36.35
C SER C 321 -2.56 -18.88 -36.84
N HIS C 322 -1.47 -18.51 -36.17
CA HIS C 322 -0.59 -17.43 -36.65
C HIS C 322 0.36 -17.89 -37.77
N VAL C 323 0.55 -19.20 -37.90
CA VAL C 323 1.49 -19.77 -38.86
C VAL C 323 0.74 -20.32 -40.09
N VAL C 324 -0.25 -21.18 -39.84
CA VAL C 324 -1.03 -21.80 -40.90
C VAL C 324 -2.55 -21.69 -40.66
N PRO C 325 -3.37 -21.73 -41.75
CA PRO C 325 -4.81 -21.80 -41.56
C PRO C 325 -5.18 -22.93 -40.59
N THR C 326 -5.90 -22.59 -39.52
CA THR C 326 -6.19 -23.52 -38.45
C THR C 326 -7.68 -23.39 -38.06
N ILE C 327 -8.27 -24.51 -37.58
CA ILE C 327 -9.59 -24.50 -36.96
C ILE C 327 -9.56 -25.02 -35.49
N HIS C 328 -10.52 -24.50 -34.72
CA HIS C 328 -10.80 -24.94 -33.37
C HIS C 328 -12.34 -24.88 -33.22
N PRO C 329 -13.07 -25.74 -33.96
CA PRO C 329 -14.51 -25.79 -33.89
C PRO C 329 -14.95 -26.70 -32.76
N HIS C 330 -16.24 -26.66 -32.44
CA HIS C 330 -16.82 -27.52 -31.41
C HIS C 330 -17.80 -28.55 -32.03
N ILE C 331 -17.83 -29.77 -31.47
CA ILE C 331 -18.82 -30.80 -31.86
C ILE C 331 -19.74 -31.15 -30.66
N LYS C 332 -21.04 -31.18 -30.91
CA LYS C 332 -22.03 -31.43 -29.87
C LYS C 332 -21.83 -32.82 -29.27
N ILE C 333 -21.68 -32.88 -27.95
CA ILE C 333 -21.62 -34.14 -27.22
C ILE C 333 -22.74 -34.26 -26.18
N GLY C 334 -23.74 -33.38 -26.25
CA GLY C 334 -24.86 -33.46 -25.31
C GLY C 334 -25.71 -32.22 -25.27
N SER C 335 -26.37 -31.99 -24.13
CA SER C 335 -27.25 -30.83 -23.94
C SER C 335 -26.52 -29.50 -24.17
N ARG C 336 -27.26 -28.48 -24.59
CA ARG C 336 -26.75 -27.10 -24.67
C ARG C 336 -26.41 -26.53 -23.27
N ASN C 337 -27.04 -27.09 -22.25
CA ASN C 337 -26.81 -26.72 -20.84
C ASN C 337 -25.52 -27.30 -20.25
N LEU C 338 -24.76 -28.02 -21.07
CA LEU C 338 -23.42 -28.47 -20.69
C LEU C 338 -22.44 -27.31 -20.56
N VAL C 339 -21.67 -27.34 -19.48
CA VAL C 339 -20.61 -26.36 -19.23
C VAL C 339 -19.29 -27.10 -19.24
N GLY C 340 -18.27 -26.50 -19.86
CA GLY C 340 -16.93 -27.09 -19.88
C GLY C 340 -16.30 -27.14 -18.50
N HIS C 341 -15.35 -28.07 -18.32
CA HIS C 341 -14.63 -28.26 -17.05
C HIS C 341 -15.54 -28.63 -15.86
N THR C 342 -16.58 -29.44 -16.12
CA THR C 342 -17.47 -29.90 -15.03
C THR C 342 -17.64 -31.42 -15.04
N HIS C 343 -18.18 -31.95 -13.94
CA HIS C 343 -18.42 -33.39 -13.78
C HIS C 343 -19.39 -33.95 -14.83
N ARG C 344 -20.41 -33.18 -15.18
CA ARG C 344 -21.40 -33.60 -16.18
C ARG C 344 -20.77 -33.73 -17.58
N PHE C 345 -19.72 -32.94 -17.82
CA PHE C 345 -19.02 -32.89 -19.12
C PHE C 345 -18.13 -34.11 -19.33
N ARG C 346 -17.41 -34.52 -18.28
CA ARG C 346 -16.56 -35.72 -18.29
C ARG C 346 -17.38 -36.97 -18.62
N GLU C 347 -18.55 -37.08 -18.00
CA GLU C 347 -19.51 -38.17 -18.27
C GLU C 347 -20.00 -38.13 -19.71
N ALA C 348 -20.17 -36.93 -20.25
CA ALA C 348 -20.56 -36.75 -21.64
C ALA C 348 -19.43 -37.05 -22.65
N ALA C 349 -18.16 -36.84 -22.26
CA ALA C 349 -17.01 -37.21 -23.11
C ALA C 349 -16.84 -38.74 -23.28
N ALA C 350 -17.53 -39.51 -22.43
CA ALA C 350 -17.52 -40.98 -22.47
C ALA C 350 -18.91 -41.60 -22.73
N SER C 351 -19.88 -40.76 -23.11
CA SER C 351 -21.23 -41.24 -23.41
C SER C 351 -21.37 -41.69 -24.87
N VAL C 352 -22.53 -42.25 -25.21
CA VAL C 352 -22.85 -42.61 -26.60
C VAL C 352 -22.78 -41.38 -27.50
N HIS C 353 -23.35 -40.26 -27.01
CA HIS C 353 -23.35 -38.99 -27.75
C HIS C 353 -21.92 -38.49 -27.99
N GLY C 354 -21.05 -38.64 -27.00
CA GLY C 354 -19.64 -38.25 -27.13
C GLY C 354 -18.90 -39.14 -28.11
N ASP C 355 -19.27 -40.42 -28.13
CA ASP C 355 -18.72 -41.41 -29.09
C ASP C 355 -19.07 -41.04 -30.53
N GLU C 356 -20.36 -40.72 -30.75
CA GLU C 356 -20.87 -40.23 -32.05
C GLU C 356 -20.14 -38.99 -32.54
N ALA C 357 -19.87 -38.07 -31.61
CA ALA C 357 -19.18 -36.82 -31.91
C ALA C 357 -17.74 -37.07 -32.37
N LEU C 358 -17.14 -38.16 -31.90
CA LEU C 358 -15.77 -38.53 -32.25
C LEU C 358 -15.68 -38.98 -33.70
N ILE C 359 -16.60 -39.85 -34.10
CA ILE C 359 -16.60 -40.44 -35.44
C ILE C 359 -17.04 -39.40 -36.45
N LYS C 360 -17.98 -38.54 -36.04
CA LYS C 360 -18.47 -37.46 -36.89
C LYS C 360 -17.35 -36.45 -37.12
N GLY C 361 -16.61 -36.14 -36.07
CA GLY C 361 -15.47 -35.25 -36.17
C GLY C 361 -14.36 -35.81 -37.05
N ALA C 362 -14.08 -37.10 -36.85
CA ALA C 362 -13.05 -37.80 -37.62
C ALA C 362 -13.38 -37.84 -39.09
N LYS C 363 -14.66 -38.02 -39.42
CA LYS C 363 -15.15 -38.00 -40.80
C LYS C 363 -15.05 -36.59 -41.40
N ILE C 364 -15.51 -35.60 -40.63
CA ILE C 364 -15.47 -34.19 -41.04
C ILE C 364 -14.05 -33.77 -41.43
N MSE C 365 -13.07 -34.11 -40.58
CA MSE C 365 -11.67 -33.74 -40.80
C MSE C 365 -11.04 -34.50 -41.97
O MSE C 365 -10.26 -33.91 -42.72
CB MSE C 365 -10.85 -33.99 -39.54
CG MSE C 365 -11.13 -33.02 -38.42
SE MSE C 365 -9.94 -33.26 -36.87
CE MSE C 365 -10.80 -34.80 -35.99
N ALA C 366 -11.35 -35.77 -42.11
CA ALA C 366 -10.79 -36.57 -43.18
C ALA C 366 -11.31 -36.05 -44.53
N LEU C 367 -12.60 -35.75 -44.60
CA LEU C 367 -13.21 -35.22 -45.82
C LEU C 367 -12.68 -33.80 -46.14
N MSE C 368 -12.57 -32.94 -45.13
CA MSE C 368 -11.94 -31.61 -45.29
C MSE C 368 -10.57 -31.71 -45.94
O MSE C 368 -10.26 -31.00 -46.89
CB MSE C 368 -11.76 -30.91 -43.94
CG MSE C 368 -12.98 -30.19 -43.36
SE MSE C 368 -12.58 -29.33 -41.61
CE MSE C 368 -11.90 -27.60 -42.28
N GLY C 369 -9.73 -32.59 -45.40
CA GLY C 369 -8.40 -32.82 -45.92
C GLY C 369 -8.41 -33.41 -47.31
N LEU C 370 -9.38 -34.28 -47.60
CA LEU C 370 -9.55 -34.78 -48.95
C LEU C 370 -9.76 -33.60 -49.90
N GLU C 371 -10.62 -32.65 -49.53
CA GLU C 371 -10.92 -31.50 -50.41
C GLU C 371 -9.76 -30.50 -50.50
N LEU C 372 -9.10 -30.22 -49.38
CA LEU C 372 -7.94 -29.34 -49.37
C LEU C 372 -6.83 -29.85 -50.30
N ILE C 373 -6.58 -31.18 -50.29
CA ILE C 373 -5.60 -31.77 -51.21
C ILE C 373 -6.13 -31.76 -52.66
N THR C 374 -7.35 -32.24 -52.85
CA THR C 374 -7.93 -32.45 -54.18
C THR C 374 -8.29 -31.16 -54.92
N ASN C 375 -8.86 -30.19 -54.22
CA ASN C 375 -9.32 -28.94 -54.81
C ASN C 375 -8.30 -27.80 -54.63
N GLN C 376 -7.52 -27.52 -55.66
CA GLN C 376 -6.47 -26.49 -55.58
C GLN C 376 -7.02 -25.08 -55.39
N ASP C 377 -8.19 -24.82 -55.95
CA ASP C 377 -8.87 -23.52 -55.83
C ASP C 377 -9.32 -23.23 -54.39
N VAL C 378 -9.92 -24.23 -53.75
CA VAL C 378 -10.30 -24.16 -52.32
C VAL C 378 -9.07 -24.03 -51.42
N TYR C 379 -8.04 -24.80 -51.69
CA TYR C 379 -6.77 -24.69 -50.95
C TYR C 379 -6.14 -23.30 -51.14
N GLN C 380 -5.98 -22.87 -52.39
CA GLN C 380 -5.38 -21.55 -52.71
C GLN C 380 -6.13 -20.42 -51.98
N ASP C 381 -7.46 -20.43 -52.07
CA ASP C 381 -8.29 -19.39 -51.46
C ASP C 381 -8.16 -19.33 -49.93
N ILE C 382 -8.00 -20.48 -49.29
CA ILE C 382 -7.89 -20.59 -47.82
C ILE C 382 -6.50 -20.12 -47.33
N ILE C 383 -5.46 -20.50 -48.05
CA ILE C 383 -4.07 -20.04 -47.84
C ILE C 383 -3.90 -18.51 -48.06
N GLU C 384 -4.55 -17.99 -49.10
CA GLU C 384 -4.48 -16.57 -49.44
C GLU C 384 -5.29 -15.69 -48.48
N GLU C 385 -6.40 -16.23 -47.99
CA GLU C 385 -7.23 -15.50 -47.07
C GLU C 385 -6.57 -15.42 -45.70
N HIS C 386 -6.07 -16.55 -45.22
CA HIS C 386 -5.25 -16.55 -44.01
C HIS C 386 -4.04 -15.61 -44.13
N ALA C 387 -3.39 -15.62 -45.28
CA ALA C 387 -2.19 -14.79 -45.54
C ALA C 387 -2.48 -13.30 -45.48
N HIS C 388 -3.63 -12.90 -46.01
CA HIS C 388 -4.08 -11.51 -46.00
C HIS C 388 -4.40 -11.06 -44.58
N LEU C 389 -5.03 -11.95 -43.80
CA LEU C 389 -5.52 -11.62 -42.46
C LEU C 389 -4.40 -11.46 -41.42
N LYS C 390 -3.43 -12.38 -41.44
CA LYS C 390 -2.36 -12.35 -40.44
C LYS C 390 -1.37 -11.15 -40.56
N MSE D 1 29.38 -25.78 55.94
CA MSE D 1 29.11 -26.84 56.97
C MSE D 1 29.31 -28.24 56.33
O MSE D 1 29.65 -28.33 55.13
CB MSE D 1 27.69 -26.62 57.57
CG MSE D 1 27.13 -27.64 58.62
SE MSE D 1 28.08 -27.96 60.35
CE MSE D 1 28.20 -26.11 61.04
N GLY D 2 29.19 -29.30 57.12
CA GLY D 2 29.10 -30.68 56.63
C GLY D 2 28.01 -30.89 55.60
N GLU D 3 26.95 -30.07 55.63
CA GLU D 3 25.88 -30.07 54.61
C GLU D 3 26.35 -29.50 53.29
N LYS D 4 26.99 -28.32 53.38
CA LYS D 4 27.58 -27.68 52.22
C LYS D 4 28.62 -28.59 51.54
N GLN D 5 29.37 -29.34 52.34
CA GLN D 5 30.41 -30.23 51.80
C GLN D 5 29.84 -31.54 51.21
N GLN D 6 28.73 -32.06 51.76
CA GLN D 6 28.00 -33.20 51.15
C GLN D 6 27.53 -32.84 49.75
N ILE D 7 26.95 -31.64 49.63
CA ILE D 7 26.45 -31.12 48.36
C ILE D 7 27.56 -31.11 47.31
N LEU D 8 28.63 -30.37 47.59
CA LEU D 8 29.75 -30.24 46.67
C LEU D 8 30.45 -31.57 46.38
N ASP D 9 30.62 -32.40 47.40
CA ASP D 9 31.24 -33.71 47.20
C ASP D 9 30.37 -34.55 46.25
N TYR D 10 29.04 -34.47 46.39
CA TYR D 10 28.20 -35.21 45.46
C TYR D 10 28.46 -34.70 44.04
N ILE D 11 28.32 -33.40 43.84
CA ILE D 11 28.40 -32.82 42.50
C ILE D 11 29.76 -33.09 41.83
N GLU D 12 30.85 -32.94 42.59
CA GLU D 12 32.20 -33.16 42.08
C GLU D 12 32.50 -34.67 41.84
N THR D 13 32.28 -35.51 42.85
CA THR D 13 32.66 -36.93 42.73
C THR D 13 31.80 -37.72 41.71
N ASN D 14 30.77 -37.13 41.12
CA ASN D 14 30.11 -37.78 39.96
C ASN D 14 29.56 -36.78 38.93
N LYS D 15 30.41 -35.83 38.60
CA LYS D 15 30.14 -34.79 37.60
C LYS D 15 30.16 -35.30 36.16
N TYR D 16 30.97 -36.32 35.87
CA TYR D 16 31.15 -36.79 34.49
C TYR D 16 29.91 -37.53 33.99
N SER D 17 29.27 -38.24 34.91
CA SER D 17 27.95 -38.82 34.70
C SER D 17 26.97 -37.81 34.09
N TYR D 18 26.91 -36.62 34.69
CA TYR D 18 25.98 -35.58 34.26
C TYR D 18 26.46 -34.83 33.02
N ILE D 19 27.78 -34.62 32.89
CA ILE D 19 28.35 -34.03 31.65
C ILE D 19 27.99 -34.88 30.44
N GLU D 20 28.04 -36.21 30.58
CA GLU D 20 27.58 -37.12 29.53
C GLU D 20 26.08 -36.92 29.21
N ILE D 21 25.25 -36.70 30.22
CA ILE D 21 23.84 -36.43 29.98
C ILE D 21 23.70 -35.17 29.12
N SER D 22 24.57 -34.18 29.36
CA SER D 22 24.55 -32.93 28.61
C SER D 22 24.90 -33.16 27.14
N HIS D 23 25.87 -34.03 26.90
CA HIS D 23 26.34 -34.31 25.55
C HIS D 23 25.34 -35.15 24.75
N ARG D 24 24.70 -36.11 25.40
CA ARG D 24 23.70 -36.97 24.72
C ARG D 24 22.48 -36.14 24.26
N ILE D 25 22.15 -35.11 25.05
CA ILE D 25 21.08 -34.19 24.67
C ILE D 25 21.53 -33.30 23.52
N HIS D 26 22.79 -32.83 23.58
CA HIS D 26 23.39 -31.98 22.53
C HIS D 26 23.43 -32.70 21.18
N GLU D 27 23.82 -33.99 21.21
CA GLU D 27 23.86 -34.89 20.04
C GLU D 27 22.52 -35.09 19.36
N ARG D 28 21.45 -35.10 20.17
CA ARG D 28 20.07 -35.38 19.73
C ARG D 28 19.22 -34.17 20.00
N PRO D 29 19.43 -33.08 19.24
CA PRO D 29 18.68 -31.83 19.50
C PRO D 29 17.20 -31.96 19.12
N GLU D 30 16.32 -31.46 20.00
CA GLU D 30 14.88 -31.64 19.82
C GLU D 30 14.14 -30.32 19.97
N LEU D 31 13.16 -30.12 19.11
CA LEU D 31 12.43 -28.86 19.06
C LEU D 31 11.39 -28.85 20.18
N GLY D 32 10.88 -27.65 20.47
CA GLY D 32 9.90 -27.45 21.53
C GLY D 32 8.69 -28.35 21.40
N ASN D 33 8.26 -28.91 22.53
CA ASN D 33 7.17 -29.89 22.64
C ASN D 33 7.44 -31.23 21.94
N GLU D 34 8.69 -31.41 21.51
CA GLU D 34 9.12 -32.63 20.81
C GLU D 34 10.35 -33.24 21.48
N GLU D 35 10.62 -32.84 22.71
CA GLU D 35 11.87 -33.20 23.40
C GLU D 35 11.67 -34.41 24.29
N ILE D 36 11.36 -35.51 23.59
CA ILE D 36 11.07 -36.81 24.19
C ILE D 36 12.32 -37.39 24.85
N PHE D 37 13.44 -37.43 24.11
CA PHE D 37 14.69 -37.99 24.63
C PHE D 37 15.24 -37.19 25.81
N ALA D 38 15.23 -35.86 25.69
CA ALA D 38 15.79 -35.01 26.73
C ALA D 38 14.95 -35.13 28.00
N SER D 39 13.64 -34.98 27.89
CA SER D 39 12.78 -35.02 29.08
C SER D 39 12.88 -36.36 29.80
N ARG D 40 12.97 -37.44 29.02
CA ARG D 40 13.05 -38.78 29.58
C ARG D 40 14.40 -39.06 30.22
N THR D 41 15.47 -38.63 29.56
CA THR D 41 16.84 -38.79 30.08
C THR D 41 16.97 -38.06 31.44
N LEU D 42 16.43 -36.84 31.51
CA LEU D 42 16.43 -36.06 32.75
C LEU D 42 15.53 -36.71 33.80
N ILE D 43 14.31 -37.08 33.42
CA ILE D 43 13.34 -37.73 34.35
C ILE D 43 13.92 -39.00 34.95
N ASP D 44 14.63 -39.77 34.13
CA ASP D 44 15.28 -41.01 34.57
C ASP D 44 16.43 -40.80 35.60
N ARG D 45 17.14 -39.68 35.50
CA ARG D 45 18.17 -39.36 36.48
C ARG D 45 17.52 -38.99 37.83
N LEU D 46 16.42 -38.24 37.76
CA LEU D 46 15.67 -37.84 38.96
C LEU D 46 14.97 -39.04 39.61
N LYS D 47 14.39 -39.92 38.79
CA LYS D 47 13.82 -41.18 39.29
C LYS D 47 14.83 -41.99 40.10
N GLU D 48 16.08 -42.02 39.62
CA GLU D 48 17.20 -42.75 40.26
C GLU D 48 17.55 -42.25 41.67
N HIS D 49 17.25 -40.97 41.94
CA HIS D 49 17.49 -40.37 43.27
C HIS D 49 16.19 -40.10 44.03
N ASP D 50 15.20 -40.94 43.78
CA ASP D 50 13.99 -41.05 44.62
C ASP D 50 13.08 -39.81 44.55
N PHE D 51 13.13 -39.10 43.42
CA PHE D 51 12.21 -37.98 43.15
C PHE D 51 10.88 -38.52 42.64
N GLU D 52 9.78 -38.00 43.18
CA GLU D 52 8.44 -38.28 42.65
C GLU D 52 8.20 -37.50 41.36
N ILE D 53 7.77 -38.19 40.31
CA ILE D 53 7.62 -37.59 38.97
C ILE D 53 6.14 -37.54 38.55
N GLU D 54 5.74 -36.36 38.06
CA GLU D 54 4.47 -36.16 37.34
C GLU D 54 4.81 -35.64 35.95
N THR D 55 4.24 -36.27 34.92
CA THR D 55 4.53 -35.92 33.54
C THR D 55 3.30 -35.30 32.89
N GLU D 56 3.54 -34.55 31.82
CA GLU D 56 2.52 -33.76 31.10
C GLU D 56 1.83 -32.66 31.95
N ILE D 57 2.40 -31.47 31.90
CA ILE D 57 2.01 -30.35 32.76
C ILE D 57 1.44 -29.25 31.88
N ALA D 58 0.23 -28.80 32.23
CA ALA D 58 -0.39 -27.62 31.63
C ALA D 58 -0.52 -27.71 30.10
N GLY D 59 -0.73 -28.93 29.61
CA GLY D 59 -0.91 -29.18 28.17
C GLY D 59 0.39 -29.36 27.39
N HIS D 60 1.48 -29.64 28.11
CA HIS D 60 2.78 -29.89 27.49
C HIS D 60 3.25 -31.33 27.75
N ALA D 61 3.12 -32.19 26.74
CA ALA D 61 3.47 -33.60 26.86
C ALA D 61 4.92 -33.85 27.37
N THR D 62 5.88 -32.99 27.02
CA THR D 62 7.28 -33.22 27.42
C THR D 62 7.67 -32.46 28.70
N GLY D 63 6.67 -31.88 29.36
CA GLY D 63 6.88 -31.24 30.65
C GLY D 63 6.72 -32.22 31.80
N PHE D 64 7.42 -31.94 32.91
CA PHE D 64 7.33 -32.75 34.13
C PHE D 64 7.55 -31.90 35.39
N ILE D 65 7.08 -32.41 36.53
CA ILE D 65 7.40 -31.84 37.85
C ILE D 65 8.02 -32.98 38.66
N ALA D 66 9.27 -32.82 39.07
CA ALA D 66 10.00 -33.82 39.84
C ALA D 66 10.17 -33.28 41.25
N THR D 67 9.55 -33.92 42.23
CA THR D 67 9.56 -33.46 43.64
C THR D 67 10.27 -34.41 44.57
N TYR D 68 11.22 -33.90 45.36
CA TYR D 68 11.71 -34.60 46.53
C TYR D 68 11.35 -33.80 47.78
N ASP D 69 10.50 -34.37 48.63
CA ASP D 69 10.01 -33.69 49.83
C ASP D 69 10.57 -34.33 51.09
N SER D 70 11.14 -33.52 51.98
CA SER D 70 11.59 -34.02 53.29
C SER D 70 10.43 -34.37 54.24
N GLY D 71 9.25 -33.80 54.03
CA GLY D 71 8.14 -33.93 54.96
C GLY D 71 8.30 -33.02 56.18
N LEU D 72 9.25 -32.08 56.11
CA LEU D 72 9.53 -31.13 57.19
C LEU D 72 9.33 -29.70 56.69
N ASP D 73 8.83 -28.84 57.56
CA ASP D 73 8.62 -27.43 57.21
C ASP D 73 9.88 -26.84 56.60
N GLY D 74 9.69 -26.00 55.59
CA GLY D 74 10.80 -25.34 54.94
C GLY D 74 10.42 -24.88 53.55
N PRO D 75 11.22 -23.96 52.97
CA PRO D 75 10.96 -23.52 51.60
C PRO D 75 11.03 -24.63 50.56
N ALA D 76 10.21 -24.48 49.51
CA ALA D 76 10.23 -25.37 48.36
C ALA D 76 11.04 -24.69 47.25
N ILE D 77 12.27 -25.19 47.02
CA ILE D 77 13.18 -24.56 46.07
C ILE D 77 13.13 -25.21 44.70
N GLY D 78 12.70 -24.41 43.72
CA GLY D 78 12.46 -24.87 42.35
C GLY D 78 13.66 -24.66 41.46
N PHE D 79 13.96 -25.66 40.63
CA PHE D 79 15.04 -25.61 39.66
C PHE D 79 14.40 -25.75 38.29
N LEU D 80 14.46 -24.68 37.49
CA LEU D 80 13.88 -24.71 36.14
C LEU D 80 14.83 -25.41 35.15
N ALA D 81 14.33 -26.51 34.56
CA ALA D 81 15.05 -27.27 33.53
C ALA D 81 14.50 -26.93 32.14
N GLU D 82 15.40 -26.54 31.24
CA GLU D 82 15.08 -26.34 29.83
C GLU D 82 15.86 -27.37 29.01
N TYR D 83 15.32 -27.70 27.84
CA TYR D 83 15.97 -28.69 26.99
C TYR D 83 15.57 -28.67 25.49
N ASP D 84 14.92 -27.61 25.02
CA ASP D 84 14.61 -27.48 23.59
C ASP D 84 15.73 -26.86 22.77
N ALA D 85 15.87 -27.37 21.53
CA ALA D 85 16.83 -26.88 20.54
C ALA D 85 16.15 -26.01 19.50
N LEU D 86 16.94 -25.53 18.54
CA LEU D 86 16.49 -24.62 17.49
C LEU D 86 16.50 -25.32 16.14
N PRO D 87 15.60 -24.91 15.22
CA PRO D 87 15.55 -25.56 13.91
C PRO D 87 16.76 -25.20 13.09
N GLY D 88 17.41 -26.20 12.50
CA GLY D 88 18.60 -25.96 11.66
C GLY D 88 19.89 -25.63 12.42
N LEU D 89 19.77 -25.30 13.70
CA LEU D 89 20.90 -24.82 14.49
C LEU D 89 21.32 -25.77 15.61
N GLY D 90 20.48 -26.77 15.92
CA GLY D 90 20.72 -27.62 17.10
C GLY D 90 20.69 -26.79 18.36
N HIS D 91 21.50 -27.17 19.34
CA HIS D 91 21.50 -26.49 20.65
C HIS D 91 22.34 -25.20 20.70
N ALA D 92 21.97 -24.24 19.85
CA ALA D 92 22.70 -22.98 19.73
C ALA D 92 22.30 -21.98 20.81
N CYS D 93 21.51 -22.41 21.78
CA CYS D 93 21.26 -21.60 22.96
C CYS D 93 21.77 -22.30 24.23
N GLY D 94 22.41 -23.45 24.07
CA GLY D 94 23.03 -24.17 25.16
C GLY D 94 22.06 -24.75 26.15
N HIS D 95 20.83 -25.01 25.70
CA HIS D 95 19.80 -25.58 26.58
C HIS D 95 20.09 -27.01 27.06
N ASN D 96 20.98 -27.71 26.37
CA ASN D 96 21.50 -28.96 26.89
C ASN D 96 22.12 -28.77 28.29
N ILE D 97 22.86 -27.67 28.48
CA ILE D 97 23.47 -27.34 29.78
C ILE D 97 22.43 -26.94 30.82
N ILE D 98 21.41 -26.21 30.41
CA ILE D 98 20.44 -25.61 31.36
C ILE D 98 19.73 -26.67 32.19
N GLY D 99 19.06 -27.60 31.52
CA GLY D 99 18.30 -28.66 32.19
C GLY D 99 19.15 -29.62 33.00
N THR D 100 20.30 -30.01 32.48
CA THR D 100 21.20 -30.90 33.21
C THR D 100 21.73 -30.23 34.50
N ALA D 101 22.06 -28.93 34.41
CA ALA D 101 22.56 -28.17 35.55
C ALA D 101 21.52 -28.15 36.64
N SER D 102 20.26 -27.92 36.25
CA SER D 102 19.17 -27.79 37.22
C SER D 102 18.81 -29.11 37.87
N VAL D 103 18.94 -30.19 37.10
CA VAL D 103 18.73 -31.54 37.64
C VAL D 103 19.86 -31.92 38.59
N LEU D 104 21.11 -31.61 38.22
CA LEU D 104 22.26 -31.92 39.07
C LEU D 104 22.27 -31.06 40.33
N GLY D 105 21.79 -29.81 40.22
CA GLY D 105 21.69 -28.93 41.38
C GLY D 105 20.61 -29.41 42.34
N ALA D 106 19.44 -29.76 41.77
CA ALA D 106 18.35 -30.34 42.56
C ALA D 106 18.78 -31.62 43.31
N ILE D 107 19.48 -32.51 42.60
CA ILE D 107 19.95 -33.76 43.20
C ILE D 107 21.08 -33.56 44.22
N GLY D 108 21.94 -32.58 43.98
CA GLY D 108 22.98 -32.21 44.96
C GLY D 108 22.38 -31.72 46.27
N LEU D 109 21.41 -30.81 46.16
CA LEU D 109 20.69 -30.29 47.33
C LEU D 109 19.82 -31.37 47.96
N LYS D 110 19.27 -32.29 47.15
CA LYS D 110 18.48 -33.42 47.67
C LYS D 110 19.28 -34.26 48.68
N GLN D 111 20.61 -34.32 48.52
CA GLN D 111 21.47 -35.12 49.41
C GLN D 111 21.34 -34.71 50.88
N VAL D 112 21.07 -33.43 51.06
CA VAL D 112 21.06 -32.80 52.36
C VAL D 112 19.63 -32.47 52.83
N ILE D 113 18.65 -32.55 51.94
CA ILE D 113 17.26 -32.07 52.17
C ILE D 113 16.56 -32.72 53.40
N ASP D 114 16.78 -34.02 53.62
CA ASP D 114 16.19 -34.68 54.80
C ASP D 114 16.79 -34.17 56.14
N GLN D 115 17.96 -33.51 56.07
CA GLN D 115 18.64 -32.97 57.25
C GLN D 115 18.28 -31.51 57.55
N ILE D 116 18.00 -30.71 56.51
CA ILE D 116 17.74 -29.28 56.65
C ILE D 116 16.26 -28.90 56.52
N GLY D 117 15.46 -29.83 55.99
CA GLY D 117 14.03 -29.62 55.82
C GLY D 117 13.66 -28.99 54.48
N GLY D 118 12.36 -28.76 54.29
CA GLY D 118 11.86 -28.21 53.06
C GLY D 118 11.80 -29.25 51.96
N LYS D 119 11.95 -28.80 50.73
CA LYS D 119 11.58 -29.57 49.54
C LYS D 119 12.42 -29.12 48.33
N VAL D 120 12.73 -30.05 47.43
CA VAL D 120 13.38 -29.69 46.17
C VAL D 120 12.43 -30.10 45.04
N VAL D 121 12.28 -29.25 44.04
CA VAL D 121 11.33 -29.45 42.93
C VAL D 121 12.06 -29.06 41.68
N VAL D 122 12.04 -29.92 40.65
CA VAL D 122 12.52 -29.55 39.31
C VAL D 122 11.32 -29.47 38.38
N LEU D 123 11.21 -28.35 37.68
CA LEU D 123 10.18 -28.16 36.66
C LEU D 123 10.80 -28.34 35.27
N GLY D 124 10.23 -29.28 34.52
CA GLY D 124 10.66 -29.53 33.15
C GLY D 124 9.85 -28.62 32.28
N CYS D 125 10.52 -27.67 31.63
CA CYS D 125 9.89 -26.55 30.95
C CYS D 125 10.15 -26.54 29.44
N PRO D 126 9.30 -27.24 28.67
CA PRO D 126 9.60 -27.33 27.24
C PRO D 126 9.35 -26.04 26.47
N ALA D 127 9.91 -26.00 25.25
CA ALA D 127 9.54 -25.01 24.25
C ALA D 127 9.76 -23.56 24.69
N GLU D 128 10.86 -23.27 25.39
CA GLU D 128 11.08 -21.88 25.83
C GLU D 128 11.44 -20.97 24.68
N GLU D 129 11.90 -21.54 23.56
CA GLU D 129 12.17 -20.78 22.35
C GLU D 129 10.90 -20.28 21.68
N GLY D 130 9.76 -20.86 22.04
CA GLY D 130 8.45 -20.40 21.59
C GLY D 130 7.91 -21.20 20.44
N GLY D 131 6.83 -20.71 19.85
CA GLY D 131 6.15 -21.37 18.73
C GLY D 131 4.73 -21.76 19.08
N GLU D 132 4.16 -22.70 18.34
CA GLU D 132 2.82 -23.19 18.63
C GLU D 132 2.84 -23.95 19.96
N ASN D 133 1.96 -23.55 20.88
CA ASN D 133 1.98 -23.98 22.29
C ASN D 133 3.40 -23.96 22.89
N GLY D 134 4.13 -22.89 22.62
CA GLY D 134 5.45 -22.71 23.21
C GLY D 134 5.37 -22.09 24.58
N SER D 135 6.55 -21.93 25.16
CA SER D 135 6.74 -21.23 26.42
C SER D 135 5.95 -21.90 27.55
N ALA D 136 6.40 -23.10 27.93
CA ALA D 136 5.70 -23.89 28.92
C ALA D 136 5.54 -23.12 30.23
N LYS D 137 6.57 -22.37 30.65
CA LYS D 137 6.50 -21.63 31.92
C LYS D 137 5.38 -20.58 31.96
N ALA D 138 4.98 -20.06 30.81
CA ALA D 138 3.78 -19.24 30.73
C ALA D 138 2.54 -20.07 31.08
N SER D 139 2.46 -21.28 30.53
CA SER D 139 1.34 -22.20 30.77
C SER D 139 1.28 -22.66 32.23
N TYR D 140 2.47 -22.93 32.79
CA TYR D 140 2.64 -23.31 34.21
C TYR D 140 2.15 -22.22 35.17
N VAL D 141 2.65 -21.00 34.99
CA VAL D 141 2.18 -19.87 35.79
C VAL D 141 0.66 -19.88 35.72
N LYS D 142 0.14 -19.84 34.50
CA LYS D 142 -1.32 -19.76 34.23
C LYS D 142 -2.11 -20.92 34.87
N ALA D 143 -1.52 -22.13 34.86
CA ALA D 143 -2.15 -23.36 35.42
C ALA D 143 -1.98 -23.56 36.93
N GLY D 144 -1.22 -22.69 37.60
CA GLY D 144 -1.03 -22.77 39.04
C GLY D 144 0.14 -23.63 39.46
N VAL D 145 0.93 -24.07 38.50
CA VAL D 145 2.03 -25.02 38.77
C VAL D 145 3.08 -24.38 39.66
N ILE D 146 3.21 -23.07 39.60
CA ILE D 146 4.29 -22.39 40.34
C ILE D 146 3.93 -22.13 41.83
N ASP D 147 2.71 -22.50 42.22
CA ASP D 147 2.32 -22.53 43.62
C ASP D 147 3.04 -23.66 44.36
N GLN D 148 3.61 -24.60 43.62
CA GLN D 148 4.36 -25.70 44.24
C GLN D 148 5.76 -25.30 44.72
N ILE D 149 6.25 -24.14 44.29
CA ILE D 149 7.61 -23.70 44.59
C ILE D 149 7.58 -22.29 45.20
N ASP D 150 8.61 -21.99 45.98
CA ASP D 150 8.72 -20.71 46.70
C ASP D 150 9.77 -19.80 46.08
N ILE D 151 10.77 -20.42 45.44
CA ILE D 151 11.87 -19.73 44.75
C ILE D 151 12.17 -20.51 43.46
N ALA D 152 12.43 -19.80 42.36
CA ALA D 152 12.76 -20.45 41.09
C ALA D 152 14.21 -20.13 40.65
N LEU D 153 15.06 -21.15 40.61
CA LEU D 153 16.48 -21.00 40.24
C LEU D 153 16.75 -21.58 38.87
N MSE D 154 17.77 -21.05 38.23
CA MSE D 154 18.09 -21.42 36.86
C MSE D 154 19.42 -20.81 36.46
O MSE D 154 19.79 -19.79 37.03
CB MSE D 154 17.02 -20.82 36.00
CG MSE D 154 16.95 -21.38 34.64
SE MSE D 154 16.17 -20.03 33.49
CE MSE D 154 17.23 -20.51 31.89
N ILE D 155 20.15 -21.41 35.53
CA ILE D 155 21.33 -20.73 34.94
C ILE D 155 21.28 -20.88 33.43
N HIS D 156 21.80 -19.88 32.73
CA HIS D 156 21.81 -19.90 31.27
C HIS D 156 23.23 -19.64 30.77
N PRO D 157 23.73 -20.49 29.86
CA PRO D 157 25.08 -20.25 29.38
C PRO D 157 25.13 -18.98 28.54
N GLY D 158 26.22 -18.22 28.69
CA GLY D 158 26.40 -16.98 27.96
C GLY D 158 27.85 -16.72 27.62
N ASN D 159 28.11 -15.55 27.03
CA ASN D 159 29.47 -15.10 26.68
C ASN D 159 30.24 -14.64 27.93
N GLU D 160 29.50 -14.44 29.02
CA GLU D 160 30.04 -14.08 30.34
C GLU D 160 29.10 -14.40 31.49
N THR D 161 29.55 -14.21 32.74
CA THR D 161 28.75 -14.47 33.95
C THR D 161 28.18 -13.17 34.47
N TYR D 162 26.86 -13.11 34.60
CA TYR D 162 26.20 -11.91 35.07
C TYR D 162 24.82 -12.18 35.66
N LYS D 163 24.34 -11.21 36.43
CA LYS D 163 23.06 -11.31 37.14
C LYS D 163 21.90 -11.27 36.15
N THR D 164 20.69 -11.56 36.64
CA THR D 164 19.47 -11.53 35.82
C THR D 164 19.40 -10.21 35.06
N ILE D 165 19.23 -10.31 33.74
CA ILE D 165 18.97 -9.15 32.89
C ILE D 165 17.47 -8.84 32.88
N ASP D 166 17.12 -7.64 32.44
CA ASP D 166 15.73 -7.29 32.20
C ASP D 166 15.25 -8.00 30.95
N THR D 167 13.97 -8.39 30.91
CA THR D 167 13.43 -9.12 29.78
C THR D 167 12.12 -8.51 29.31
N LEU D 168 11.74 -8.80 28.06
CA LEU D 168 10.63 -8.16 27.40
C LEU D 168 9.40 -9.08 27.33
N ALA D 169 8.22 -8.48 27.18
CA ALA D 169 6.97 -9.22 26.98
C ALA D 169 6.76 -9.49 25.48
N VAL D 170 6.32 -10.71 25.14
CA VAL D 170 6.14 -11.11 23.74
C VAL D 170 4.83 -11.85 23.52
N ASP D 171 4.22 -11.60 22.37
CA ASP D 171 3.05 -12.32 21.89
C ASP D 171 3.39 -12.93 20.54
N VAL D 172 3.04 -14.19 20.31
CA VAL D 172 3.10 -14.75 18.95
C VAL D 172 1.67 -14.99 18.52
N LEU D 173 1.30 -14.39 17.40
CA LEU D 173 -0.08 -14.27 16.98
C LEU D 173 -0.24 -14.81 15.56
N ASP D 174 -1.38 -15.46 15.28
CA ASP D 174 -1.76 -15.84 13.91
C ASP D 174 -2.82 -14.87 13.45
N VAL D 175 -2.78 -14.50 12.17
CA VAL D 175 -3.83 -13.69 11.55
C VAL D 175 -4.39 -14.48 10.39
N LYS D 176 -5.72 -14.60 10.32
CA LYS D 176 -6.38 -15.38 9.27
C LYS D 176 -7.54 -14.58 8.69
N PHE D 177 -7.60 -14.48 7.36
CA PHE D 177 -8.71 -13.81 6.68
C PHE D 177 -9.49 -14.83 5.89
N TYR D 178 -10.81 -14.70 5.96
CA TYR D 178 -11.75 -15.61 5.32
C TYR D 178 -12.60 -14.81 4.37
N GLY D 179 -12.74 -15.30 3.14
CA GLY D 179 -13.47 -14.57 2.11
C GLY D 179 -14.36 -15.46 1.27
N LYS D 180 -14.30 -15.29 -0.05
CA LYS D 180 -15.16 -16.04 -0.96
C LYS D 180 -14.51 -16.10 -2.33
N SER D 181 -14.22 -17.30 -2.80
CA SER D 181 -13.52 -17.48 -4.08
C SER D 181 -14.39 -17.26 -5.31
N ALA D 182 -13.74 -16.85 -6.39
CA ALA D 182 -14.35 -16.77 -7.69
C ALA D 182 -13.26 -16.94 -8.72
N HIS D 183 -13.64 -17.17 -9.97
CA HIS D 183 -12.70 -17.08 -11.07
C HIS D 183 -12.27 -15.63 -11.31
N ALA D 184 -10.98 -15.36 -11.16
CA ALA D 184 -10.47 -13.99 -11.24
C ALA D 184 -10.71 -13.30 -12.58
N SER D 185 -10.51 -14.01 -13.69
CA SER D 185 -10.77 -13.46 -15.02
C SER D 185 -12.24 -13.11 -15.24
N GLU D 186 -13.12 -13.99 -14.76
CA GLU D 186 -14.53 -14.01 -15.15
C GLU D 186 -15.46 -13.37 -14.11
N ASN D 187 -15.37 -13.86 -12.87
CA ASN D 187 -16.33 -13.56 -11.79
C ASN D 187 -15.75 -12.81 -10.59
N ALA D 188 -14.70 -12.02 -10.79
CA ALA D 188 -14.05 -11.34 -9.65
C ALA D 188 -15.05 -10.53 -8.80
N ASP D 189 -16.12 -10.06 -9.44
CA ASP D 189 -17.13 -9.19 -8.80
C ASP D 189 -18.07 -9.88 -7.81
N GLU D 190 -18.00 -11.21 -7.72
CA GLU D 190 -18.78 -11.97 -6.72
C GLU D 190 -17.86 -12.67 -5.72
N ALA D 191 -16.59 -12.23 -5.70
CA ALA D 191 -15.60 -12.72 -4.78
C ALA D 191 -15.48 -11.78 -3.59
N LEU D 192 -14.94 -12.29 -2.51
CA LEU D 192 -14.48 -11.49 -1.38
C LEU D 192 -13.05 -11.93 -1.15
N ASN D 193 -12.13 -10.98 -1.29
CA ASN D 193 -10.70 -11.26 -1.48
C ASN D 193 -9.90 -11.28 -0.19
N ALA D 194 -9.56 -12.49 0.25
CA ALA D 194 -8.82 -12.71 1.49
C ALA D 194 -7.36 -12.28 1.35
N LEU D 195 -6.85 -12.23 0.11
CA LEU D 195 -5.47 -11.77 -0.15
C LEU D 195 -5.40 -10.24 -0.12
N ASP D 196 -6.40 -9.57 -0.67
CA ASP D 196 -6.47 -8.11 -0.53
C ASP D 196 -6.54 -7.75 0.95
N ALA D 197 -7.30 -8.52 1.73
CA ALA D 197 -7.35 -8.34 3.17
C ALA D 197 -5.94 -8.43 3.77
N MSE D 198 -5.19 -9.45 3.38
CA MSE D 198 -3.84 -9.66 3.93
C MSE D 198 -2.89 -8.53 3.54
O MSE D 198 -2.13 -8.06 4.38
CB MSE D 198 -3.25 -11.00 3.47
CG MSE D 198 -1.92 -11.37 4.13
SE MSE D 198 -2.01 -11.52 6.12
CE MSE D 198 -2.67 -13.37 6.26
N ILE D 199 -2.95 -8.11 2.28
CA ILE D 199 -2.11 -7.00 1.80
C ILE D 199 -2.42 -5.74 2.59
N SER D 200 -3.70 -5.54 2.90
CA SER D 200 -4.15 -4.32 3.54
C SER D 200 -3.73 -4.28 5.01
N TYR D 201 -3.75 -5.46 5.63
CA TYR D 201 -3.24 -5.66 6.98
C TYR D 201 -1.76 -5.35 7.02
N PHE D 202 -1.00 -5.84 6.05
CA PHE D 202 0.45 -5.57 5.98
C PHE D 202 0.79 -4.10 5.75
N ASN D 203 0.07 -3.45 4.83
CA ASN D 203 0.22 -2.00 4.62
C ASN D 203 -0.05 -1.26 5.93
N GLY D 204 -1.02 -1.75 6.71
CA GLY D 204 -1.42 -1.12 7.97
C GLY D 204 -0.38 -1.30 9.07
N VAL D 205 0.15 -2.51 9.19
CA VAL D 205 1.25 -2.77 10.13
C VAL D 205 2.48 -1.88 9.81
N ALA D 206 2.77 -1.69 8.52
CA ALA D 206 3.91 -0.87 8.11
C ALA D 206 3.77 0.55 8.64
N GLN D 207 2.56 1.08 8.53
CA GLN D 207 2.21 2.43 8.97
C GLN D 207 2.27 2.58 10.49
N LEU D 208 1.88 1.54 11.21
CA LEU D 208 1.89 1.49 12.69
C LEU D 208 3.27 1.75 13.30
N ARG D 209 4.31 1.34 12.58
CA ARG D 209 5.66 1.41 13.12
C ARG D 209 6.13 2.82 13.38
N GLN D 210 5.59 3.78 12.65
CA GLN D 210 5.85 5.20 12.96
C GLN D 210 5.38 5.58 14.38
N HIS D 211 4.34 4.90 14.84
CA HIS D 211 3.60 5.30 16.04
C HIS D 211 3.74 4.35 17.23
N ILE D 212 4.66 3.39 17.18
CA ILE D 212 4.93 2.57 18.35
C ILE D 212 6.22 3.02 19.06
N LYS D 213 6.29 2.75 20.37
CA LYS D 213 7.43 3.23 21.17
C LYS D 213 8.69 2.59 20.62
N LYS D 214 9.84 3.21 20.87
CA LYS D 214 11.09 2.76 20.23
C LYS D 214 11.58 1.41 20.76
N ASP D 215 10.98 0.94 21.86
CA ASP D 215 11.30 -0.35 22.52
C ASP D 215 10.35 -1.49 22.09
N GLN D 216 9.44 -1.17 21.16
CA GLN D 216 8.38 -2.07 20.70
C GLN D 216 8.67 -2.59 19.30
N ARG D 217 8.18 -3.78 19.01
CA ARG D 217 8.40 -4.44 17.72
C ARG D 217 7.15 -5.19 17.28
N VAL D 218 6.96 -5.25 15.96
CA VAL D 218 5.90 -6.04 15.33
C VAL D 218 6.50 -6.55 14.03
N HIS D 219 6.46 -7.86 13.80
CA HIS D 219 7.01 -8.45 12.58
C HIS D 219 6.32 -9.76 12.26
N GLY D 220 6.11 -10.05 10.99
CA GLY D 220 5.47 -11.30 10.58
C GLY D 220 5.68 -11.70 9.12
N VAL D 221 5.15 -12.86 8.78
CA VAL D 221 5.28 -13.37 7.42
C VAL D 221 3.94 -13.96 6.95
N ILE D 222 3.76 -14.03 5.64
CA ILE D 222 2.58 -14.68 5.04
C ILE D 222 2.86 -16.18 4.81
N LEU D 223 2.24 -17.01 5.64
CA LEU D 223 2.38 -18.48 5.55
C LEU D 223 1.47 -19.11 4.47
N ASP D 224 0.28 -18.52 4.24
CA ASP D 224 -0.64 -18.89 3.13
C ASP D 224 -1.19 -17.64 2.46
N GLY D 225 -0.75 -17.37 1.24
CA GLY D 225 -1.21 -16.21 0.47
C GLY D 225 -1.92 -16.59 -0.83
N GLY D 226 -2.60 -17.74 -0.82
CA GLY D 226 -3.32 -18.26 -1.98
C GLY D 226 -2.55 -19.34 -2.70
N LYS D 227 -3.24 -20.16 -3.49
CA LYS D 227 -2.58 -21.29 -4.14
C LYS D 227 -2.75 -21.43 -5.66
N ALA D 228 -3.80 -20.82 -6.22
CA ALA D 228 -4.04 -20.84 -7.67
C ALA D 228 -4.26 -19.42 -8.19
N ALA D 229 -3.46 -19.03 -9.19
CA ALA D 229 -3.41 -17.64 -9.67
C ALA D 229 -4.71 -17.17 -10.32
N ASN D 230 -5.46 -18.12 -10.88
CA ASN D 230 -6.76 -17.89 -11.54
C ASN D 230 -7.97 -17.82 -10.59
N ILE D 231 -7.74 -18.03 -9.30
CA ILE D 231 -8.79 -18.04 -8.28
C ILE D 231 -8.51 -17.00 -7.20
N ILE D 232 -9.51 -16.15 -6.91
CA ILE D 232 -9.44 -15.18 -5.83
C ILE D 232 -9.39 -15.94 -4.51
N PRO D 233 -8.34 -15.73 -3.69
CA PRO D 233 -8.21 -16.52 -2.46
C PRO D 233 -9.31 -16.25 -1.44
N ASP D 234 -9.82 -17.31 -0.81
CA ASP D 234 -10.85 -17.20 0.23
C ASP D 234 -10.25 -17.42 1.63
N TYR D 235 -8.93 -17.55 1.68
CA TYR D 235 -8.21 -17.83 2.91
C TYR D 235 -6.78 -17.38 2.76
N THR D 236 -6.33 -16.56 3.72
CA THR D 236 -4.90 -16.27 3.91
C THR D 236 -4.52 -16.40 5.39
N HIS D 237 -3.24 -16.60 5.64
CA HIS D 237 -2.75 -16.92 6.98
C HIS D 237 -1.35 -16.34 7.17
N ALA D 238 -1.17 -15.53 8.22
CA ALA D 238 0.12 -14.90 8.57
C ALA D 238 0.44 -15.18 10.02
N ARG D 239 1.71 -15.10 10.36
CA ARG D 239 2.17 -15.28 11.74
C ARG D 239 3.03 -14.11 12.15
N PHE D 240 2.75 -13.57 13.34
CA PHE D 240 3.38 -12.37 13.84
C PHE D 240 3.85 -12.45 15.29
N TYR D 241 4.96 -11.78 15.55
CA TYR D 241 5.41 -11.43 16.88
C TYR D 241 5.05 -9.95 17.13
N THR D 242 4.63 -9.65 18.35
CA THR D 242 4.67 -8.29 18.89
C THR D 242 5.49 -8.33 20.19
N ARG D 243 6.06 -7.19 20.56
CA ARG D 243 6.98 -7.11 21.69
C ARG D 243 6.90 -5.73 22.37
N ALA D 244 7.04 -5.68 23.69
CA ALA D 244 7.04 -4.43 24.43
C ALA D 244 7.79 -4.61 25.74
N MSE D 245 8.09 -3.51 26.44
CA MSE D 245 8.77 -3.60 27.75
C MSE D 245 7.98 -4.31 28.81
O MSE D 245 8.56 -4.92 29.70
CB MSE D 245 9.06 -2.21 28.31
CG MSE D 245 10.25 -1.53 27.65
SE MSE D 245 11.97 -2.32 28.18
CE MSE D 245 12.89 -2.00 26.43
N THR D 246 6.67 -4.17 28.77
CA THR D 246 5.82 -4.75 29.79
C THR D 246 4.62 -5.39 29.11
N ARG D 247 4.02 -6.37 29.80
CA ARG D 247 2.76 -6.98 29.38
C ARG D 247 1.67 -5.92 29.25
N LYS D 248 1.66 -4.98 30.20
CA LYS D 248 0.69 -3.89 30.21
C LYS D 248 0.74 -3.11 28.89
N GLU D 249 1.95 -2.76 28.45
CA GLU D 249 2.17 -2.06 27.18
C GLU D 249 1.91 -2.96 25.95
N LEU D 250 2.29 -4.23 26.06
CA LEU D 250 2.17 -5.15 24.94
C LEU D 250 0.72 -5.44 24.61
N ASP D 251 -0.16 -5.50 25.61
CA ASP D 251 -1.59 -5.68 25.35
C ASP D 251 -2.22 -4.53 24.56
N ILE D 252 -1.85 -3.29 24.90
CA ILE D 252 -2.24 -2.13 24.10
C ILE D 252 -1.72 -2.31 22.65
N LEU D 253 -0.44 -2.70 22.51
CA LEU D 253 0.20 -2.83 21.19
C LEU D 253 -0.45 -3.93 20.36
N THR D 254 -0.64 -5.10 20.97
CA THR D 254 -1.24 -6.22 20.28
C THR D 254 -2.68 -5.89 19.86
N GLU D 255 -3.43 -5.19 20.70
CA GLU D 255 -4.79 -4.75 20.33
C GLU D 255 -4.78 -3.77 19.15
N LYS D 256 -3.76 -2.92 19.05
CA LYS D 256 -3.63 -2.04 17.88
C LYS D 256 -3.50 -2.87 16.62
N VAL D 257 -2.67 -3.90 16.67
CA VAL D 257 -2.49 -4.79 15.53
C VAL D 257 -3.78 -5.57 15.23
N ASN D 258 -4.55 -5.88 16.25
CA ASN D 258 -5.86 -6.53 16.06
C ASN D 258 -6.80 -5.64 15.28
N GLN D 259 -6.88 -4.37 15.69
CA GLN D 259 -7.71 -3.40 14.98
C GLN D 259 -7.25 -3.16 13.52
N ILE D 260 -5.95 -3.27 13.25
CA ILE D 260 -5.45 -3.19 11.88
C ILE D 260 -6.03 -4.36 11.05
N ALA D 261 -6.05 -5.56 11.64
CA ALA D 261 -6.64 -6.74 10.99
C ALA D 261 -8.15 -6.54 10.81
N ARG D 262 -8.84 -6.15 11.87
CA ARG D 262 -10.27 -5.89 11.79
C ARG D 262 -10.60 -4.94 10.65
N GLY D 263 -9.86 -3.83 10.57
CA GLY D 263 -10.04 -2.83 9.52
C GLY D 263 -9.82 -3.39 8.12
N ALA D 264 -8.75 -4.18 7.93
CA ALA D 264 -8.54 -4.87 6.65
C ALA D 264 -9.77 -5.72 6.29
N ALA D 265 -10.28 -6.48 7.25
CA ALA D 265 -11.46 -7.29 7.03
C ALA D 265 -12.63 -6.43 6.56
N ILE D 266 -12.84 -5.30 7.24
CA ILE D 266 -13.95 -4.41 6.94
C ILE D 266 -13.80 -3.83 5.52
N GLN D 267 -12.60 -3.40 5.15
CA GLN D 267 -12.34 -2.86 3.79
C GLN D 267 -12.69 -3.85 2.67
N THR D 268 -12.33 -5.11 2.87
CA THR D 268 -12.41 -6.13 1.83
C THR D 268 -13.71 -6.90 1.87
N GLY D 269 -14.44 -6.78 2.99
CA GLY D 269 -15.69 -7.51 3.17
C GLY D 269 -15.48 -8.89 3.75
N CYS D 270 -14.25 -9.15 4.20
CA CYS D 270 -13.88 -10.45 4.73
C CYS D 270 -14.16 -10.55 6.21
N ASP D 271 -14.13 -11.79 6.68
CA ASP D 271 -14.14 -12.08 8.08
C ASP D 271 -12.70 -12.40 8.48
N TYR D 272 -12.44 -12.48 9.78
CA TYR D 272 -11.07 -12.71 10.22
C TYR D 272 -10.95 -13.36 11.59
N GLU D 273 -9.79 -13.95 11.84
CA GLU D 273 -9.40 -14.36 13.20
C GLU D 273 -8.05 -13.77 13.52
N PHE D 274 -7.87 -13.43 14.79
CA PHE D 274 -6.62 -12.87 15.30
C PHE D 274 -6.51 -13.34 16.71
N GLY D 275 -5.37 -13.94 17.02
CA GLY D 275 -5.16 -14.47 18.36
C GLY D 275 -3.79 -15.12 18.56
N PRO D 276 -3.41 -15.38 19.82
CA PRO D 276 -2.11 -15.96 20.13
C PRO D 276 -2.04 -17.45 19.83
N ILE D 277 -0.88 -17.91 19.36
CA ILE D 277 -0.63 -19.33 19.16
C ILE D 277 0.11 -19.94 20.35
N GLN D 278 0.46 -19.11 21.33
CA GLN D 278 1.03 -19.60 22.59
C GLN D 278 0.64 -18.66 23.69
N ASN D 279 0.73 -19.17 24.91
CA ASN D 279 0.62 -18.33 26.08
C ASN D 279 1.68 -17.22 26.01
N GLY D 280 1.24 -15.99 26.27
CA GLY D 280 2.11 -14.83 26.17
C GLY D 280 3.21 -14.83 27.21
N VAL D 281 4.38 -14.34 26.80
CA VAL D 281 5.57 -14.17 27.63
C VAL D 281 5.53 -12.79 28.30
N ASN D 282 5.94 -12.74 29.56
CA ASN D 282 5.90 -11.52 30.36
C ASN D 282 7.28 -11.06 30.75
N GLU D 283 7.37 -9.78 31.13
CA GLU D 283 8.64 -9.16 31.52
C GLU D 283 9.14 -9.65 32.88
N PHE D 284 10.46 -9.61 33.05
CA PHE D 284 11.06 -10.01 34.34
C PHE D 284 10.75 -8.96 35.37
N ILE D 285 10.28 -9.41 36.54
CA ILE D 285 10.39 -8.66 37.78
C ILE D 285 11.57 -9.23 38.57
N LYS D 286 12.62 -8.42 38.75
CA LYS D 286 13.87 -8.92 39.35
C LYS D 286 13.86 -8.79 40.87
N THR D 287 14.49 -9.74 41.56
CA THR D 287 14.74 -9.63 43.00
C THR D 287 16.25 -9.48 43.20
N PRO D 288 16.72 -8.24 43.39
CA PRO D 288 18.15 -7.94 43.53
C PRO D 288 18.90 -8.77 44.56
N LYS D 289 18.30 -9.01 45.72
CA LYS D 289 18.92 -9.79 46.81
C LYS D 289 19.11 -11.28 46.47
N LEU D 290 18.25 -11.81 45.59
CA LEU D 290 18.41 -13.18 45.06
C LEU D 290 19.57 -13.22 44.07
N ASP D 291 19.71 -12.18 43.25
CA ASP D 291 20.85 -12.08 42.34
C ASP D 291 22.13 -11.89 43.15
N ASP D 292 22.06 -11.14 44.25
CA ASP D 292 23.20 -10.97 45.16
C ASP D 292 23.67 -12.32 45.71
N LEU D 293 22.72 -13.22 45.97
CA LEU D 293 23.02 -14.56 46.50
C LEU D 293 23.70 -15.38 45.39
N PHE D 294 23.16 -15.30 44.16
CA PHE D 294 23.79 -15.91 42.98
C PHE D 294 25.24 -15.44 42.79
N ALA D 295 25.44 -14.12 42.75
CA ALA D 295 26.76 -13.50 42.60
C ALA D 295 27.73 -13.96 43.70
N LYS D 296 27.22 -14.08 44.91
CA LYS D 296 28.01 -14.57 46.04
C LYS D 296 28.58 -15.93 45.68
N TYR D 297 27.72 -16.86 45.33
CA TYR D 297 28.15 -18.21 45.07
C TYR D 297 28.89 -18.38 43.75
N ALA D 298 28.52 -17.58 42.74
CA ALA D 298 29.24 -17.57 41.47
C ALA D 298 30.70 -17.25 41.74
N GLU D 299 30.95 -16.20 42.50
CA GLU D 299 32.31 -15.81 42.91
C GLU D 299 33.05 -16.89 43.68
N GLU D 300 32.38 -17.55 44.63
CA GLU D 300 32.97 -18.65 45.41
C GLU D 300 33.42 -19.79 44.51
N VAL D 301 32.56 -20.13 43.55
CA VAL D 301 32.79 -21.25 42.62
C VAL D 301 33.82 -20.94 41.50
N GLY D 302 34.34 -19.71 41.47
CA GLY D 302 35.42 -19.33 40.56
C GLY D 302 35.05 -18.37 39.45
N GLU D 303 33.82 -17.83 39.45
CA GLU D 303 33.38 -16.93 38.38
C GLU D 303 33.59 -15.42 38.66
N ALA D 304 33.81 -14.66 37.59
CA ALA D 304 33.80 -13.19 37.63
C ALA D 304 32.41 -12.72 37.21
N VAL D 305 31.65 -12.18 38.15
CA VAL D 305 30.31 -11.67 37.86
C VAL D 305 30.50 -10.26 37.30
N ILE D 306 30.21 -10.07 36.01
CA ILE D 306 30.45 -8.79 35.36
C ILE D 306 29.23 -7.86 35.42
N ASP D 307 29.48 -6.63 35.87
CA ASP D 307 28.49 -5.57 35.92
C ASP D 307 28.63 -4.75 34.63
N ASP D 308 27.67 -4.90 33.72
CA ASP D 308 27.73 -4.28 32.40
C ASP D 308 26.36 -4.44 31.78
N ASP D 309 26.12 -3.72 30.69
CA ASP D 309 24.86 -3.82 29.96
C ASP D 309 24.93 -5.01 29.01
N PHE D 310 24.16 -6.05 29.31
CA PHE D 310 24.11 -7.25 28.49
C PHE D 310 22.81 -7.34 27.67
N GLY D 311 22.09 -6.22 27.58
CA GLY D 311 20.89 -6.14 26.76
C GLY D 311 19.66 -6.70 27.46
N TYR D 312 18.57 -6.77 26.69
CA TYR D 312 17.29 -7.29 27.20
C TYR D 312 17.14 -8.73 26.76
N GLY D 313 16.54 -9.55 27.62
CA GLY D 313 16.17 -10.91 27.25
C GLY D 313 14.72 -11.00 26.79
N SER D 314 14.24 -12.21 26.56
CA SER D 314 12.87 -12.39 26.12
C SER D 314 12.43 -13.83 26.34
N THR D 315 12.03 -14.15 27.57
CA THR D 315 11.88 -15.53 28.06
C THR D 315 10.68 -15.73 29.01
N ASP D 316 10.08 -16.91 28.94
CA ASP D 316 8.94 -17.25 29.79
C ASP D 316 9.33 -17.41 31.26
N THR D 317 10.63 -17.51 31.58
CA THR D 317 11.05 -17.42 32.99
C THR D 317 10.54 -16.10 33.60
N GLY D 318 10.45 -15.06 32.76
CA GLY D 318 9.90 -13.80 33.22
C GLY D 318 8.54 -13.93 33.85
N ASN D 319 7.70 -14.80 33.28
CA ASN D 319 6.36 -15.05 33.81
C ASN D 319 6.39 -15.58 35.22
N VAL D 320 7.38 -16.45 35.49
CA VAL D 320 7.54 -17.04 36.82
C VAL D 320 7.93 -15.99 37.86
N SER D 321 8.70 -14.98 37.43
CA SER D 321 9.12 -13.90 38.32
C SER D 321 7.98 -13.03 38.81
N HIS D 322 6.81 -13.11 38.17
CA HIS D 322 5.60 -12.41 38.66
C HIS D 322 4.93 -13.14 39.84
N VAL D 323 5.35 -14.38 40.09
CA VAL D 323 4.70 -15.22 41.11
C VAL D 323 5.62 -15.46 42.34
N VAL D 324 6.85 -15.90 42.06
CA VAL D 324 7.88 -16.16 43.07
C VAL D 324 9.20 -15.46 42.71
N PRO D 325 10.09 -15.22 43.71
CA PRO D 325 11.45 -14.73 43.39
C PRO D 325 12.19 -15.68 42.43
N THR D 326 12.64 -15.15 41.30
CA THR D 326 13.28 -15.95 40.23
C THR D 326 14.58 -15.26 39.79
N ILE D 327 15.55 -16.08 39.36
CA ILE D 327 16.76 -15.59 38.66
C ILE D 327 16.82 -16.15 37.23
N HIS D 328 17.44 -15.39 36.32
CA HIS D 328 17.79 -15.83 34.97
C HIS D 328 19.17 -15.24 34.66
N PRO D 329 20.22 -15.74 35.34
CA PRO D 329 21.55 -15.23 35.14
C PRO D 329 22.22 -16.03 34.05
N HIS D 330 23.40 -15.58 33.64
CA HIS D 330 24.21 -16.29 32.66
C HIS D 330 25.51 -16.78 33.29
N ILE D 331 26.00 -17.94 32.84
CA ILE D 331 27.35 -18.42 33.20
C ILE D 331 28.23 -18.51 31.93
N LYS D 332 29.41 -17.90 31.98
CA LYS D 332 30.37 -17.95 30.86
C LYS D 332 30.64 -19.38 30.39
N ILE D 333 30.46 -19.63 29.09
CA ILE D 333 30.87 -20.88 28.43
C ILE D 333 31.91 -20.69 27.31
N GLY D 334 32.51 -19.50 27.21
CA GLY D 334 33.54 -19.27 26.20
C GLY D 334 33.88 -17.81 26.01
N SER D 335 34.33 -17.46 24.80
CA SER D 335 34.67 -16.09 24.45
C SER D 335 33.55 -15.08 24.75
N ARG D 336 33.96 -13.86 25.08
CA ARG D 336 33.02 -12.75 25.24
C ARG D 336 32.31 -12.45 23.92
N ASN D 337 32.94 -12.87 22.82
CA ASN D 337 32.39 -12.68 21.49
C ASN D 337 31.33 -13.72 21.10
N LEU D 338 31.05 -14.71 21.96
CA LEU D 338 29.98 -15.68 21.71
C LEU D 338 28.62 -14.97 21.62
N VAL D 339 27.87 -15.29 20.58
CA VAL D 339 26.49 -14.77 20.45
C VAL D 339 25.51 -15.95 20.41
N GLY D 340 24.42 -15.84 21.15
CA GLY D 340 23.44 -16.92 21.22
C GLY D 340 22.81 -17.12 19.87
N HIS D 341 22.35 -18.35 19.62
CA HIS D 341 21.73 -18.76 18.35
C HIS D 341 22.68 -18.69 17.15
N THR D 342 23.96 -19.03 17.38
CA THR D 342 24.94 -19.19 16.31
C THR D 342 25.61 -20.57 16.44
N HIS D 343 26.31 -20.99 15.38
CA HIS D 343 26.97 -22.30 15.32
C HIS D 343 28.09 -22.36 16.36
N ARG D 344 28.76 -21.23 16.56
CA ARG D 344 29.81 -21.13 17.54
C ARG D 344 29.27 -21.36 18.96
N PHE D 345 28.04 -20.91 19.22
CA PHE D 345 27.43 -21.07 20.54
C PHE D 345 27.05 -22.52 20.80
N ARG D 346 26.53 -23.20 19.77
CA ARG D 346 26.33 -24.65 19.86
C ARG D 346 27.63 -25.36 20.17
N GLU D 347 28.68 -24.99 19.43
CA GLU D 347 30.00 -25.55 19.63
C GLU D 347 30.45 -25.29 21.06
N ALA D 348 30.24 -24.06 21.55
CA ALA D 348 30.60 -23.71 22.93
C ALA D 348 29.88 -24.59 23.95
N ALA D 349 28.57 -24.80 23.75
CA ALA D 349 27.72 -25.57 24.68
C ALA D 349 28.06 -27.06 24.84
N ALA D 350 28.98 -27.59 24.00
CA ALA D 350 29.53 -28.95 24.17
C ALA D 350 31.02 -28.93 24.49
N SER D 351 31.58 -27.75 24.70
CA SER D 351 33.01 -27.59 24.98
C SER D 351 33.32 -27.89 26.44
N VAL D 352 34.60 -28.00 26.74
CA VAL D 352 35.09 -28.18 28.11
C VAL D 352 34.67 -27.01 29.02
N HIS D 353 34.69 -25.80 28.46
CA HIS D 353 34.28 -24.61 29.20
C HIS D 353 32.79 -24.67 29.49
N GLY D 354 31.99 -25.18 28.54
CA GLY D 354 30.55 -25.41 28.73
C GLY D 354 30.23 -26.48 29.77
N ASP D 355 30.94 -27.60 29.69
CA ASP D 355 30.87 -28.62 30.75
C ASP D 355 31.22 -28.03 32.15
N GLU D 356 32.32 -27.29 32.23
CA GLU D 356 32.71 -26.64 33.48
C GLU D 356 31.59 -25.74 34.01
N ALA D 357 30.98 -24.95 33.11
CA ALA D 357 29.90 -24.03 33.47
C ALA D 357 28.69 -24.77 34.02
N LEU D 358 28.41 -25.95 33.48
CA LEU D 358 27.29 -26.79 33.91
C LEU D 358 27.47 -27.17 35.39
N ILE D 359 28.66 -27.67 35.72
CA ILE D 359 28.96 -28.13 37.08
C ILE D 359 28.96 -26.97 38.05
N LYS D 360 29.60 -25.87 37.66
CA LYS D 360 29.64 -24.65 38.47
C LYS D 360 28.23 -24.14 38.76
N GLY D 361 27.37 -24.09 37.74
CA GLY D 361 26.00 -23.60 37.91
C GLY D 361 25.17 -24.50 38.81
N ALA D 362 25.35 -25.81 38.65
CA ALA D 362 24.75 -26.79 39.54
C ALA D 362 25.14 -26.50 40.99
N LYS D 363 26.44 -26.34 41.23
CA LYS D 363 26.98 -26.02 42.56
C LYS D 363 26.41 -24.71 43.11
N ILE D 364 26.44 -23.65 42.29
CA ILE D 364 25.86 -22.33 42.64
C ILE D 364 24.40 -22.44 43.11
N MSE D 365 23.58 -23.19 42.37
CA MSE D 365 22.15 -23.28 42.65
C MSE D 365 21.82 -24.13 43.86
O MSE D 365 20.91 -23.81 44.60
CB MSE D 365 21.40 -23.87 41.45
CG MSE D 365 21.28 -22.92 40.29
SE MSE D 365 20.33 -23.79 38.81
CE MSE D 365 21.76 -25.00 38.18
N ALA D 366 22.55 -25.22 44.04
CA ALA D 366 22.39 -26.07 45.20
C ALA D 366 22.86 -25.35 46.48
N LEU D 367 23.91 -24.52 46.38
CA LEU D 367 24.41 -23.76 47.53
C LEU D 367 23.49 -22.58 47.84
N MSE D 368 22.85 -22.06 46.81
CA MSE D 368 21.78 -21.07 46.95
C MSE D 368 20.58 -21.63 47.70
O MSE D 368 20.05 -20.98 48.59
CB MSE D 368 21.32 -20.58 45.58
CG MSE D 368 22.24 -19.60 44.92
SE MSE D 368 21.46 -18.91 43.28
CE MSE D 368 20.27 -17.55 44.07
N GLY D 369 20.12 -22.81 47.30
CA GLY D 369 19.03 -23.47 48.01
C GLY D 369 19.34 -23.80 49.47
N LEU D 370 20.58 -24.21 49.75
CA LEU D 370 20.99 -24.51 51.11
C LEU D 370 20.82 -23.29 52.01
N GLU D 371 21.21 -22.12 51.50
CA GLU D 371 21.12 -20.88 52.28
C GLU D 371 19.67 -20.40 52.40
N LEU D 372 18.88 -20.56 51.34
CA LEU D 372 17.48 -20.12 51.36
C LEU D 372 16.65 -20.90 52.39
N ILE D 373 16.89 -22.21 52.48
CA ILE D 373 16.22 -23.05 53.50
C ILE D 373 16.75 -22.78 54.92
N THR D 374 18.08 -22.78 55.03
CA THR D 374 18.83 -22.68 56.28
C THR D 374 18.80 -21.30 56.92
N ASN D 375 18.94 -20.27 56.12
CA ASN D 375 18.95 -18.89 56.58
C ASN D 375 17.55 -18.34 56.36
N GLN D 376 16.79 -18.14 57.43
CA GLN D 376 15.41 -17.66 57.37
C GLN D 376 15.38 -16.17 57.11
N ASP D 377 16.41 -15.47 57.59
CA ASP D 377 16.52 -14.03 57.44
C ASP D 377 16.91 -13.66 56.02
N VAL D 378 17.75 -14.45 55.38
CA VAL D 378 18.10 -14.25 53.96
C VAL D 378 16.89 -14.57 53.07
N TYR D 379 16.20 -15.66 53.39
CA TYR D 379 14.98 -16.10 52.70
C TYR D 379 13.88 -15.05 52.81
N GLN D 380 13.57 -14.64 54.03
CA GLN D 380 12.49 -13.70 54.30
C GLN D 380 12.76 -12.38 53.57
N ASP D 381 14.02 -11.92 53.63
CA ASP D 381 14.41 -10.68 52.97
C ASP D 381 14.18 -10.71 51.46
N ILE D 382 14.46 -11.85 50.84
CA ILE D 382 14.27 -12.06 49.41
C ILE D 382 12.79 -12.07 49.04
N ILE D 383 11.98 -12.81 49.81
CA ILE D 383 10.50 -12.87 49.66
C ILE D 383 9.80 -11.51 49.81
N GLU D 384 10.24 -10.72 50.78
CA GLU D 384 9.63 -9.42 51.04
C GLU D 384 10.04 -8.36 50.03
N GLU D 385 11.24 -8.49 49.45
CA GLU D 385 11.69 -7.59 48.39
C GLU D 385 10.96 -7.87 47.09
N HIS D 386 10.81 -9.14 46.74
CA HIS D 386 10.02 -9.53 45.60
C HIS D 386 8.57 -9.04 45.73
N ALA D 387 7.98 -9.18 46.91
CA ALA D 387 6.57 -8.84 47.17
C ALA D 387 6.34 -7.35 47.01
N HIS D 388 7.26 -6.58 47.56
CA HIS D 388 7.27 -5.12 47.42
C HIS D 388 7.39 -4.72 45.94
N LEU D 389 8.40 -5.25 45.26
CA LEU D 389 8.73 -4.88 43.89
C LEU D 389 7.66 -5.26 42.88
N LYS D 390 6.98 -6.40 43.07
CA LYS D 390 5.90 -6.78 42.16
C LYS D 390 4.61 -5.94 42.37
N GLY D 391 4.41 -5.41 43.59
CA GLY D 391 3.30 -4.47 43.87
C GLY D 391 2.09 -5.12 44.55
ZN ZN E . 13.58 26.60 17.47
ZN ZN F . 16.24 28.38 18.39
C1 GOL G . 21.20 49.57 6.58
O1 GOL G . 20.67 49.22 7.84
C2 GOL G . 22.19 48.53 6.02
O2 GOL G . 21.64 47.96 4.85
C3 GOL G . 23.61 49.10 5.76
O3 GOL G . 24.33 48.52 4.67
C1 GOL H . 36.21 49.94 11.53
O1 GOL H . 36.86 51.18 11.72
C2 GOL H . 37.04 49.00 10.66
O2 GOL H . 38.42 49.15 10.92
C3 GOL H . 36.61 47.56 10.94
O3 GOL H . 37.07 46.67 9.94
C1 GOL I . 15.34 23.87 16.43
O1 GOL I . 15.67 23.69 15.07
C2 GOL I . 16.54 24.41 17.23
O2 GOL I . 16.23 25.72 17.66
C3 GOL I . 16.88 23.44 18.39
O3 GOL I . 18.02 23.80 19.18
C1 GOL J . 14.77 25.37 24.15
O1 GOL J . 15.11 24.52 25.24
C2 GOL J . 15.02 24.72 22.79
O2 GOL J . 13.92 25.03 21.93
C3 GOL J . 16.32 25.21 22.11
O3 GOL J . 17.20 24.16 21.76
C1 GOL K . 13.62 16.37 11.96
O1 GOL K . 12.52 15.65 11.46
C2 GOL K . 13.19 17.40 13.00
O2 GOL K . 14.30 17.68 13.82
C3 GOL K . 12.67 18.67 12.32
O3 GOL K . 11.54 19.21 12.96
C1 GOL L . 16.90 23.21 11.60
O1 GOL L . 18.29 23.04 11.53
C2 GOL L . 16.24 21.87 11.29
O2 GOL L . 15.07 21.75 12.05
C3 GOL L . 16.02 21.72 9.78
O3 GOL L . 15.16 22.70 9.23
C1 GOL M . -2.80 17.60 -10.74
O1 GOL M . -2.71 18.30 -9.50
C2 GOL M . -4.18 17.66 -11.47
O2 GOL M . -3.90 17.49 -12.85
C3 GOL M . -5.13 16.51 -11.13
O3 GOL M . -6.48 16.85 -10.90
C1 GOL N . 15.45 12.69 -10.36
O1 GOL N . 15.41 13.12 -11.72
C2 GOL N . 16.33 13.57 -9.46
O2 GOL N . 15.73 14.81 -9.16
C3 GOL N . 16.59 12.82 -8.14
O3 GOL N . 17.97 12.69 -7.87
C1 GOL O . 11.23 6.47 -14.48
O1 GOL O . 10.64 6.32 -15.77
C2 GOL O . 12.49 7.37 -14.46
O2 GOL O . 12.11 8.72 -14.38
C3 GOL O . 13.37 7.06 -13.25
O3 GOL O . 14.57 6.42 -13.62
ZN ZN P . -21.65 19.17 -19.88
ZN ZN Q . -24.89 19.91 -20.89
C1 GOL R . -22.35 15.74 -26.27
O1 GOL R . -22.47 16.12 -27.64
C2 GOL R . -23.14 16.65 -25.31
O2 GOL R . -24.02 15.93 -24.45
C3 GOL R . -22.16 17.50 -24.49
O3 GOL R . -21.43 16.72 -23.56
C1 GOL S . -33.06 34.12 -8.76
O1 GOL S . -32.99 32.90 -9.47
C2 GOL S . -31.82 34.98 -9.01
O2 GOL S . -31.62 35.15 -10.40
C3 GOL S . -31.98 36.35 -8.33
O3 GOL S . -30.79 36.71 -7.65
C1 GOL T . -0.05 18.18 9.32
O1 GOL T . 1.14 18.46 8.62
C2 GOL T . -0.79 19.44 9.77
O2 GOL T . -1.26 20.19 8.67
C3 GOL T . -1.98 19.07 10.67
O3 GOL T . -3.07 18.61 9.89
C1 GOL U . 8.44 8.16 20.63
O1 GOL U . 8.95 7.11 21.42
C2 GOL U . 8.75 7.98 19.15
O2 GOL U . 7.80 7.13 18.51
C3 GOL U . 8.78 9.36 18.49
O3 GOL U . 8.51 9.30 17.10
C1 GOL V . 4.52 9.90 6.72
O1 GOL V . 4.80 8.73 5.98
C2 GOL V . 3.03 10.04 7.06
O2 GOL V . 2.42 8.77 7.13
C3 GOL V . 2.78 10.81 8.37
O3 GOL V . 3.70 11.88 8.56
C1 GOL W . -19.56 8.04 9.16
O1 GOL W . -19.35 8.59 10.45
C2 GOL W . -20.45 8.95 8.32
O2 GOL W . -19.96 10.26 8.31
C3 GOL W . -20.52 8.48 6.88
O3 GOL W . -20.99 7.16 6.79
C1 GOL X . -22.34 22.85 -40.03
O1 GOL X . -23.43 22.74 -40.92
C2 GOL X . -21.16 22.10 -40.64
O2 GOL X . -19.96 22.76 -40.26
C3 GOL X . -21.17 20.61 -40.26
O3 GOL X . -22.11 19.90 -41.05
C1 GOL Y . -27.46 18.62 -0.53
O1 GOL Y . -26.77 19.65 0.12
C2 GOL Y . -26.82 17.29 -0.15
O2 GOL Y . -25.73 17.54 0.70
C3 GOL Y . -27.84 16.36 0.54
O3 GOL Y . -27.50 15.00 0.30
C1 GOL Z . -22.49 16.38 -18.80
O1 GOL Z . -22.76 16.21 -17.43
C2 GOL Z . -23.84 16.57 -19.50
O2 GOL Z . -24.06 17.93 -19.81
C3 GOL Z . -23.92 15.67 -20.75
O3 GOL Z . -24.35 14.35 -20.40
C1 GOL AA . -16.32 13.44 13.39
O1 GOL AA . -17.68 13.12 13.53
C2 GOL AA . -16.03 14.78 14.07
O2 GOL AA . -15.09 14.59 15.11
C3 GOL AA . -15.48 15.80 13.09
O3 GOL AA . -15.77 17.12 13.49
ZN ZN BA . -45.30 -4.45 -21.21
ZN ZN CA . -10.10 -27.19 -21.06
ZN ZN DA . -10.06 -28.35 -24.31
C1 GOL EA . -14.32 -24.83 -24.49
O1 GOL EA . -13.54 -25.18 -25.62
C2 GOL EA . -15.22 -25.98 -23.99
O2 GOL EA . -14.61 -26.66 -22.91
C3 GOL EA . -16.60 -25.47 -23.55
O3 GOL EA . -17.64 -26.30 -24.05
C1 GOL FA . 13.62 -2.90 3.04
O1 GOL FA . 14.52 -3.48 2.13
C2 GOL FA . 12.41 -2.22 2.37
O2 GOL FA . 11.21 -2.61 3.03
C3 GOL FA . 12.55 -0.69 2.33
O3 GOL FA . 11.49 -0.04 1.63
C1 GOL GA . 17.55 -0.99 14.81
O1 GOL GA . 17.75 -1.17 16.19
C2 GOL GA . 16.24 -1.68 14.41
O2 GOL GA . 15.73 -1.15 13.20
C3 GOL GA . 16.51 -3.19 14.29
O3 GOL GA . 15.29 -3.91 14.26
C1 GOL HA . 9.82 -8.95 -19.93
O1 GOL HA . 8.47 -8.61 -20.16
C2 GOL HA . 10.03 -10.45 -20.15
O2 GOL HA . 11.30 -10.84 -19.67
C3 GOL HA . 8.95 -11.23 -19.41
O3 GOL HA . 7.89 -11.52 -20.30
C1 GOL IA . 13.78 -9.12 -15.56
O1 GOL IA . 12.86 -9.77 -16.42
C2 GOL IA . 14.91 -10.04 -15.11
O2 GOL IA . 15.82 -9.34 -14.28
C3 GOL IA . 14.38 -11.19 -14.27
O3 GOL IA . 13.90 -12.27 -15.04
C1 GOL JA . 12.25 -16.23 -13.90
O1 GOL JA . 13.04 -15.82 -15.00
C2 GOL JA . 11.15 -17.21 -14.33
O2 GOL JA . 11.20 -17.36 -15.74
C3 GOL JA . 11.29 -18.57 -13.66
O3 GOL JA . 11.33 -18.45 -12.25
C1 GOL KA . -9.13 -24.09 -21.94
O1 GOL KA . -7.76 -23.89 -21.64
C2 GOL KA . -9.32 -24.66 -23.36
O2 GOL KA . -9.31 -26.06 -23.35
C3 GOL KA . -10.65 -24.18 -23.95
O3 GOL KA . -10.48 -22.97 -24.67
ZN ZN LA . 17.38 -18.93 22.88
ZN ZN MA . 17.94 -19.97 26.11
C1 GOL NA . 6.03 -42.80 36.48
O1 GOL NA . 6.53 -42.48 37.76
C2 GOL NA . 5.56 -41.55 35.72
O2 GOL NA . 5.62 -41.77 34.33
C3 GOL NA . 4.15 -41.13 36.20
O3 GOL NA . 3.50 -40.25 35.30
C1 GOL OA . 16.74 -15.74 25.79
O1 GOL OA . 15.95 -14.55 25.88
C2 GOL OA . 16.30 -16.79 24.74
O2 GOL OA . 16.75 -18.04 25.21
C3 GOL OA . 14.79 -16.90 24.54
O3 GOL OA . 14.40 -16.37 23.30
C1 GOL PA . -4.50 -9.82 -7.02
O1 GOL PA . -3.78 -8.62 -6.82
C2 GOL PA . -5.20 -10.27 -5.72
O2 GOL PA . -6.04 -9.23 -5.27
C3 GOL PA . -5.97 -11.60 -5.88
O3 GOL PA . -5.95 -12.10 -7.21
C1 GOL QA . 20.70 -16.24 26.39
O1 GOL QA . 20.06 -15.03 26.76
C2 GOL QA . 21.88 -16.11 25.40
O2 GOL QA . 21.37 -16.01 24.08
C3 GOL QA . 22.81 -14.92 25.69
O3 GOL QA . 24.18 -15.29 25.75
C1 GOL RA . 8.56 -16.57 22.49
O1 GOL RA . 8.21 -17.10 21.23
C2 GOL RA . 10.05 -16.24 22.48
O2 GOL RA . 10.24 -14.84 22.47
C3 GOL RA . 10.72 -16.77 23.73
O3 GOL RA . 10.09 -16.20 24.85
C1 GOL SA . 25.85 -30.67 17.03
O1 GOL SA . 27.22 -30.30 17.01
C2 GOL SA . 25.64 -32.17 16.75
O2 GOL SA . 25.93 -32.94 17.91
C3 GOL SA . 24.23 -32.47 16.27
O3 GOL SA . 23.62 -31.34 15.68
#